data_1OD4
#
_entry.id   1OD4
#
_cell.length_a   246.910
_cell.length_b   123.910
_cell.length_c   145.070
_cell.angle_alpha   90.00
_cell.angle_beta   94.11
_cell.angle_gamma   90.00
#
_symmetry.space_group_name_H-M   'C 1 2 1'
#
loop_
_entity.id
_entity.type
_entity.pdbx_description
1 polymer 'ACETYL-COENZYME A CARBOXYLASE'
2 non-polymer ADENINE
3 water water
#
_entity_poly.entity_id   1
_entity_poly.type   'polypeptide(L)'
_entity_poly.pdbx_seq_one_letter_code
;IKDPQTGAPVPLRALINNVSGYVIKTE(MSE)YTEVKNAKGEWVFKSLGKPGS(MSE)HLRPIATPYPVKEWLQPKRYKA
HL(MSE)GTTYVYDFPELFRQASSSQWKNFSADVKLTDDFFISNELIEDENGELTEVEREPGANAIG(MSE)VAFKITVK
TPEYPRGRQFVVVANDITFKIGSFGPQEDEFFNKVTEYARKRGIPRIYLAANSGARIG(MSE)AEEIVPLFQVAWNDAAN
PDKGFQYLYLTSEG(MSE)ETLKKFDKENSVLTERTVINGEERFVIKTIIGSEDGLGVECLRGSGLIAGATSRAYHDIFT
ITLVTCRSVGIGAYLVRLGQRAIQVEGQPIILTGAPAINK(MSE)LGREVYTSNLQLGGTQI(MSE)YNNGVSHLTAVDD
LAGVEKIVEW(MSE)SYVPAKRN(MSE)PVPILETKDTWDRPVDFTPTNDETYDVRW(MSE)IEGRETESGFEYGLFDKG
SFFETLSGWAKGVVVGRARLGGIPLGVIGVETRTVENLIPADPANPNSAETLIQEPGQVWHPNSAFKTAQAINDFNNGEQ
LP(MSE)(MSE)ILANWRGFSGGQRD(MSE)FNEVLKYGSFIVDALVDYKQPIIIYIPPTGELRGGSWVVVDPTINADQ
(MSE)E(MSE)YADVNARAGVLEPQG(MSE)VGIKFRREKLLDT(MSE)NRLDDKYRELRSQLSNKSLAPEVHQQISKQL
ADRERELLPIYGQISLQFADLHDRSSR(MSE)VAKGVISKELEWTEARRFFFWRLRRRLNEEYLIKRLSHQVGEASRLEK
IARIRSWYPASVDHEDDRQVATWIEENYKTLDDKLKGLKLESFAQDLAKKIRSDHDNAIDGLSEVIK(MSE)LSTDDKEK
LLKTLK
;
_entity_poly.pdbx_strand_id   A,B,C
#
loop_
_chem_comp.id
_chem_comp.type
_chem_comp.name
_chem_comp.formula
ADE non-polymer ADENINE 'C5 H5 N5'
#
# COMPACT_ATOMS: atom_id res chain seq x y z
N LEU A 52 -9.90 -81.53 -21.37
CA LEU A 52 -10.54 -80.94 -20.15
C LEU A 52 -9.80 -79.66 -19.72
N ARG A 53 -9.63 -79.47 -18.41
CA ARG A 53 -8.95 -78.28 -17.85
C ARG A 53 -7.94 -78.71 -16.78
N PRO A 54 -6.93 -77.86 -16.49
CA PRO A 54 -5.94 -78.21 -15.46
C PRO A 54 -6.63 -78.58 -14.14
N ILE A 55 -6.95 -79.86 -14.04
CA ILE A 55 -7.62 -80.51 -12.91
C ILE A 55 -8.00 -79.69 -11.67
N ALA A 56 -7.03 -79.19 -10.90
CA ALA A 56 -7.43 -78.45 -9.72
C ALA A 56 -6.53 -77.29 -9.31
N THR A 57 -6.99 -76.08 -9.68
CA THR A 57 -6.31 -74.83 -9.37
C THR A 57 -7.15 -74.08 -8.36
N PRO A 58 -6.55 -73.15 -7.60
CA PRO A 58 -7.26 -72.34 -6.59
C PRO A 58 -8.51 -71.64 -7.12
N TYR A 59 -8.37 -70.96 -8.27
CA TYR A 59 -9.48 -70.25 -8.92
C TYR A 59 -9.71 -70.76 -10.35
N PRO A 60 -10.80 -70.32 -11.01
CA PRO A 60 -11.12 -70.75 -12.37
C PRO A 60 -9.98 -70.60 -13.37
N VAL A 61 -9.80 -71.61 -14.21
CA VAL A 61 -8.74 -71.56 -15.21
C VAL A 61 -9.15 -70.69 -16.40
N LYS A 62 -8.70 -69.43 -16.37
CA LYS A 62 -8.97 -68.43 -17.40
C LYS A 62 -8.82 -68.91 -18.85
N GLU A 63 -7.70 -69.54 -19.15
CA GLU A 63 -7.40 -70.02 -20.49
C GLU A 63 -8.38 -71.11 -20.90
N TRP A 64 -9.05 -71.70 -19.92
CA TRP A 64 -10.00 -72.75 -20.18
C TRP A 64 -11.41 -72.18 -20.44
N LEU A 65 -11.87 -71.27 -19.56
CA LEU A 65 -13.18 -70.66 -19.71
C LEU A 65 -13.31 -70.00 -21.10
N GLN A 66 -12.23 -69.39 -21.56
CA GLN A 66 -12.21 -68.75 -22.86
C GLN A 66 -10.95 -69.21 -23.59
N PRO A 67 -11.08 -70.27 -24.41
CA PRO A 67 -9.94 -70.82 -25.16
C PRO A 67 -9.18 -69.80 -26.00
N LYS A 68 -9.84 -68.72 -26.38
CA LYS A 68 -9.20 -67.68 -27.17
C LYS A 68 -7.96 -67.16 -26.42
N ARG A 69 -8.10 -67.04 -25.11
CA ARG A 69 -7.02 -66.55 -24.25
C ARG A 69 -5.76 -67.40 -24.41
N TYR A 70 -5.91 -68.71 -24.39
CA TYR A 70 -4.78 -69.60 -24.57
C TYR A 70 -4.12 -69.43 -25.95
N LYS A 71 -4.96 -69.28 -26.97
CA LYS A 71 -4.47 -69.10 -28.34
C LYS A 71 -3.65 -67.81 -28.43
N ALA A 72 -4.08 -66.78 -27.70
CA ALA A 72 -3.36 -65.52 -27.71
C ALA A 72 -2.00 -65.76 -27.07
N HIS A 73 -2.03 -66.35 -25.89
CA HIS A 73 -0.81 -66.63 -25.15
C HIS A 73 0.15 -67.51 -25.94
N LEU A 74 -0.37 -68.56 -26.59
CA LEU A 74 0.48 -69.43 -27.38
C LEU A 74 1.23 -68.67 -28.45
N MSE A 75 0.66 -67.55 -28.90
CA MSE A 75 1.31 -66.75 -29.94
C MSE A 75 2.19 -65.61 -29.41
O MSE A 75 2.64 -64.75 -30.16
CB MSE A 75 0.24 -66.20 -30.89
CG MSE A 75 -0.58 -67.31 -31.48
SE MSE A 75 -1.76 -66.76 -32.91
CE MSE A 75 -0.36 -66.27 -34.20
N GLY A 76 2.43 -65.64 -28.10
CA GLY A 76 3.29 -64.64 -27.51
C GLY A 76 2.67 -63.27 -27.32
N THR A 77 1.38 -63.22 -27.04
CA THR A 77 0.74 -61.93 -26.84
C THR A 77 -0.34 -62.04 -25.79
N THR A 78 -0.75 -60.87 -25.29
CA THR A 78 -1.79 -60.76 -24.29
C THR A 78 -3.12 -60.91 -25.03
N TYR A 79 -4.06 -61.62 -24.43
CA TYR A 79 -5.37 -61.79 -25.03
C TYR A 79 -5.95 -60.38 -25.05
N VAL A 80 -6.53 -59.98 -26.19
CA VAL A 80 -7.07 -58.63 -26.31
C VAL A 80 -8.02 -58.18 -25.21
N TYR A 81 -8.85 -59.07 -24.68
CA TYR A 81 -9.77 -58.63 -23.62
C TYR A 81 -9.10 -58.49 -22.27
N ASP A 82 -7.82 -58.85 -22.22
CA ASP A 82 -7.03 -58.76 -21.01
C ASP A 82 -6.23 -57.47 -20.91
N PHE A 83 -6.14 -56.72 -22.01
CA PHE A 83 -5.38 -55.47 -22.00
C PHE A 83 -5.91 -54.40 -21.02
N PRO A 84 -7.22 -54.26 -20.88
CA PRO A 84 -7.73 -53.25 -19.96
C PRO A 84 -7.14 -53.44 -18.56
N GLU A 85 -6.95 -54.69 -18.15
CA GLU A 85 -6.38 -54.94 -16.84
C GLU A 85 -4.94 -54.44 -16.84
N LEU A 86 -4.28 -54.47 -18.00
CA LEU A 86 -2.92 -53.99 -18.09
C LEU A 86 -2.86 -52.48 -17.86
N PHE A 87 -3.83 -51.76 -18.42
CA PHE A 87 -3.86 -50.32 -18.25
C PHE A 87 -4.20 -49.92 -16.83
N ARG A 88 -5.01 -50.72 -16.15
CA ARG A 88 -5.37 -50.44 -14.76
C ARG A 88 -4.12 -50.65 -13.90
N GLN A 89 -3.43 -51.77 -14.12
CA GLN A 89 -2.20 -52.07 -13.41
C GLN A 89 -1.18 -50.95 -13.61
N ALA A 90 -1.03 -50.50 -14.85
CA ALA A 90 -0.09 -49.44 -15.16
C ALA A 90 -0.54 -48.12 -14.54
N SER A 91 -1.83 -47.82 -14.68
CA SER A 91 -2.40 -46.60 -14.13
C SER A 91 -2.27 -46.63 -12.62
N SER A 92 -2.32 -47.83 -12.05
CA SER A 92 -2.17 -47.98 -10.61
C SER A 92 -0.70 -47.69 -10.23
N SER A 93 0.25 -48.30 -10.94
CA SER A 93 1.67 -48.06 -10.65
C SER A 93 1.98 -46.58 -10.76
N GLN A 94 1.39 -45.94 -11.75
CA GLN A 94 1.59 -44.52 -12.00
C GLN A 94 1.34 -43.74 -10.70
N TRP A 95 0.29 -44.10 -9.98
CA TRP A 95 -0.03 -43.43 -8.73
C TRP A 95 0.97 -43.76 -7.63
N LYS A 96 1.38 -45.03 -7.56
CA LYS A 96 2.32 -45.45 -6.54
C LYS A 96 3.64 -44.70 -6.66
N ASN A 97 4.01 -44.33 -7.89
CA ASN A 97 5.26 -43.62 -8.09
C ASN A 97 5.11 -42.14 -7.90
N PHE A 98 3.88 -41.66 -7.87
CA PHE A 98 3.65 -40.23 -7.69
C PHE A 98 3.53 -39.85 -6.23
N SER A 99 2.64 -40.55 -5.53
CA SER A 99 2.39 -40.33 -4.12
C SER A 99 2.14 -41.69 -3.49
N ALA A 100 3.24 -42.31 -3.06
CA ALA A 100 3.23 -43.63 -2.41
C ALA A 100 2.04 -43.95 -1.52
N ASP A 101 1.61 -42.98 -0.71
CA ASP A 101 0.51 -43.21 0.21
C ASP A 101 -0.87 -43.38 -0.41
N VAL A 102 -1.35 -42.35 -1.09
CA VAL A 102 -2.66 -42.38 -1.73
C VAL A 102 -3.31 -43.76 -1.88
N LYS A 103 -4.48 -43.91 -1.29
CA LYS A 103 -5.23 -45.16 -1.35
C LYS A 103 -6.16 -45.12 -2.57
N LEU A 104 -5.96 -46.08 -3.47
CA LEU A 104 -6.77 -46.12 -4.69
C LEU A 104 -8.02 -47.00 -4.59
N THR A 105 -8.98 -46.76 -5.48
CA THR A 105 -10.20 -47.56 -5.49
C THR A 105 -10.48 -48.00 -6.91
N ASP A 106 -10.99 -49.21 -7.09
CA ASP A 106 -11.30 -49.72 -8.41
C ASP A 106 -12.09 -48.76 -9.31
N ASP A 107 -12.81 -47.82 -8.71
CA ASP A 107 -13.58 -46.86 -9.49
C ASP A 107 -12.71 -45.70 -9.97
N PHE A 108 -11.40 -45.85 -9.80
CA PHE A 108 -10.46 -44.84 -10.25
C PHE A 108 -10.18 -45.12 -11.75
N PHE A 109 -10.57 -46.33 -12.18
CA PHE A 109 -10.36 -46.79 -13.55
C PHE A 109 -11.61 -47.50 -14.09
N ILE A 110 -12.04 -47.15 -15.30
CA ILE A 110 -13.22 -47.77 -15.92
C ILE A 110 -12.97 -48.12 -17.40
N SER A 111 -13.25 -49.37 -17.75
CA SER A 111 -13.10 -49.83 -19.12
C SER A 111 -14.43 -50.28 -19.71
N ASN A 112 -14.84 -49.62 -20.79
CA ASN A 112 -16.10 -49.95 -21.44
C ASN A 112 -15.88 -50.36 -22.89
N GLU A 113 -16.20 -51.61 -23.21
CA GLU A 113 -16.04 -52.08 -24.57
C GLU A 113 -17.00 -51.32 -25.46
N LEU A 114 -16.57 -51.02 -26.69
CA LEU A 114 -17.44 -50.32 -27.63
C LEU A 114 -17.75 -51.24 -28.81
N ILE A 115 -19.02 -51.29 -29.19
CA ILE A 115 -19.42 -52.10 -30.35
C ILE A 115 -20.47 -51.31 -31.12
N GLU A 116 -20.67 -51.67 -32.38
CA GLU A 116 -21.64 -50.98 -33.21
C GLU A 116 -23.05 -51.48 -32.95
N ASP A 117 -24.04 -50.59 -33.01
CA ASP A 117 -25.42 -50.99 -32.80
C ASP A 117 -26.14 -51.17 -34.13
N GLU A 118 -27.43 -51.48 -34.06
CA GLU A 118 -28.28 -51.68 -35.23
C GLU A 118 -28.00 -50.63 -36.32
N ASN A 119 -27.59 -49.44 -35.91
CA ASN A 119 -27.32 -48.34 -36.83
C ASN A 119 -25.85 -48.11 -37.17
N GLY A 120 -24.96 -48.99 -36.68
CA GLY A 120 -23.54 -48.83 -36.93
C GLY A 120 -22.93 -47.73 -36.06
N GLU A 121 -23.71 -47.22 -35.12
CA GLU A 121 -23.23 -46.20 -34.20
C GLU A 121 -22.55 -46.87 -33.00
N LEU A 122 -21.48 -46.27 -32.49
CA LEU A 122 -20.76 -46.84 -31.36
C LEU A 122 -21.45 -46.60 -30.04
N THR A 123 -21.60 -47.67 -29.25
CA THR A 123 -22.23 -47.58 -27.93
C THR A 123 -21.50 -48.50 -26.99
N GLU A 124 -21.69 -48.28 -25.70
CA GLU A 124 -21.04 -49.09 -24.69
C GLU A 124 -21.79 -50.34 -24.26
N VAL A 125 -21.04 -51.41 -24.05
CA VAL A 125 -21.61 -52.67 -23.61
C VAL A 125 -20.65 -53.37 -22.67
N GLU A 126 -21.20 -54.30 -21.90
CA GLU A 126 -20.45 -55.09 -20.95
C GLU A 126 -20.80 -56.54 -21.34
N ARG A 127 -19.80 -57.35 -21.66
CA ARG A 127 -20.08 -58.70 -22.07
C ARG A 127 -18.90 -59.65 -21.91
N GLU A 128 -19.19 -60.95 -21.92
CA GLU A 128 -18.17 -61.96 -21.76
C GLU A 128 -17.09 -61.74 -22.82
N PRO A 129 -15.81 -61.79 -22.41
CA PRO A 129 -14.73 -61.61 -23.39
C PRO A 129 -14.72 -62.76 -24.39
N GLY A 130 -14.81 -62.44 -25.67
CA GLY A 130 -14.79 -63.48 -26.68
C GLY A 130 -16.06 -63.53 -27.49
N ALA A 131 -16.94 -62.56 -27.28
CA ALA A 131 -18.20 -62.50 -28.02
C ALA A 131 -18.04 -61.68 -29.31
N ASN A 132 -16.90 -60.99 -29.44
CA ASN A 132 -16.64 -60.18 -30.63
C ASN A 132 -16.88 -60.95 -31.92
N ALA A 133 -17.78 -60.43 -32.74
CA ALA A 133 -18.10 -61.07 -34.00
C ALA A 133 -17.06 -60.73 -35.07
N ILE A 134 -16.37 -59.61 -34.90
CA ILE A 134 -15.33 -59.21 -35.85
C ILE A 134 -13.94 -59.34 -35.23
N GLY A 135 -12.89 -59.09 -36.01
CA GLY A 135 -11.54 -59.24 -35.49
C GLY A 135 -10.90 -57.95 -34.99
N MSE A 136 -11.74 -56.97 -34.68
CA MSE A 136 -11.27 -55.68 -34.19
C MSE A 136 -12.06 -55.40 -32.93
O MSE A 136 -13.27 -55.60 -32.89
CB MSE A 136 -11.53 -54.59 -35.23
CG MSE A 136 -10.75 -53.30 -35.00
SE MSE A 136 -8.82 -53.54 -35.14
CE MSE A 136 -8.60 -53.23 -37.04
N VAL A 137 -11.38 -54.94 -31.88
CA VAL A 137 -12.04 -54.65 -30.61
C VAL A 137 -11.64 -53.26 -30.10
N ALA A 138 -12.53 -52.63 -29.34
CA ALA A 138 -12.24 -51.31 -28.83
C ALA A 138 -12.73 -51.06 -27.40
N PHE A 139 -12.03 -50.17 -26.71
CA PHE A 139 -12.38 -49.82 -25.34
C PHE A 139 -12.34 -48.34 -25.09
N LYS A 140 -13.29 -47.88 -24.30
CA LYS A 140 -13.39 -46.50 -23.90
C LYS A 140 -12.88 -46.54 -22.46
N ILE A 141 -11.75 -45.91 -22.20
CA ILE A 141 -11.17 -45.93 -20.86
C ILE A 141 -11.19 -44.60 -20.13
N THR A 142 -11.80 -44.56 -18.96
CA THR A 142 -11.84 -43.36 -18.16
C THR A 142 -11.01 -43.64 -16.92
N VAL A 143 -9.96 -42.86 -16.72
CA VAL A 143 -9.08 -43.07 -15.57
C VAL A 143 -8.60 -41.79 -14.88
N LYS A 144 -8.65 -41.81 -13.55
CA LYS A 144 -8.17 -40.70 -12.74
C LYS A 144 -6.65 -40.86 -12.64
N THR A 145 -5.90 -39.84 -13.02
CA THR A 145 -4.44 -39.93 -12.94
C THR A 145 -3.86 -38.74 -12.17
N PRO A 146 -2.57 -38.81 -11.81
CA PRO A 146 -1.96 -37.70 -11.08
C PRO A 146 -2.21 -36.34 -11.72
N GLU A 147 -2.07 -36.26 -13.05
CA GLU A 147 -2.31 -35.01 -13.77
C GLU A 147 -3.78 -34.66 -13.90
N TYR A 148 -4.65 -35.66 -13.90
CA TYR A 148 -6.08 -35.41 -13.97
C TYR A 148 -6.78 -36.29 -12.94
N PRO A 149 -6.79 -35.84 -11.68
CA PRO A 149 -7.41 -36.55 -10.56
C PRO A 149 -8.92 -36.78 -10.76
N ARG A 150 -9.58 -35.86 -11.43
CA ARG A 150 -11.01 -35.99 -11.68
C ARG A 150 -11.28 -36.95 -12.84
N GLY A 151 -10.22 -37.38 -13.53
CA GLY A 151 -10.39 -38.30 -14.63
C GLY A 151 -10.05 -37.79 -16.02
N ARG A 152 -9.65 -38.71 -16.90
CA ARG A 152 -9.30 -38.40 -18.29
C ARG A 152 -9.71 -39.62 -19.10
N GLN A 153 -10.08 -39.42 -20.36
CA GLN A 153 -10.49 -40.55 -21.18
C GLN A 153 -9.61 -40.74 -22.41
N PHE A 154 -9.78 -41.87 -23.08
CA PHE A 154 -9.05 -42.18 -24.29
C PHE A 154 -9.56 -43.53 -24.79
N VAL A 155 -9.43 -43.77 -26.09
CA VAL A 155 -9.87 -45.05 -26.62
C VAL A 155 -8.72 -46.00 -26.90
N VAL A 156 -9.06 -47.28 -26.95
CA VAL A 156 -8.09 -48.34 -27.20
C VAL A 156 -8.67 -49.29 -28.25
N VAL A 157 -7.96 -49.45 -29.37
CA VAL A 157 -8.40 -50.36 -30.42
C VAL A 157 -7.34 -51.41 -30.58
N ALA A 158 -7.76 -52.64 -30.84
CA ALA A 158 -6.80 -53.71 -31.00
C ALA A 158 -7.25 -54.80 -31.93
N ASN A 159 -6.29 -55.34 -32.67
CA ASN A 159 -6.57 -56.46 -33.57
C ASN A 159 -6.75 -57.63 -32.61
N ASP A 160 -7.74 -58.49 -32.83
CA ASP A 160 -7.90 -59.66 -31.98
C ASP A 160 -7.13 -60.78 -32.67
N ILE A 161 -5.86 -60.93 -32.33
CA ILE A 161 -5.02 -61.94 -32.96
C ILE A 161 -5.67 -63.32 -33.07
N THR A 162 -6.70 -63.58 -32.27
CA THR A 162 -7.35 -64.89 -32.30
C THR A 162 -8.53 -65.00 -33.26
N PHE A 163 -8.86 -63.90 -33.93
CA PHE A 163 -9.97 -63.88 -34.88
C PHE A 163 -9.40 -63.88 -36.30
N LYS A 164 -9.59 -65.00 -37.00
CA LYS A 164 -9.07 -65.16 -38.36
C LYS A 164 -7.63 -64.65 -38.45
N ILE A 165 -6.85 -64.91 -37.40
CA ILE A 165 -5.45 -64.52 -37.32
C ILE A 165 -5.15 -63.01 -37.27
N GLY A 166 -6.11 -62.23 -36.79
CA GLY A 166 -5.88 -60.80 -36.72
C GLY A 166 -5.86 -60.14 -38.09
N SER A 167 -6.47 -60.80 -39.07
CA SER A 167 -6.54 -60.27 -40.42
C SER A 167 -7.48 -59.06 -40.52
N PHE A 168 -7.25 -58.22 -41.52
CA PHE A 168 -8.09 -57.04 -41.70
C PHE A 168 -9.12 -57.24 -42.81
N GLY A 169 -10.36 -57.51 -42.43
CA GLY A 169 -11.42 -57.67 -43.42
C GLY A 169 -12.22 -56.38 -43.51
N PRO A 170 -13.09 -56.22 -44.52
CA PRO A 170 -13.89 -54.98 -44.62
C PRO A 170 -14.58 -54.57 -43.32
N GLN A 171 -15.00 -55.55 -42.53
CA GLN A 171 -15.68 -55.22 -41.30
C GLN A 171 -14.74 -54.66 -40.25
N GLU A 172 -13.57 -55.27 -40.10
CA GLU A 172 -12.63 -54.77 -39.13
C GLU A 172 -12.19 -53.37 -39.49
N ASP A 173 -11.96 -53.13 -40.78
CA ASP A 173 -11.51 -51.83 -41.25
C ASP A 173 -12.53 -50.73 -41.02
N GLU A 174 -13.80 -50.99 -41.29
CA GLU A 174 -14.77 -49.94 -41.08
C GLU A 174 -14.98 -49.70 -39.58
N PHE A 175 -14.74 -50.73 -38.77
CA PHE A 175 -14.87 -50.60 -37.33
C PHE A 175 -13.70 -49.74 -36.81
N PHE A 176 -12.49 -50.05 -37.26
CA PHE A 176 -11.27 -49.33 -36.88
C PHE A 176 -11.45 -47.85 -37.22
N ASN A 177 -11.98 -47.59 -38.40
CA ASN A 177 -12.20 -46.22 -38.85
C ASN A 177 -13.26 -45.52 -38.02
N LYS A 178 -14.35 -46.22 -37.73
CA LYS A 178 -15.46 -45.65 -36.95
C LYS A 178 -15.05 -45.28 -35.54
N VAL A 179 -14.00 -45.92 -35.04
CA VAL A 179 -13.50 -45.67 -33.70
C VAL A 179 -12.53 -44.49 -33.72
N THR A 180 -11.75 -44.38 -34.79
CA THR A 180 -10.78 -43.30 -34.91
C THR A 180 -11.52 -41.98 -34.95
N GLU A 181 -12.68 -41.99 -35.59
CA GLU A 181 -13.50 -40.80 -35.71
C GLU A 181 -14.19 -40.47 -34.40
N TYR A 182 -14.60 -41.52 -33.71
CA TYR A 182 -15.25 -41.38 -32.42
C TYR A 182 -14.32 -40.57 -31.55
N ALA A 183 -13.05 -40.94 -31.58
CA ALA A 183 -12.00 -40.30 -30.82
C ALA A 183 -11.68 -38.89 -31.32
N ARG A 184 -11.58 -38.74 -32.63
CA ARG A 184 -11.28 -37.44 -33.22
C ARG A 184 -12.37 -36.44 -32.90
N LYS A 185 -13.62 -36.88 -32.96
CA LYS A 185 -14.74 -36.03 -32.67
C LYS A 185 -14.69 -35.60 -31.20
N ARG A 186 -14.23 -36.48 -30.33
CA ARG A 186 -14.16 -36.16 -28.91
C ARG A 186 -12.84 -35.51 -28.48
N GLY A 187 -11.88 -35.43 -29.39
CA GLY A 187 -10.59 -34.84 -29.08
C GLY A 187 -9.80 -35.73 -28.13
N ILE A 188 -10.23 -36.99 -28.05
CA ILE A 188 -9.66 -38.00 -27.17
C ILE A 188 -8.54 -38.79 -27.83
N PRO A 189 -7.51 -39.17 -27.05
CA PRO A 189 -6.39 -39.94 -27.61
C PRO A 189 -6.78 -41.32 -28.12
N ARG A 190 -6.09 -41.76 -29.15
CA ARG A 190 -6.37 -43.06 -29.73
C ARG A 190 -5.16 -44.00 -29.60
N ILE A 191 -5.30 -44.99 -28.74
CA ILE A 191 -4.25 -45.96 -28.54
C ILE A 191 -4.61 -47.18 -29.35
N TYR A 192 -3.67 -47.62 -30.19
CA TYR A 192 -3.91 -48.78 -31.03
C TYR A 192 -2.97 -49.92 -30.67
N LEU A 193 -3.53 -51.10 -30.46
CA LEU A 193 -2.73 -52.27 -30.12
C LEU A 193 -2.67 -53.18 -31.34
N ALA A 194 -1.52 -53.18 -32.01
CA ALA A 194 -1.31 -53.95 -33.21
C ALA A 194 -0.80 -55.38 -33.03
N ALA A 195 -1.63 -56.33 -33.45
CA ALA A 195 -1.33 -57.77 -33.38
C ALA A 195 -2.15 -58.34 -34.53
N ASN A 196 -1.63 -58.21 -35.74
CA ASN A 196 -2.34 -58.63 -36.94
C ASN A 196 -1.51 -59.40 -37.95
N SER A 197 -2.19 -59.85 -39.00
CA SER A 197 -1.57 -60.60 -40.09
C SER A 197 -1.76 -59.91 -41.44
N GLY A 198 -2.11 -58.63 -41.40
CA GLY A 198 -2.31 -57.89 -42.63
C GLY A 198 -3.72 -57.98 -43.21
N ALA A 199 -3.86 -57.58 -44.47
CA ALA A 199 -5.14 -57.62 -45.16
C ALA A 199 -5.61 -59.07 -45.30
N ARG A 200 -6.90 -59.29 -45.17
CA ARG A 200 -7.46 -60.63 -45.27
C ARG A 200 -7.46 -61.15 -46.70
N ILE A 201 -7.01 -62.39 -46.88
CA ILE A 201 -6.94 -63.02 -48.19
C ILE A 201 -7.88 -64.21 -48.34
N GLY A 202 -8.62 -64.21 -49.43
CA GLY A 202 -9.56 -65.30 -49.68
C GLY A 202 -9.45 -65.86 -51.08
N MSE A 203 -10.39 -66.74 -51.41
CA MSE A 203 -10.49 -67.42 -52.70
C MSE A 203 -11.92 -67.95 -52.66
O MSE A 203 -12.42 -68.24 -51.57
CB MSE A 203 -9.47 -68.55 -52.78
CG MSE A 203 -9.12 -69.05 -54.18
SE MSE A 203 -7.36 -70.01 -54.29
CE MSE A 203 -6.33 -68.63 -55.21
N ALA A 204 -12.59 -68.07 -53.80
CA ALA A 204 -13.97 -68.55 -53.79
C ALA A 204 -14.05 -70.07 -53.63
N GLU A 205 -13.76 -70.54 -52.41
CA GLU A 205 -13.77 -71.97 -52.08
C GLU A 205 -14.94 -72.74 -52.70
N GLU A 206 -16.10 -72.11 -52.82
CA GLU A 206 -17.26 -72.79 -53.39
C GLU A 206 -17.19 -72.89 -54.91
N ILE A 207 -15.98 -72.89 -55.47
CA ILE A 207 -15.82 -73.02 -56.90
C ILE A 207 -14.74 -74.06 -57.14
N VAL A 208 -13.97 -74.37 -56.10
CA VAL A 208 -12.92 -75.38 -56.24
C VAL A 208 -13.61 -76.70 -56.58
N PRO A 209 -14.41 -77.25 -55.64
CA PRO A 209 -15.11 -78.52 -55.86
C PRO A 209 -15.78 -78.65 -57.23
N LEU A 210 -16.52 -77.62 -57.64
CA LEU A 210 -17.23 -77.70 -58.91
C LEU A 210 -16.78 -76.76 -60.01
N PHE A 211 -15.74 -77.15 -60.73
CA PHE A 211 -15.22 -76.37 -61.84
C PHE A 211 -14.50 -77.32 -62.79
N GLN A 212 -14.79 -77.16 -64.08
CA GLN A 212 -14.22 -78.01 -65.12
C GLN A 212 -13.23 -77.26 -66.01
N VAL A 213 -12.25 -78.00 -66.53
CA VAL A 213 -11.22 -77.44 -67.39
C VAL A 213 -11.68 -77.48 -68.86
N ALA A 214 -10.74 -77.24 -69.77
CA ALA A 214 -11.03 -77.26 -71.20
C ALA A 214 -9.76 -77.71 -71.90
N TRP A 215 -9.26 -78.88 -71.51
CA TRP A 215 -8.03 -79.44 -72.07
C TRP A 215 -8.03 -79.39 -73.60
N ASN A 216 -6.87 -79.14 -74.18
CA ASN A 216 -6.74 -79.12 -75.63
C ASN A 216 -6.78 -80.58 -76.13
N ASP A 217 -5.84 -81.40 -75.61
CA ASP A 217 -5.77 -82.81 -76.01
C ASP A 217 -6.97 -83.64 -75.55
N ALA A 218 -7.98 -82.96 -75.00
CA ALA A 218 -9.18 -83.67 -74.54
C ALA A 218 -8.88 -84.64 -73.38
N ALA A 219 -7.62 -85.06 -73.24
CA ALA A 219 -7.25 -86.00 -72.18
C ALA A 219 -5.73 -86.08 -72.10
N ASN A 220 -5.11 -84.98 -71.72
CA ASN A 220 -3.65 -84.92 -71.63
C ASN A 220 -3.14 -83.59 -71.08
N PRO A 221 -2.70 -83.59 -69.82
CA PRO A 221 -2.17 -82.38 -69.18
C PRO A 221 -1.33 -81.53 -70.14
N ASP A 222 -0.05 -81.90 -70.26
CA ASP A 222 0.90 -81.20 -71.13
C ASP A 222 0.36 -80.11 -72.07
N LYS A 223 -0.47 -80.50 -73.05
CA LYS A 223 -0.99 -79.52 -74.00
C LYS A 223 -1.69 -78.31 -73.37
N GLY A 224 -1.94 -78.39 -72.06
CA GLY A 224 -2.58 -77.29 -71.38
C GLY A 224 -4.09 -77.28 -71.53
N PHE A 225 -4.69 -76.16 -71.17
CA PHE A 225 -6.15 -75.98 -71.24
C PHE A 225 -6.44 -74.66 -71.95
N GLN A 226 -7.70 -74.39 -72.27
CA GLN A 226 -8.06 -73.15 -72.94
C GLN A 226 -8.93 -72.25 -72.05
N TYR A 227 -9.40 -72.79 -70.93
CA TYR A 227 -10.24 -72.05 -70.01
C TYR A 227 -10.82 -72.97 -68.97
N LEU A 228 -11.34 -72.41 -67.89
CA LEU A 228 -11.96 -73.23 -66.86
C LEU A 228 -13.43 -72.92 -67.05
N TYR A 229 -14.31 -73.86 -66.72
CA TYR A 229 -15.73 -73.62 -66.89
C TYR A 229 -16.61 -74.45 -65.95
N LEU A 230 -17.91 -74.20 -66.02
CA LEU A 230 -18.89 -74.92 -65.22
C LEU A 230 -19.93 -75.61 -66.10
N THR A 231 -20.34 -76.80 -65.69
CA THR A 231 -21.36 -77.54 -66.43
C THR A 231 -22.68 -76.87 -66.07
N SER A 232 -23.78 -77.42 -66.56
CA SER A 232 -25.08 -76.86 -66.25
C SER A 232 -25.38 -77.35 -64.84
N GLU A 233 -24.57 -78.31 -64.37
CA GLU A 233 -24.75 -78.86 -63.04
C GLU A 233 -24.18 -77.87 -62.03
N GLY A 234 -22.95 -77.42 -62.32
CA GLY A 234 -22.28 -76.47 -61.45
C GLY A 234 -23.21 -75.30 -61.22
N MSE A 235 -23.55 -74.60 -62.31
CA MSE A 235 -24.43 -73.45 -62.19
C MSE A 235 -25.60 -73.73 -61.25
O MSE A 235 -26.03 -72.85 -60.49
CB MSE A 235 -24.95 -73.04 -63.58
CG MSE A 235 -24.76 -71.53 -63.89
SE MSE A 235 -22.92 -71.08 -64.47
CE MSE A 235 -21.97 -71.65 -62.87
N GLU A 236 -26.09 -74.97 -61.27
CA GLU A 236 -27.23 -75.37 -60.44
C GLU A 236 -26.96 -75.28 -58.95
N THR A 237 -25.89 -75.92 -58.51
CA THR A 237 -25.57 -75.90 -57.10
C THR A 237 -25.46 -74.41 -56.74
N LEU A 238 -24.80 -73.65 -57.60
CA LEU A 238 -24.66 -72.22 -57.36
C LEU A 238 -26.05 -71.58 -57.29
N LYS A 239 -27.06 -72.27 -57.83
CA LYS A 239 -28.44 -71.78 -57.79
C LYS A 239 -29.06 -72.14 -56.45
N LYS A 240 -29.11 -73.44 -56.13
CA LYS A 240 -29.69 -73.88 -54.86
C LYS A 240 -29.02 -73.16 -53.68
N PHE A 241 -27.70 -73.32 -53.53
CA PHE A 241 -26.94 -72.68 -52.45
C PHE A 241 -26.89 -71.16 -52.69
N ASP A 242 -27.83 -70.64 -53.48
CA ASP A 242 -27.90 -69.22 -53.81
C ASP A 242 -26.55 -68.47 -53.83
N LYS A 243 -25.63 -68.93 -54.69
CA LYS A 243 -24.32 -68.31 -54.84
C LYS A 243 -24.06 -68.12 -56.34
N GLU A 244 -25.09 -67.70 -57.08
CA GLU A 244 -24.94 -67.51 -58.51
C GLU A 244 -23.92 -66.46 -58.88
N ASN A 245 -23.96 -65.32 -58.19
CA ASN A 245 -23.04 -64.21 -58.42
C ASN A 245 -21.58 -64.55 -58.10
N SER A 246 -21.32 -65.79 -57.68
CA SER A 246 -19.97 -66.18 -57.36
C SER A 246 -19.07 -66.11 -58.59
N VAL A 247 -19.66 -66.23 -59.79
CA VAL A 247 -18.88 -66.18 -61.02
C VAL A 247 -19.54 -65.40 -62.17
N LEU A 248 -18.74 -65.06 -63.17
CA LEU A 248 -19.21 -64.37 -64.35
C LEU A 248 -18.85 -65.30 -65.50
N THR A 249 -19.86 -65.76 -66.22
CA THR A 249 -19.62 -66.70 -67.31
C THR A 249 -20.39 -66.41 -68.60
N GLU A 250 -20.00 -67.11 -69.66
CA GLU A 250 -20.63 -66.99 -70.98
C GLU A 250 -21.09 -68.37 -71.46
N ARG A 251 -22.36 -68.51 -71.83
CA ARG A 251 -22.87 -69.80 -72.31
C ARG A 251 -22.21 -70.15 -73.65
N THR A 252 -21.76 -71.41 -73.79
CA THR A 252 -21.12 -71.84 -75.03
C THR A 252 -21.13 -73.36 -75.27
N VAL A 253 -22.24 -73.86 -75.83
CA VAL A 253 -22.38 -75.28 -76.15
C VAL A 253 -21.21 -75.67 -77.06
N ILE A 254 -20.58 -76.82 -76.81
CA ILE A 254 -19.46 -77.23 -77.66
C ILE A 254 -19.16 -78.72 -77.60
N ASN A 255 -19.02 -79.30 -78.80
CA ASN A 255 -18.67 -80.70 -78.98
C ASN A 255 -19.54 -81.62 -78.10
N GLY A 256 -20.75 -81.16 -77.77
CA GLY A 256 -21.63 -81.96 -76.93
C GLY A 256 -22.78 -81.15 -76.31
N GLU A 257 -22.53 -80.44 -75.20
CA GLU A 257 -23.58 -79.64 -74.56
C GLU A 257 -23.08 -78.44 -73.70
N GLU A 258 -23.85 -77.35 -73.76
CA GLU A 258 -23.57 -76.08 -73.07
C GLU A 258 -22.49 -76.06 -71.98
N ARG A 259 -21.48 -75.21 -72.21
CA ARG A 259 -20.38 -75.05 -71.28
C ARG A 259 -20.32 -73.59 -70.84
N PHE A 260 -20.12 -73.36 -69.55
CA PHE A 260 -20.08 -71.98 -69.08
C PHE A 260 -18.67 -71.54 -68.69
N VAL A 261 -18.05 -70.80 -69.61
CA VAL A 261 -16.70 -70.28 -69.42
C VAL A 261 -16.67 -69.26 -68.29
N ILE A 262 -15.76 -69.46 -67.35
CA ILE A 262 -15.60 -68.55 -66.24
C ILE A 262 -14.71 -67.40 -66.75
N LYS A 263 -15.21 -66.18 -66.67
CA LYS A 263 -14.46 -65.01 -67.14
C LYS A 263 -13.95 -64.20 -65.96
N THR A 264 -14.56 -64.43 -64.80
CA THR A 264 -14.18 -63.74 -63.57
C THR A 264 -14.75 -64.44 -62.34
N ILE A 265 -13.87 -64.89 -61.44
CA ILE A 265 -14.36 -65.52 -60.22
C ILE A 265 -14.55 -64.39 -59.22
N ILE A 266 -15.77 -64.28 -58.68
CA ILE A 266 -16.13 -63.24 -57.72
C ILE A 266 -16.18 -63.70 -56.27
N GLY A 267 -16.82 -64.85 -56.02
CA GLY A 267 -16.93 -65.36 -54.68
C GLY A 267 -18.17 -64.84 -53.98
N SER A 268 -18.79 -65.68 -53.16
CA SER A 268 -19.99 -65.28 -52.43
C SER A 268 -19.60 -64.77 -51.05
N GLU A 269 -18.44 -65.24 -50.59
CA GLU A 269 -17.89 -64.87 -49.29
C GLU A 269 -17.10 -63.57 -49.46
N ASP A 270 -17.44 -62.56 -48.66
CA ASP A 270 -16.75 -61.28 -48.77
C ASP A 270 -15.46 -61.27 -48.00
N GLY A 271 -14.53 -60.39 -48.42
CA GLY A 271 -13.25 -60.29 -47.76
C GLY A 271 -12.14 -61.09 -48.41
N LEU A 272 -12.18 -61.20 -49.74
CA LEU A 272 -11.16 -61.99 -50.43
C LEU A 272 -10.05 -61.20 -51.10
N GLY A 273 -10.39 -60.10 -51.77
CA GLY A 273 -9.37 -59.33 -52.46
C GLY A 273 -9.47 -57.82 -52.36
N VAL A 274 -9.57 -57.17 -53.51
CA VAL A 274 -9.62 -55.72 -53.56
C VAL A 274 -10.51 -55.01 -52.54
N GLU A 275 -11.53 -55.69 -52.03
CA GLU A 275 -12.38 -55.02 -51.05
C GLU A 275 -11.64 -54.86 -49.71
N CYS A 276 -10.59 -55.65 -49.52
CA CYS A 276 -9.79 -55.59 -48.32
C CYS A 276 -8.72 -54.52 -48.51
N LEU A 277 -8.52 -54.16 -49.77
CA LEU A 277 -7.56 -53.14 -50.10
C LEU A 277 -8.24 -51.76 -49.96
N ARG A 278 -9.53 -51.71 -50.23
CA ARG A 278 -10.28 -50.46 -50.08
C ARG A 278 -10.25 -50.12 -48.59
N GLY A 279 -10.56 -51.11 -47.77
CA GLY A 279 -10.61 -50.89 -46.33
C GLY A 279 -9.33 -50.45 -45.67
N SER A 280 -8.20 -50.99 -46.11
CA SER A 280 -6.92 -50.65 -45.52
C SER A 280 -6.53 -49.23 -45.86
N GLY A 281 -6.78 -48.83 -47.10
CA GLY A 281 -6.47 -47.48 -47.51
C GLY A 281 -7.37 -46.52 -46.77
N LEU A 282 -8.56 -46.99 -46.41
CA LEU A 282 -9.49 -46.16 -45.69
C LEU A 282 -8.95 -45.79 -44.33
N ILE A 283 -8.36 -46.76 -43.64
CA ILE A 283 -7.81 -46.53 -42.31
C ILE A 283 -6.42 -45.92 -42.34
N ALA A 284 -5.76 -46.03 -43.47
CA ALA A 284 -4.42 -45.45 -43.59
C ALA A 284 -4.61 -43.96 -43.56
N GLY A 285 -5.62 -43.51 -44.30
CA GLY A 285 -5.94 -42.10 -44.39
C GLY A 285 -6.60 -41.62 -43.13
N ALA A 286 -7.38 -42.50 -42.51
CA ALA A 286 -8.05 -42.16 -41.27
C ALA A 286 -6.96 -41.85 -40.22
N THR A 287 -5.95 -42.71 -40.18
CA THR A 287 -4.84 -42.58 -39.25
C THR A 287 -3.93 -41.41 -39.59
N SER A 288 -3.86 -41.08 -40.87
CA SER A 288 -3.04 -39.97 -41.31
C SER A 288 -3.67 -38.70 -40.71
N ARG A 289 -4.99 -38.59 -40.85
CA ARG A 289 -5.75 -37.45 -40.36
C ARG A 289 -5.77 -37.32 -38.85
N ALA A 290 -5.94 -38.44 -38.17
CA ALA A 290 -5.98 -38.45 -36.71
C ALA A 290 -4.72 -37.91 -36.07
N TYR A 291 -3.56 -38.25 -36.64
CA TYR A 291 -2.29 -37.78 -36.11
C TYR A 291 -2.16 -36.28 -36.02
N HIS A 292 -2.85 -35.55 -36.89
CA HIS A 292 -2.77 -34.09 -36.85
C HIS A 292 -3.91 -33.58 -36.01
N ASP A 293 -4.72 -34.50 -35.53
CA ASP A 293 -5.91 -34.10 -34.79
C ASP A 293 -5.94 -34.46 -33.29
N ILE A 294 -5.53 -35.67 -32.94
CA ILE A 294 -5.52 -36.10 -31.55
C ILE A 294 -4.23 -36.81 -31.25
N PHE A 295 -3.96 -37.06 -29.98
CA PHE A 295 -2.75 -37.78 -29.63
C PHE A 295 -2.95 -39.22 -30.13
N THR A 296 -2.00 -39.71 -30.92
CA THR A 296 -2.07 -41.07 -31.42
C THR A 296 -0.81 -41.85 -31.03
N ILE A 297 -0.99 -43.10 -30.64
CA ILE A 297 0.12 -43.95 -30.27
C ILE A 297 -0.19 -45.41 -30.57
N THR A 298 0.82 -46.16 -30.98
CA THR A 298 0.66 -47.57 -31.31
C THR A 298 1.67 -48.46 -30.59
N LEU A 299 1.20 -49.58 -30.08
CA LEU A 299 2.05 -50.54 -29.41
C LEU A 299 2.07 -51.85 -30.21
N VAL A 300 3.21 -52.21 -30.78
CA VAL A 300 3.27 -53.45 -31.55
C VAL A 300 3.36 -54.59 -30.54
N THR A 301 2.35 -55.44 -30.50
CA THR A 301 2.28 -56.51 -29.52
C THR A 301 2.53 -57.97 -29.89
N CYS A 302 2.46 -58.34 -31.16
CA CYS A 302 2.73 -59.73 -31.53
C CYS A 302 3.36 -59.75 -32.91
N ARG A 303 2.90 -58.80 -33.72
CA ARG A 303 3.39 -58.61 -35.07
C ARG A 303 2.37 -57.74 -35.78
N SER A 304 2.86 -56.95 -36.72
CA SER A 304 2.02 -56.07 -37.52
C SER A 304 2.48 -56.24 -38.96
N VAL A 305 1.53 -56.56 -39.84
CA VAL A 305 1.81 -56.80 -41.25
C VAL A 305 0.88 -55.99 -42.17
N GLY A 306 1.37 -55.62 -43.33
CA GLY A 306 0.52 -54.90 -44.28
C GLY A 306 0.10 -53.52 -43.82
N ILE A 307 -1.20 -53.24 -43.76
CA ILE A 307 -1.60 -51.92 -43.29
C ILE A 307 -1.10 -51.93 -41.88
N GLY A 308 -0.91 -53.14 -41.36
CA GLY A 308 -0.41 -53.34 -40.01
C GLY A 308 0.84 -52.55 -39.73
N ALA A 309 1.85 -52.65 -40.59
CA ALA A 309 3.09 -51.90 -40.41
C ALA A 309 2.82 -50.41 -40.71
N TYR A 310 1.98 -50.17 -41.71
CA TYR A 310 1.65 -48.82 -42.10
C TYR A 310 0.84 -48.06 -41.06
N LEU A 311 0.01 -48.77 -40.32
CA LEU A 311 -0.78 -48.12 -39.30
C LEU A 311 0.16 -47.67 -38.20
N VAL A 312 1.20 -48.46 -37.96
CA VAL A 312 2.19 -48.16 -36.94
C VAL A 312 2.89 -46.83 -37.25
N ARG A 313 3.40 -46.70 -38.47
CA ARG A 313 4.07 -45.48 -38.87
C ARG A 313 3.13 -44.27 -39.01
N LEU A 314 2.00 -44.46 -39.66
CA LEU A 314 1.03 -43.40 -39.87
C LEU A 314 0.57 -42.72 -38.59
N GLY A 315 0.53 -43.46 -37.49
CA GLY A 315 0.13 -42.87 -36.23
C GLY A 315 1.34 -42.26 -35.57
N GLN A 316 2.49 -42.44 -36.22
CA GLN A 316 3.78 -41.92 -35.79
C GLN A 316 4.34 -42.54 -34.51
N ARG A 317 3.95 -42.02 -33.35
CA ARG A 317 4.45 -42.53 -32.07
C ARG A 317 4.26 -44.06 -31.93
N ALA A 318 5.38 -44.78 -31.77
CA ALA A 318 5.31 -46.24 -31.66
C ALA A 318 6.26 -46.88 -30.64
N ILE A 319 5.74 -47.90 -29.97
CA ILE A 319 6.48 -48.68 -28.98
C ILE A 319 6.44 -50.13 -29.42
N GLN A 320 7.62 -50.71 -29.62
CA GLN A 320 7.72 -52.10 -30.08
C GLN A 320 8.20 -53.07 -29.02
N VAL A 321 7.40 -54.10 -28.74
CA VAL A 321 7.79 -55.12 -27.77
C VAL A 321 8.87 -56.00 -28.40
N GLU A 322 9.98 -56.19 -27.69
CA GLU A 322 11.07 -57.02 -28.20
C GLU A 322 10.56 -58.37 -28.75
N GLY A 323 11.04 -58.74 -29.93
CA GLY A 323 10.63 -60.01 -30.52
C GLY A 323 9.39 -59.97 -31.41
N GLN A 324 8.61 -58.89 -31.37
CA GLN A 324 7.41 -58.80 -32.20
C GLN A 324 7.69 -57.91 -33.43
N PRO A 325 7.77 -58.51 -34.62
CA PRO A 325 8.05 -57.89 -35.93
C PRO A 325 7.01 -56.98 -36.57
N ILE A 326 7.50 -55.97 -37.28
CA ILE A 326 6.68 -55.03 -38.03
C ILE A 326 7.20 -55.22 -39.46
N ILE A 327 6.39 -55.82 -40.33
CA ILE A 327 6.86 -56.09 -41.68
C ILE A 327 5.85 -55.87 -42.78
N LEU A 328 6.35 -55.76 -44.01
CA LEU A 328 5.49 -55.59 -45.20
C LEU A 328 5.25 -56.97 -45.80
N THR A 329 6.32 -57.69 -46.06
CA THR A 329 6.21 -59.06 -46.58
C THR A 329 7.08 -59.93 -45.67
N GLY A 330 6.67 -61.17 -45.45
CA GLY A 330 7.45 -62.04 -44.60
C GLY A 330 8.63 -62.69 -45.32
N ALA A 331 9.51 -63.32 -44.57
CA ALA A 331 10.68 -63.98 -45.15
C ALA A 331 10.30 -65.05 -46.18
N PRO A 332 9.54 -66.08 -45.76
CA PRO A 332 9.17 -67.11 -46.73
C PRO A 332 8.94 -66.52 -48.12
N ALA A 333 7.95 -65.63 -48.21
CA ALA A 333 7.62 -65.00 -49.49
C ALA A 333 8.85 -64.38 -50.14
N ILE A 334 9.58 -63.55 -49.40
CA ILE A 334 10.75 -62.92 -50.00
C ILE A 334 11.74 -63.94 -50.54
N ASN A 335 12.00 -65.00 -49.76
CA ASN A 335 12.92 -66.03 -50.22
C ASN A 335 12.42 -66.62 -51.55
N LYS A 336 11.13 -66.99 -51.62
CA LYS A 336 10.61 -67.54 -52.87
C LYS A 336 11.01 -66.67 -54.06
N MSE A 337 10.77 -65.36 -53.95
CA MSE A 337 11.13 -64.44 -55.03
C MSE A 337 12.62 -64.59 -55.30
O MSE A 337 13.02 -65.15 -56.31
CB MSE A 337 10.88 -62.97 -54.64
CG MSE A 337 9.49 -62.61 -54.11
SE MSE A 337 9.34 -60.62 -53.90
CE MSE A 337 10.61 -60.33 -52.41
N LEU A 338 13.44 -64.09 -54.38
CA LEU A 338 14.89 -64.12 -54.51
C LEU A 338 15.43 -65.50 -54.92
N GLY A 339 14.63 -66.55 -54.67
CA GLY A 339 15.03 -67.90 -55.04
C GLY A 339 16.01 -68.58 -54.09
N ARG A 340 16.54 -67.86 -53.11
CA ARG A 340 17.49 -68.45 -52.16
C ARG A 340 16.93 -68.41 -50.74
N GLU A 341 17.64 -69.02 -49.81
CA GLU A 341 17.22 -69.05 -48.41
C GLU A 341 17.95 -67.90 -47.72
N VAL A 342 17.78 -66.69 -48.25
CA VAL A 342 18.46 -65.52 -47.70
C VAL A 342 18.00 -64.98 -46.34
N TYR A 343 16.71 -65.06 -46.02
CA TYR A 343 16.27 -64.54 -44.72
C TYR A 343 15.77 -65.64 -43.78
N THR A 344 16.36 -65.70 -42.58
CA THR A 344 16.02 -66.71 -41.57
C THR A 344 14.66 -66.51 -40.90
N SER A 345 14.46 -65.33 -40.29
CA SER A 345 13.20 -65.03 -39.59
C SER A 345 12.68 -63.62 -39.95
N ASN A 346 11.51 -63.27 -39.43
CA ASN A 346 10.93 -61.94 -39.69
C ASN A 346 11.63 -60.85 -38.91
N LEU A 347 12.21 -61.23 -37.77
CA LEU A 347 12.92 -60.29 -36.92
C LEU A 347 14.08 -59.61 -37.66
N GLN A 348 14.51 -60.20 -38.77
CA GLN A 348 15.59 -59.60 -39.54
C GLN A 348 15.02 -58.52 -40.41
N LEU A 349 13.81 -58.74 -40.90
CA LEU A 349 13.16 -57.77 -41.75
C LEU A 349 12.59 -56.61 -40.95
N GLY A 350 12.12 -56.89 -39.74
CA GLY A 350 11.53 -55.84 -38.91
C GLY A 350 11.56 -55.96 -37.39
N GLY A 351 12.63 -56.53 -36.85
CA GLY A 351 12.72 -56.63 -35.41
C GLY A 351 13.13 -55.26 -34.90
N THR A 352 13.32 -55.13 -33.60
CA THR A 352 13.71 -53.85 -33.04
C THR A 352 15.04 -53.36 -33.60
N GLN A 353 15.95 -54.29 -33.94
CA GLN A 353 17.23 -53.88 -34.48
C GLN A 353 17.08 -53.06 -35.76
N ILE A 354 15.95 -53.19 -36.41
CA ILE A 354 15.71 -52.41 -37.62
C ILE A 354 14.80 -51.22 -37.32
N MSE A 355 13.59 -51.48 -36.86
CA MSE A 355 12.63 -50.42 -36.57
C MSE A 355 13.00 -49.42 -35.46
O MSE A 355 12.60 -48.26 -35.51
CB MSE A 355 11.27 -51.05 -36.28
CG MSE A 355 10.68 -51.77 -37.50
SE MSE A 355 10.83 -50.67 -39.10
CE MSE A 355 10.87 -52.06 -40.46
N TYR A 356 13.76 -49.87 -34.46
CA TYR A 356 14.19 -49.01 -33.34
C TYR A 356 15.42 -48.20 -33.75
N ASN A 357 16.34 -48.82 -34.47
CA ASN A 357 17.55 -48.15 -34.97
C ASN A 357 17.11 -47.22 -36.09
N ASN A 358 15.89 -47.47 -36.53
CA ASN A 358 15.20 -46.79 -37.62
C ASN A 358 14.61 -45.44 -37.28
N GLY A 359 13.89 -45.41 -36.17
CA GLY A 359 13.20 -44.21 -35.77
C GLY A 359 11.74 -44.46 -36.09
N VAL A 360 11.41 -45.68 -36.51
CA VAL A 360 10.01 -46.02 -36.79
C VAL A 360 9.43 -46.41 -35.47
N SER A 361 10.28 -46.98 -34.62
CA SER A 361 9.88 -47.37 -33.29
C SER A 361 10.54 -46.39 -32.35
N HIS A 362 9.71 -45.62 -31.67
CA HIS A 362 10.18 -44.62 -30.74
C HIS A 362 10.78 -45.25 -29.50
N LEU A 363 10.21 -46.36 -29.05
CA LEU A 363 10.66 -47.04 -27.85
C LEU A 363 10.53 -48.54 -28.02
N THR A 364 11.28 -49.29 -27.22
CA THR A 364 11.16 -50.74 -27.25
C THR A 364 10.61 -51.10 -25.87
N ALA A 365 9.93 -52.23 -25.77
CA ALA A 365 9.35 -52.68 -24.51
C ALA A 365 9.62 -54.17 -24.29
N VAL A 366 10.11 -54.52 -23.11
CA VAL A 366 10.44 -55.91 -22.76
C VAL A 366 9.24 -56.88 -22.84
N ASP A 367 8.05 -56.34 -22.64
CA ASP A 367 6.82 -57.14 -22.69
C ASP A 367 5.60 -56.21 -22.79
N ASP A 368 4.43 -56.78 -23.06
CA ASP A 368 3.21 -55.99 -23.19
C ASP A 368 2.95 -54.98 -22.09
N LEU A 369 2.92 -55.44 -20.85
CA LEU A 369 2.68 -54.53 -19.73
C LEU A 369 3.66 -53.34 -19.74
N ALA A 370 4.93 -53.60 -20.02
CA ALA A 370 5.91 -52.50 -20.08
C ALA A 370 5.53 -51.53 -21.19
N GLY A 371 4.94 -52.06 -22.25
CA GLY A 371 4.53 -51.22 -23.36
C GLY A 371 3.35 -50.35 -22.94
N VAL A 372 2.48 -50.89 -22.10
CA VAL A 372 1.33 -50.16 -21.63
C VAL A 372 1.80 -49.10 -20.65
N GLU A 373 2.88 -49.40 -19.95
CA GLU A 373 3.42 -48.47 -18.98
C GLU A 373 4.03 -47.27 -19.68
N LYS A 374 4.72 -47.53 -20.80
CA LYS A 374 5.30 -46.45 -21.58
C LYS A 374 4.20 -45.53 -22.12
N ILE A 375 3.13 -46.13 -22.64
CA ILE A 375 1.99 -45.38 -23.17
C ILE A 375 1.43 -44.47 -22.10
N VAL A 376 1.09 -45.05 -20.96
CA VAL A 376 0.52 -44.29 -19.85
C VAL A 376 1.46 -43.19 -19.39
N GLU A 377 2.75 -43.46 -19.40
CA GLU A 377 3.74 -42.49 -18.98
C GLU A 377 3.93 -41.40 -20.01
N TRP A 378 3.83 -41.76 -21.28
CA TRP A 378 3.95 -40.81 -22.39
C TRP A 378 2.73 -39.89 -22.27
N MSE A 379 1.54 -40.49 -22.13
CA MSE A 379 0.29 -39.76 -22.01
C MSE A 379 0.22 -38.78 -20.86
O MSE A 379 -0.60 -37.88 -20.86
CB MSE A 379 -0.89 -40.72 -21.85
CG MSE A 379 -1.58 -41.15 -23.13
SE MSE A 379 -3.12 -42.28 -22.69
CE MSE A 379 -4.44 -40.86 -22.50
N SER A 380 1.07 -38.95 -19.84
CA SER A 380 1.00 -38.03 -18.71
C SER A 380 1.46 -36.62 -19.08
N TYR A 381 2.12 -36.48 -20.22
CA TYR A 381 2.57 -35.15 -20.64
C TYR A 381 1.59 -34.51 -21.58
N VAL A 382 0.61 -35.27 -22.03
CA VAL A 382 -0.37 -34.80 -23.00
C VAL A 382 -1.72 -34.40 -22.41
N PRO A 383 -2.37 -33.39 -23.00
CA PRO A 383 -3.68 -32.89 -22.56
C PRO A 383 -4.76 -33.96 -22.66
N ALA A 384 -5.75 -33.86 -21.78
CA ALA A 384 -6.85 -34.82 -21.73
C ALA A 384 -7.59 -34.95 -23.06
N LYS A 385 -7.74 -33.85 -23.77
CA LYS A 385 -8.41 -33.88 -25.06
C LYS A 385 -7.87 -32.71 -25.86
N ARG A 386 -8.10 -32.73 -27.16
CA ARG A 386 -7.61 -31.67 -28.02
C ARG A 386 -7.95 -30.27 -27.53
N ASN A 387 -6.91 -29.46 -27.32
CA ASN A 387 -7.04 -28.07 -26.89
C ASN A 387 -7.24 -27.74 -25.42
N MSE A 388 -6.97 -28.70 -24.56
CA MSE A 388 -7.06 -28.49 -23.13
C MSE A 388 -5.68 -27.95 -22.80
O MSE A 388 -4.72 -28.19 -23.53
CB MSE A 388 -7.24 -29.81 -22.39
CG MSE A 388 -8.49 -30.56 -22.76
SE MSE A 388 -9.88 -30.34 -21.42
CE MSE A 388 -10.24 -28.42 -21.75
N PRO A 389 -5.55 -27.22 -21.69
CA PRO A 389 -4.20 -26.71 -21.39
C PRO A 389 -3.32 -27.93 -21.15
N VAL A 390 -2.01 -27.80 -21.37
CA VAL A 390 -1.12 -28.93 -21.11
C VAL A 390 -1.22 -29.31 -19.62
N PRO A 391 -1.25 -30.61 -19.31
CA PRO A 391 -1.36 -31.14 -17.94
C PRO A 391 -0.23 -30.82 -16.96
N ILE A 392 -0.45 -29.82 -16.13
CA ILE A 392 0.53 -29.43 -15.14
C ILE A 392 0.57 -30.45 -14.01
N LEU A 393 1.78 -30.80 -13.58
CA LEU A 393 1.99 -31.73 -12.48
C LEU A 393 3.25 -31.38 -11.68
N GLU A 394 3.09 -30.60 -10.62
CA GLU A 394 4.23 -30.20 -9.79
C GLU A 394 4.63 -31.39 -8.91
N THR A 395 5.92 -31.55 -8.68
CA THR A 395 6.42 -32.64 -7.84
C THR A 395 7.42 -32.12 -6.81
N LYS A 396 7.92 -32.99 -5.95
CA LYS A 396 8.87 -32.62 -4.91
C LYS A 396 9.90 -31.58 -5.35
N ASP A 397 10.34 -31.66 -6.61
CA ASP A 397 11.32 -30.74 -7.14
C ASP A 397 10.63 -29.42 -7.54
N THR A 398 10.77 -28.44 -6.66
CA THR A 398 10.19 -27.11 -6.83
C THR A 398 11.02 -26.33 -7.83
N TRP A 399 10.40 -25.35 -8.48
CA TRP A 399 11.08 -24.53 -9.48
C TRP A 399 12.21 -23.68 -8.92
N ASP A 400 11.89 -22.97 -7.83
CA ASP A 400 12.82 -22.05 -7.16
C ASP A 400 14.11 -22.66 -6.62
N ARG A 401 15.07 -22.89 -7.50
CA ARG A 401 16.34 -23.47 -7.12
C ARG A 401 17.34 -23.21 -8.22
N PRO A 402 18.64 -23.31 -7.93
CA PRO A 402 19.60 -23.07 -8.99
C PRO A 402 19.76 -24.38 -9.74
N VAL A 403 20.40 -24.34 -10.90
CA VAL A 403 20.65 -25.54 -11.66
C VAL A 403 22.06 -25.92 -11.21
N ASP A 404 22.25 -27.18 -10.80
CA ASP A 404 23.55 -27.62 -10.34
C ASP A 404 24.53 -27.99 -11.45
N PHE A 405 24.28 -29.11 -12.12
CA PHE A 405 25.19 -29.54 -13.17
C PHE A 405 25.52 -28.47 -14.21
N THR A 406 26.80 -28.30 -14.51
CA THR A 406 27.21 -27.29 -15.50
C THR A 406 28.35 -27.84 -16.33
N PRO A 407 28.24 -27.74 -17.67
CA PRO A 407 29.28 -28.26 -18.54
C PRO A 407 30.55 -27.43 -18.47
N THR A 408 31.66 -28.09 -18.78
CA THR A 408 32.96 -27.43 -18.77
C THR A 408 33.55 -27.43 -20.18
N ASN A 409 33.81 -26.20 -20.63
CA ASN A 409 34.38 -25.86 -21.94
C ASN A 409 35.28 -26.96 -22.50
N ASP A 410 36.09 -27.56 -21.63
CA ASP A 410 36.99 -28.65 -22.00
C ASP A 410 36.76 -29.75 -20.97
N GLU A 411 36.04 -30.80 -21.39
CA GLU A 411 35.69 -31.95 -20.56
C GLU A 411 34.36 -32.50 -21.11
N THR A 412 34.29 -33.77 -21.49
CA THR A 412 33.05 -34.29 -22.05
C THR A 412 31.97 -34.61 -21.00
N TYR A 413 30.73 -34.41 -21.42
CA TYR A 413 29.56 -34.63 -20.58
C TYR A 413 28.42 -35.23 -21.35
N ASP A 414 27.37 -35.63 -20.65
CA ASP A 414 26.17 -36.19 -21.26
C ASP A 414 25.11 -35.10 -21.17
N VAL A 415 24.67 -34.61 -22.31
CA VAL A 415 23.65 -33.56 -22.34
C VAL A 415 22.43 -33.94 -21.51
N ARG A 416 22.21 -35.22 -21.32
CA ARG A 416 21.08 -35.67 -20.53
C ARG A 416 21.26 -35.16 -19.10
N TRP A 417 22.51 -35.05 -18.66
CA TRP A 417 22.77 -34.56 -17.31
C TRP A 417 22.26 -33.14 -17.14
N MSE A 418 22.37 -32.34 -18.21
CA MSE A 418 21.91 -30.96 -18.15
C MSE A 418 20.39 -30.91 -18.10
O MSE A 418 19.81 -30.01 -17.50
CB MSE A 418 22.38 -30.18 -19.38
CG MSE A 418 23.88 -29.98 -19.49
SE MSE A 418 24.41 -28.88 -21.04
CE MSE A 418 22.64 -28.50 -21.81
N ILE A 419 19.77 -31.89 -18.73
CA ILE A 419 18.31 -31.97 -18.78
C ILE A 419 17.69 -32.49 -17.49
N GLU A 420 18.01 -33.72 -17.11
CA GLU A 420 17.43 -34.35 -15.93
C GLU A 420 18.30 -34.37 -14.68
N GLY A 421 19.53 -33.89 -14.77
CA GLY A 421 20.38 -33.90 -13.61
C GLY A 421 21.28 -35.14 -13.56
N ARG A 422 22.23 -35.14 -12.62
CA ARG A 422 23.15 -36.25 -12.49
C ARG A 422 23.36 -36.74 -11.06
N GLU A 423 23.52 -38.05 -10.92
CA GLU A 423 23.74 -38.65 -9.61
C GLU A 423 25.27 -38.75 -9.43
N THR A 424 25.78 -38.27 -8.30
CA THR A 424 27.22 -38.31 -8.07
C THR A 424 27.53 -38.80 -6.67
N GLU A 425 28.76 -39.22 -6.47
CA GLU A 425 29.20 -39.73 -5.17
C GLU A 425 28.84 -38.71 -4.07
N SER A 426 29.09 -37.42 -4.32
CA SER A 426 28.79 -36.38 -3.33
C SER A 426 27.41 -35.73 -3.47
N GLY A 427 26.37 -36.55 -3.67
CA GLY A 427 25.01 -36.04 -3.82
C GLY A 427 24.47 -35.93 -5.25
N PHE A 428 23.20 -35.53 -5.37
CA PHE A 428 22.57 -35.37 -6.68
C PHE A 428 22.63 -33.91 -7.15
N GLU A 429 22.94 -33.71 -8.42
CA GLU A 429 23.04 -32.38 -9.00
C GLU A 429 21.90 -32.23 -9.99
N TYR A 430 20.95 -31.37 -9.67
CA TYR A 430 19.81 -31.14 -10.53
C TYR A 430 20.20 -30.47 -11.83
N GLY A 431 19.48 -30.83 -12.89
CA GLY A 431 19.71 -30.25 -14.18
C GLY A 431 18.71 -29.13 -14.34
N LEU A 432 18.41 -28.77 -15.57
CA LEU A 432 17.46 -27.71 -15.84
C LEU A 432 16.02 -28.13 -15.53
N PHE A 433 15.69 -29.37 -15.85
CA PHE A 433 14.34 -29.84 -15.63
C PHE A 433 14.10 -30.66 -14.36
N ASP A 434 12.83 -30.79 -13.99
CA ASP A 434 12.42 -31.52 -12.78
C ASP A 434 13.08 -32.90 -12.65
N LYS A 435 13.56 -33.20 -11.46
CA LYS A 435 14.22 -34.48 -11.19
C LYS A 435 13.31 -35.67 -11.54
N GLY A 436 13.78 -36.51 -12.45
CA GLY A 436 13.02 -37.68 -12.85
C GLY A 436 11.87 -37.44 -13.83
N SER A 437 11.78 -36.27 -14.44
CA SER A 437 10.68 -36.03 -15.37
C SER A 437 11.04 -36.25 -16.84
N PHE A 438 12.32 -36.46 -17.13
CA PHE A 438 12.76 -36.65 -18.50
C PHE A 438 12.44 -38.02 -19.05
N PHE A 439 11.57 -38.03 -20.06
CA PHE A 439 11.08 -39.22 -20.76
C PHE A 439 11.64 -39.16 -22.19
N GLU A 440 12.81 -39.74 -22.42
CA GLU A 440 13.42 -39.73 -23.75
C GLU A 440 12.71 -40.67 -24.73
N THR A 441 12.63 -40.26 -25.99
CA THR A 441 11.99 -41.07 -27.03
C THR A 441 12.88 -41.09 -28.29
N LEU A 442 12.67 -42.06 -29.18
CA LEU A 442 13.48 -42.20 -30.41
C LEU A 442 14.98 -42.38 -30.04
N SER A 443 15.22 -42.90 -28.85
CA SER A 443 16.56 -43.07 -28.33
C SER A 443 17.48 -44.07 -29.03
N GLY A 444 16.95 -44.81 -30.00
CA GLY A 444 17.78 -45.79 -30.69
C GLY A 444 18.19 -45.37 -32.08
N TRP A 445 17.69 -44.24 -32.53
CA TRP A 445 17.98 -43.72 -33.87
C TRP A 445 18.58 -42.32 -33.86
N ALA A 446 19.53 -42.09 -34.76
CA ALA A 446 20.16 -40.79 -34.90
C ALA A 446 20.43 -40.20 -33.53
N LYS A 447 21.41 -40.78 -32.84
CA LYS A 447 21.74 -40.34 -31.50
C LYS A 447 22.47 -39.01 -31.41
N GLY A 448 22.67 -38.34 -32.54
CA GLY A 448 23.31 -37.04 -32.51
C GLY A 448 22.40 -36.06 -31.77
N VAL A 449 21.11 -36.40 -31.70
CA VAL A 449 20.12 -35.59 -31.01
C VAL A 449 19.38 -36.44 -29.99
N VAL A 450 19.07 -35.83 -28.86
CA VAL A 450 18.34 -36.51 -27.81
C VAL A 450 17.02 -35.73 -27.72
N VAL A 451 15.90 -36.45 -27.75
CA VAL A 451 14.60 -35.80 -27.66
C VAL A 451 13.73 -36.47 -26.61
N GLY A 452 12.88 -35.68 -25.98
CA GLY A 452 11.99 -36.23 -24.98
C GLY A 452 11.05 -35.22 -24.38
N ARG A 453 10.19 -35.70 -23.49
CA ARG A 453 9.26 -34.85 -22.79
C ARG A 453 9.87 -34.66 -21.40
N ALA A 454 9.52 -33.56 -20.74
CA ALA A 454 10.03 -33.26 -19.41
C ALA A 454 9.15 -32.21 -18.76
N ARG A 455 9.39 -31.94 -17.48
CA ARG A 455 8.62 -30.95 -16.78
C ARG A 455 9.53 -29.86 -16.22
N LEU A 456 9.02 -28.63 -16.23
CA LEU A 456 9.75 -27.48 -15.73
C LEU A 456 8.85 -26.87 -14.65
N GLY A 457 9.10 -27.25 -13.39
CA GLY A 457 8.29 -26.76 -12.30
C GLY A 457 6.90 -27.32 -12.46
N GLY A 458 6.82 -28.50 -13.08
CA GLY A 458 5.55 -29.17 -13.28
C GLY A 458 4.97 -28.91 -14.66
N ILE A 459 5.61 -28.06 -15.44
CA ILE A 459 5.11 -27.76 -16.79
C ILE A 459 5.63 -28.73 -17.84
N PRO A 460 4.72 -29.35 -18.60
CA PRO A 460 5.05 -30.30 -19.66
C PRO A 460 5.64 -29.54 -20.84
N LEU A 461 6.59 -30.13 -21.53
CA LEU A 461 7.17 -29.48 -22.70
C LEU A 461 8.09 -30.46 -23.41
N GLY A 462 8.23 -30.27 -24.71
CA GLY A 462 9.12 -31.11 -25.48
C GLY A 462 10.51 -30.55 -25.31
N VAL A 463 11.50 -31.42 -25.25
CA VAL A 463 12.87 -30.98 -25.06
C VAL A 463 13.77 -31.58 -26.10
N ILE A 464 14.65 -30.77 -26.66
CA ILE A 464 15.59 -31.27 -27.64
C ILE A 464 16.98 -30.80 -27.27
N GLY A 465 17.90 -31.76 -27.12
CA GLY A 465 19.26 -31.43 -26.76
C GLY A 465 20.25 -31.97 -27.78
N VAL A 466 21.47 -31.45 -27.74
CA VAL A 466 22.50 -31.88 -28.65
C VAL A 466 23.51 -32.82 -28.01
N GLU A 467 23.71 -33.98 -28.61
CA GLU A 467 24.66 -34.96 -28.10
C GLU A 467 26.07 -34.58 -28.53
N THR A 468 26.91 -34.30 -27.54
CA THR A 468 28.30 -33.90 -27.79
C THR A 468 29.22 -35.06 -28.08
N ARG A 469 29.02 -36.20 -27.43
CA ARG A 469 29.85 -37.37 -27.66
C ARG A 469 29.63 -37.95 -29.07
N THR A 470 30.73 -38.27 -29.77
CA THR A 470 30.62 -38.85 -31.11
C THR A 470 29.76 -40.11 -31.06
N VAL A 471 28.99 -40.37 -32.11
CA VAL A 471 28.14 -41.55 -32.14
C VAL A 471 28.71 -42.63 -33.05
N GLU A 472 28.75 -43.87 -32.56
CA GLU A 472 29.26 -44.98 -33.35
C GLU A 472 28.05 -45.74 -33.92
N ASN A 473 27.52 -45.27 -35.05
CA ASN A 473 26.37 -45.90 -35.68
C ASN A 473 26.83 -47.15 -36.45
N LEU A 474 26.48 -48.32 -35.96
CA LEU A 474 26.90 -49.56 -36.63
C LEU A 474 25.84 -50.11 -37.57
N ILE A 475 26.04 -49.89 -38.86
CA ILE A 475 25.10 -50.33 -39.87
C ILE A 475 25.35 -51.77 -40.29
N PRO A 476 24.46 -52.69 -39.87
CA PRO A 476 24.60 -54.10 -40.20
C PRO A 476 24.63 -54.34 -41.70
N ALA A 477 25.04 -55.54 -42.09
CA ALA A 477 25.12 -55.96 -43.48
C ALA A 477 23.82 -56.63 -43.90
N ASP A 478 23.45 -56.53 -45.16
CA ASP A 478 22.22 -57.19 -45.56
C ASP A 478 22.54 -58.53 -46.19
N PRO A 479 21.84 -59.58 -45.72
CA PRO A 479 21.98 -60.95 -46.17
C PRO A 479 21.80 -61.03 -47.68
N ALA A 480 20.63 -60.59 -48.13
CA ALA A 480 20.28 -60.62 -49.55
C ALA A 480 21.45 -60.37 -50.48
N ASN A 481 22.41 -59.56 -50.03
CA ASN A 481 23.57 -59.27 -50.87
C ASN A 481 24.75 -60.16 -50.53
N PRO A 482 24.99 -61.21 -51.34
CA PRO A 482 26.09 -62.18 -51.16
C PRO A 482 27.22 -61.67 -50.30
N ASN A 483 27.69 -60.44 -50.56
CA ASN A 483 28.74 -59.91 -49.70
C ASN A 483 28.97 -58.40 -49.67
N SER A 484 28.63 -57.86 -48.51
CA SER A 484 28.78 -56.47 -48.14
C SER A 484 28.63 -56.72 -46.65
N ALA A 485 29.57 -56.25 -45.83
CA ALA A 485 29.45 -56.50 -44.40
C ALA A 485 29.17 -55.25 -43.58
N GLU A 486 29.21 -55.43 -42.26
CA GLU A 486 28.97 -54.34 -41.33
C GLU A 486 29.67 -53.11 -41.84
N THR A 487 29.26 -51.97 -41.30
CA THR A 487 29.84 -50.68 -41.65
C THR A 487 29.57 -49.73 -40.51
N LEU A 488 30.63 -49.13 -39.99
CA LEU A 488 30.53 -48.21 -38.88
C LEU A 488 30.56 -46.76 -39.35
N ILE A 489 29.49 -46.03 -39.09
CA ILE A 489 29.45 -44.63 -39.49
C ILE A 489 29.74 -43.78 -38.27
N GLN A 490 30.84 -43.07 -38.35
CA GLN A 490 31.27 -42.18 -37.28
C GLN A 490 30.43 -40.90 -37.38
N GLU A 491 29.62 -40.61 -36.37
CA GLU A 491 28.80 -39.39 -36.40
C GLU A 491 29.29 -38.37 -35.34
N PRO A 492 30.05 -37.36 -35.78
CA PRO A 492 30.61 -36.31 -34.92
C PRO A 492 29.54 -35.48 -34.21
N GLY A 493 29.84 -35.08 -32.99
CA GLY A 493 28.91 -34.31 -32.20
C GLY A 493 28.77 -32.86 -32.60
N GLN A 494 27.62 -32.30 -32.22
CA GLN A 494 27.25 -30.93 -32.50
C GLN A 494 27.16 -30.67 -33.99
N VAL A 495 26.86 -31.72 -34.74
CA VAL A 495 26.70 -31.59 -36.18
C VAL A 495 25.47 -32.36 -36.66
N TRP A 496 24.61 -31.66 -37.41
CA TRP A 496 23.43 -32.30 -37.97
C TRP A 496 23.84 -33.14 -39.14
N HIS A 497 23.21 -34.30 -39.25
CA HIS A 497 23.45 -35.23 -40.35
C HIS A 497 22.07 -35.51 -40.90
N PRO A 498 22.00 -36.15 -42.07
CA PRO A 498 20.66 -36.43 -42.59
C PRO A 498 19.72 -37.04 -41.56
N ASN A 499 20.19 -38.02 -40.79
CA ASN A 499 19.34 -38.67 -39.81
C ASN A 499 19.04 -37.85 -38.59
N SER A 500 20.03 -37.10 -38.08
CA SER A 500 19.77 -36.29 -36.90
C SER A 500 18.89 -35.08 -37.21
N ALA A 501 18.96 -34.59 -38.43
CA ALA A 501 18.14 -33.44 -38.83
C ALA A 501 16.68 -33.90 -38.97
N PHE A 502 16.53 -35.11 -39.47
CA PHE A 502 15.23 -35.73 -39.66
C PHE A 502 14.56 -35.93 -38.29
N LYS A 503 15.35 -36.41 -37.32
CA LYS A 503 14.90 -36.66 -35.95
C LYS A 503 14.43 -35.38 -35.29
N THR A 504 15.14 -34.29 -35.57
CA THR A 504 14.80 -32.99 -35.02
C THR A 504 13.45 -32.55 -35.55
N ALA A 505 13.25 -32.68 -36.87
CA ALA A 505 12.01 -32.30 -37.51
C ALA A 505 10.88 -33.16 -36.96
N GLN A 506 11.15 -34.46 -36.87
CA GLN A 506 10.18 -35.42 -36.37
C GLN A 506 9.76 -35.07 -34.95
N ALA A 507 10.73 -34.80 -34.09
CA ALA A 507 10.45 -34.43 -32.72
C ALA A 507 9.60 -33.18 -32.66
N ILE A 508 9.97 -32.16 -33.44
CA ILE A 508 9.21 -30.93 -33.46
C ILE A 508 7.76 -31.20 -33.89
N ASN A 509 7.58 -32.03 -34.91
CA ASN A 509 6.24 -32.33 -35.36
C ASN A 509 5.43 -33.14 -34.35
N ASP A 510 6.05 -34.16 -33.74
CA ASP A 510 5.35 -34.99 -32.78
C ASP A 510 4.97 -34.23 -31.53
N PHE A 511 5.75 -33.22 -31.17
CA PHE A 511 5.46 -32.40 -29.98
C PHE A 511 4.24 -31.52 -30.24
N ASN A 512 4.13 -31.05 -31.47
CA ASN A 512 3.08 -30.15 -31.93
C ASN A 512 1.75 -30.76 -32.33
N ASN A 513 1.75 -31.92 -32.96
CA ASN A 513 0.51 -32.51 -33.43
C ASN A 513 -0.52 -33.18 -32.50
N GLY A 514 -0.12 -33.95 -31.51
CA GLY A 514 -1.17 -34.51 -30.69
C GLY A 514 -0.95 -34.14 -29.26
N GLU A 515 0.32 -33.87 -28.97
CA GLU A 515 0.77 -33.51 -27.66
C GLU A 515 0.53 -32.04 -27.37
N GLN A 516 0.44 -31.24 -28.42
CA GLN A 516 0.21 -29.80 -28.29
C GLN A 516 1.06 -29.21 -27.16
N LEU A 517 2.31 -29.66 -27.09
CA LEU A 517 3.23 -29.22 -26.06
C LEU A 517 4.14 -28.05 -26.43
N PRO A 518 4.59 -27.32 -25.40
CA PRO A 518 5.48 -26.19 -25.64
C PRO A 518 6.81 -26.90 -25.90
N MSE A 519 7.85 -26.16 -26.25
CA MSE A 519 9.10 -26.82 -26.52
C MSE A 519 10.30 -25.94 -26.26
O MSE A 519 10.23 -24.71 -26.34
CB MSE A 519 9.10 -27.28 -28.00
CG MSE A 519 10.42 -27.80 -28.53
SE MSE A 519 10.50 -27.81 -30.50
CE MSE A 519 10.94 -29.63 -30.80
N MSE A 520 11.41 -26.58 -25.92
CA MSE A 520 12.65 -25.88 -25.72
C MSE A 520 13.71 -26.64 -26.46
O MSE A 520 13.76 -27.88 -26.43
CB MSE A 520 13.06 -25.76 -24.27
CG MSE A 520 14.47 -25.15 -24.16
SE MSE A 520 15.23 -24.92 -22.37
CE MSE A 520 13.60 -24.41 -21.40
N ILE A 521 14.58 -25.89 -27.13
CA ILE A 521 15.66 -26.50 -27.87
C ILE A 521 16.96 -25.91 -27.38
N LEU A 522 17.77 -26.71 -26.68
CA LEU A 522 19.06 -26.23 -26.23
C LEU A 522 19.92 -26.27 -27.46
N ALA A 523 19.72 -25.29 -28.34
CA ALA A 523 20.45 -25.19 -29.60
C ALA A 523 21.96 -25.17 -29.42
N ASN A 524 22.63 -26.16 -29.98
CA ASN A 524 24.07 -26.26 -29.88
C ASN A 524 24.60 -27.15 -31.00
N TRP A 525 24.64 -26.58 -32.20
CA TRP A 525 25.12 -27.28 -33.38
C TRP A 525 26.15 -26.41 -34.07
N ARG A 526 27.15 -27.03 -34.67
CA ARG A 526 28.21 -26.34 -35.39
C ARG A 526 27.73 -26.09 -36.82
N GLY A 527 26.71 -26.84 -37.21
CA GLY A 527 26.14 -26.73 -38.54
C GLY A 527 25.83 -28.10 -39.09
N PHE A 528 25.38 -28.17 -40.34
CA PHE A 528 25.10 -29.45 -40.96
C PHE A 528 26.38 -29.93 -41.66
N SER A 529 26.52 -31.24 -41.82
CA SER A 529 27.67 -31.81 -42.48
C SER A 529 27.64 -31.51 -43.96
N GLY A 530 28.75 -31.00 -44.48
CA GLY A 530 28.83 -30.66 -45.89
C GLY A 530 29.54 -31.69 -46.76
N GLY A 531 29.87 -32.83 -46.17
CA GLY A 531 30.56 -33.87 -46.91
C GLY A 531 29.77 -34.42 -48.09
N GLN A 532 30.48 -35.10 -48.98
CA GLN A 532 29.88 -35.69 -50.18
C GLN A 532 28.75 -36.66 -49.84
N ARG A 533 29.02 -37.58 -48.93
CA ARG A 533 28.02 -38.55 -48.53
C ARG A 533 26.73 -37.92 -47.98
N ASP A 534 26.87 -37.10 -46.95
CA ASP A 534 25.74 -36.44 -46.32
C ASP A 534 24.90 -35.58 -47.28
N MSE A 535 25.55 -35.00 -48.28
CA MSE A 535 24.86 -34.18 -49.27
C MSE A 535 24.17 -35.14 -50.24
O MSE A 535 22.99 -34.97 -50.56
CB MSE A 535 25.83 -33.30 -50.03
CG MSE A 535 26.49 -32.24 -49.19
SE MSE A 535 25.34 -30.72 -48.80
CE MSE A 535 26.04 -29.46 -50.09
N PHE A 536 24.92 -36.13 -50.70
CA PHE A 536 24.36 -37.10 -51.62
C PHE A 536 23.12 -37.70 -50.95
N ASN A 537 23.18 -37.81 -49.63
CA ASN A 537 22.10 -38.37 -48.85
C ASN A 537 21.00 -37.37 -48.47
N GLU A 538 21.00 -36.24 -49.16
CA GLU A 538 19.97 -35.22 -48.99
C GLU A 538 19.88 -34.45 -47.68
N VAL A 539 21.01 -34.21 -47.03
CA VAL A 539 20.97 -33.47 -45.77
C VAL A 539 20.16 -32.18 -45.92
N LEU A 540 20.08 -31.66 -47.14
CA LEU A 540 19.33 -30.43 -47.38
C LEU A 540 17.82 -30.61 -47.26
N LYS A 541 17.31 -31.76 -47.67
CA LYS A 541 15.89 -32.00 -47.58
C LYS A 541 15.48 -32.07 -46.11
N TYR A 542 16.23 -32.84 -45.33
CA TYR A 542 15.91 -33.03 -43.93
C TYR A 542 16.10 -31.79 -43.07
N GLY A 543 17.02 -30.92 -43.48
CA GLY A 543 17.25 -29.68 -42.75
C GLY A 543 16.02 -28.81 -42.95
N SER A 544 15.60 -28.71 -44.21
CA SER A 544 14.42 -27.93 -44.53
C SER A 544 13.17 -28.42 -43.79
N PHE A 545 13.15 -29.69 -43.41
CA PHE A 545 12.01 -30.26 -42.69
C PHE A 545 11.86 -29.57 -41.35
N ILE A 546 12.99 -29.17 -40.78
CA ILE A 546 12.99 -28.49 -39.50
C ILE A 546 12.24 -27.18 -39.63
N VAL A 547 12.65 -26.36 -40.58
CA VAL A 547 12.03 -25.05 -40.82
C VAL A 547 10.54 -25.22 -41.01
N ASP A 548 10.18 -26.15 -41.88
CA ASP A 548 8.79 -26.43 -42.18
C ASP A 548 8.05 -26.75 -40.89
N ALA A 549 8.69 -27.52 -40.01
CA ALA A 549 8.06 -27.88 -38.74
C ALA A 549 7.94 -26.72 -37.75
N LEU A 550 8.88 -25.78 -37.78
CA LEU A 550 8.83 -24.65 -36.87
C LEU A 550 7.74 -23.69 -37.31
N VAL A 551 7.52 -23.61 -38.62
CA VAL A 551 6.47 -22.76 -39.16
C VAL A 551 5.11 -23.21 -38.65
N ASP A 552 4.95 -24.51 -38.52
CA ASP A 552 3.70 -25.15 -38.09
C ASP A 552 3.40 -25.14 -36.58
N TYR A 553 4.45 -25.00 -35.78
CA TYR A 553 4.33 -25.02 -34.32
C TYR A 553 3.28 -24.05 -33.76
N LYS A 554 2.37 -24.57 -32.96
CA LYS A 554 1.28 -23.75 -32.40
C LYS A 554 1.42 -23.38 -30.93
N GLN A 555 2.46 -23.87 -30.28
CA GLN A 555 2.66 -23.58 -28.87
C GLN A 555 4.00 -22.86 -28.67
N PRO A 556 4.20 -22.22 -27.51
CA PRO A 556 5.44 -21.50 -27.23
C PRO A 556 6.74 -22.28 -27.43
N ILE A 557 7.71 -21.60 -28.02
CA ILE A 557 9.03 -22.18 -28.28
C ILE A 557 10.17 -21.38 -27.66
N ILE A 558 11.12 -22.09 -27.08
CA ILE A 558 12.30 -21.48 -26.49
C ILE A 558 13.52 -22.09 -27.13
N ILE A 559 14.37 -21.24 -27.73
CA ILE A 559 15.61 -21.73 -28.30
C ILE A 559 16.66 -21.11 -27.39
N TYR A 560 17.49 -21.96 -26.81
CA TYR A 560 18.49 -21.50 -25.86
C TYR A 560 19.85 -22.13 -26.05
N ILE A 561 20.83 -21.30 -26.41
CA ILE A 561 22.19 -21.78 -26.59
C ILE A 561 22.76 -21.89 -25.19
N PRO A 562 23.12 -23.11 -24.76
CA PRO A 562 23.68 -23.47 -23.45
C PRO A 562 25.08 -22.91 -23.15
N PRO A 563 25.50 -23.00 -21.88
CA PRO A 563 26.81 -22.52 -21.46
C PRO A 563 28.00 -22.77 -22.39
N THR A 564 28.41 -24.01 -22.63
CA THR A 564 29.57 -24.17 -23.51
C THR A 564 29.23 -24.49 -24.96
N GLY A 565 28.05 -24.09 -25.39
CA GLY A 565 27.63 -24.38 -26.75
C GLY A 565 27.76 -23.26 -27.75
N GLU A 566 27.29 -23.52 -28.95
CA GLU A 566 27.36 -22.54 -30.02
C GLU A 566 26.30 -22.78 -31.10
N LEU A 567 26.15 -21.80 -31.97
CA LEU A 567 25.22 -21.88 -33.08
C LEU A 567 25.90 -21.11 -34.21
N ARG A 568 26.26 -21.84 -35.27
CA ARG A 568 26.93 -21.24 -36.41
C ARG A 568 26.08 -21.22 -37.69
N GLY A 569 26.58 -20.51 -38.71
CA GLY A 569 25.88 -20.37 -39.97
C GLY A 569 24.93 -21.46 -40.42
N GLY A 570 25.48 -22.61 -40.80
CA GLY A 570 24.62 -23.68 -41.26
C GLY A 570 23.49 -24.03 -40.30
N SER A 571 23.77 -23.93 -39.00
CA SER A 571 22.81 -24.29 -37.98
C SER A 571 21.90 -23.19 -37.41
N TRP A 572 22.38 -21.95 -37.40
CA TRP A 572 21.56 -20.88 -36.87
C TRP A 572 20.34 -20.63 -37.75
N VAL A 573 20.57 -20.67 -39.06
CA VAL A 573 19.54 -20.45 -40.05
C VAL A 573 18.25 -21.23 -39.84
N VAL A 574 18.40 -22.52 -39.60
CA VAL A 574 17.24 -23.38 -39.46
C VAL A 574 16.52 -23.30 -38.10
N VAL A 575 16.94 -22.39 -37.23
CA VAL A 575 16.30 -22.32 -35.94
C VAL A 575 16.14 -20.90 -35.41
N ASP A 576 16.21 -19.91 -36.30
CA ASP A 576 16.06 -18.51 -35.88
C ASP A 576 14.64 -18.14 -35.52
N PRO A 577 14.46 -17.27 -34.52
CA PRO A 577 13.14 -16.81 -34.08
C PRO A 577 12.20 -16.24 -35.13
N THR A 578 12.75 -15.68 -36.20
CA THR A 578 11.91 -15.10 -37.23
C THR A 578 11.21 -16.13 -38.11
N ILE A 579 11.63 -17.39 -38.00
CA ILE A 579 10.99 -18.44 -38.78
C ILE A 579 9.55 -18.55 -38.33
N ASN A 580 9.29 -18.15 -37.10
CA ASN A 580 7.93 -18.20 -36.52
C ASN A 580 7.84 -17.21 -35.35
N ALA A 581 7.86 -15.91 -35.68
CA ALA A 581 7.79 -14.85 -34.68
C ALA A 581 6.67 -15.04 -33.68
N ASP A 582 5.55 -15.60 -34.14
CA ASP A 582 4.41 -15.83 -33.26
C ASP A 582 4.69 -16.66 -32.02
N GLN A 583 5.44 -17.75 -32.15
CA GLN A 583 5.72 -18.63 -31.00
C GLN A 583 7.15 -18.77 -30.50
N MSE A 584 8.14 -18.45 -31.34
CA MSE A 584 9.54 -18.62 -30.97
C MSE A 584 10.24 -17.47 -30.28
O MSE A 584 9.99 -16.29 -30.57
CB MSE A 584 10.35 -19.02 -32.20
CG MSE A 584 10.01 -20.36 -32.80
SE MSE A 584 10.81 -20.55 -34.54
CE MSE A 584 12.55 -21.22 -33.99
N GLU A 585 11.16 -17.83 -29.40
CA GLU A 585 11.93 -16.87 -28.64
C GLU A 585 13.33 -17.43 -28.50
N MSE A 586 14.35 -16.60 -28.60
CA MSE A 586 15.70 -17.12 -28.46
C MSE A 586 16.49 -16.44 -27.36
O MSE A 586 16.45 -15.22 -27.20
CB MSE A 586 16.48 -17.00 -29.77
CG MSE A 586 17.56 -18.05 -29.89
SE MSE A 586 18.89 -17.58 -31.20
CE MSE A 586 18.42 -18.86 -32.63
N TYR A 587 17.21 -17.26 -26.60
CA TYR A 587 18.04 -16.79 -25.49
C TYR A 587 19.42 -17.44 -25.58
N ALA A 588 20.46 -16.70 -25.21
CA ALA A 588 21.82 -17.25 -25.26
C ALA A 588 22.49 -17.13 -23.91
N ASP A 589 23.27 -18.13 -23.56
CA ASP A 589 23.98 -18.11 -22.29
C ASP A 589 25.13 -17.13 -22.38
N VAL A 590 25.51 -16.55 -21.25
CA VAL A 590 26.61 -15.58 -21.23
C VAL A 590 27.91 -16.22 -21.67
N ASN A 591 27.98 -17.55 -21.56
CA ASN A 591 29.17 -18.28 -21.95
C ASN A 591 29.02 -19.09 -23.22
N ALA A 592 28.04 -18.74 -24.04
CA ALA A 592 27.83 -19.43 -25.29
C ALA A 592 28.55 -18.65 -26.37
N ARG A 593 28.57 -19.19 -27.57
CA ARG A 593 29.21 -18.52 -28.68
C ARG A 593 28.31 -18.65 -29.91
N ALA A 594 28.39 -17.68 -30.80
CA ALA A 594 27.58 -17.71 -32.02
C ALA A 594 28.15 -16.76 -33.05
N GLY A 595 28.22 -17.23 -34.29
CA GLY A 595 28.73 -16.41 -35.38
C GLY A 595 28.62 -17.20 -36.67
N VAL A 596 28.72 -16.55 -37.82
CA VAL A 596 28.61 -17.24 -39.10
C VAL A 596 29.66 -18.33 -39.24
N LEU A 597 30.88 -18.04 -38.80
CA LEU A 597 31.97 -19.00 -38.87
C LEU A 597 32.63 -19.12 -37.51
N GLU A 598 33.26 -20.26 -37.26
CA GLU A 598 33.99 -20.46 -36.01
C GLU A 598 35.22 -19.56 -36.18
N PRO A 599 35.90 -19.24 -35.07
CA PRO A 599 37.09 -18.38 -35.18
C PRO A 599 38.08 -18.81 -36.25
N GLN A 600 38.44 -20.08 -36.26
CA GLN A 600 39.38 -20.59 -37.25
C GLN A 600 38.96 -20.28 -38.68
N GLY A 601 37.72 -20.59 -39.04
CA GLY A 601 37.27 -20.30 -40.39
C GLY A 601 37.32 -18.80 -40.69
N MSE A 602 36.93 -18.00 -39.71
CA MSE A 602 36.90 -16.54 -39.84
C MSE A 602 38.31 -15.94 -39.97
O MSE A 602 38.53 -15.03 -40.77
CB MSE A 602 36.18 -15.96 -38.63
CG MSE A 602 36.17 -14.45 -38.54
SE MSE A 602 35.16 -13.58 -39.95
CE MSE A 602 33.35 -14.02 -39.32
N VAL A 603 39.26 -16.43 -39.17
CA VAL A 603 40.62 -15.92 -39.24
C VAL A 603 41.17 -16.28 -40.63
N GLY A 604 40.87 -17.50 -41.08
CA GLY A 604 41.32 -17.95 -42.37
C GLY A 604 40.69 -17.19 -43.52
N ILE A 605 40.27 -15.95 -43.27
CA ILE A 605 39.67 -15.15 -44.33
C ILE A 605 39.86 -13.65 -44.13
N LYS A 606 39.72 -13.18 -42.89
CA LYS A 606 39.85 -11.74 -42.64
C LYS A 606 41.02 -11.36 -41.75
N PHE A 607 41.95 -12.28 -41.56
CA PHE A 607 43.14 -12.03 -40.76
C PHE A 607 44.23 -12.93 -41.29
N ARG A 608 44.48 -12.81 -42.60
CA ARG A 608 45.50 -13.58 -43.32
C ARG A 608 46.89 -13.06 -42.88
N ARG A 609 47.96 -13.74 -43.25
CA ARG A 609 49.29 -13.31 -42.82
C ARG A 609 49.58 -11.82 -43.07
N GLU A 610 49.28 -11.35 -44.27
CA GLU A 610 49.54 -9.96 -44.56
C GLU A 610 49.12 -9.11 -43.36
N LYS A 611 47.82 -9.17 -43.03
CA LYS A 611 47.28 -8.40 -41.90
C LYS A 611 47.94 -8.77 -40.55
N LEU A 612 48.34 -10.03 -40.38
CA LEU A 612 49.00 -10.41 -39.13
C LEU A 612 50.30 -9.60 -39.07
N LEU A 613 51.12 -9.71 -40.11
CA LEU A 613 52.38 -9.00 -40.17
C LEU A 613 52.27 -7.50 -39.85
N ASP A 614 51.35 -6.80 -40.51
CA ASP A 614 51.21 -5.37 -40.24
C ASP A 614 50.85 -5.21 -38.78
N THR A 615 50.23 -6.23 -38.21
CA THR A 615 49.84 -6.15 -36.81
C THR A 615 51.10 -6.23 -35.96
N MSE A 616 52.00 -7.14 -36.30
CA MSE A 616 53.25 -7.26 -35.56
C MSE A 616 53.91 -5.89 -35.73
O MSE A 616 54.38 -5.29 -34.76
CB MSE A 616 54.15 -8.30 -36.18
CG MSE A 616 53.51 -9.67 -36.30
SE MSE A 616 54.92 -10.90 -36.83
CE MSE A 616 54.43 -12.45 -35.69
N ASN A 617 53.91 -5.41 -36.96
CA ASN A 617 54.51 -4.12 -37.29
C ASN A 617 54.07 -3.02 -36.32
N ARG A 618 52.82 -3.09 -35.85
CA ARG A 618 52.33 -2.09 -34.91
C ARG A 618 52.61 -2.50 -33.45
N LEU A 619 53.26 -3.65 -33.29
CA LEU A 619 53.62 -4.19 -31.96
C LEU A 619 54.12 -5.63 -32.04
N GLU A 653 58.63 -17.27 -36.65
CA GLU A 653 58.96 -16.56 -35.41
C GLU A 653 57.80 -16.47 -34.41
N LEU A 654 57.10 -15.33 -34.42
CA LEU A 654 55.97 -15.08 -33.50
C LEU A 654 54.57 -15.43 -34.06
N LEU A 655 54.50 -16.36 -35.01
CA LEU A 655 53.20 -16.73 -35.56
C LEU A 655 52.31 -17.44 -34.54
N PRO A 656 52.74 -18.61 -34.03
CA PRO A 656 51.94 -19.35 -33.06
C PRO A 656 51.15 -18.46 -32.09
N ILE A 657 51.84 -17.49 -31.49
CA ILE A 657 51.21 -16.58 -30.52
C ILE A 657 50.24 -15.62 -31.20
N TYR A 658 50.71 -14.84 -32.17
CA TYR A 658 49.82 -13.93 -32.86
C TYR A 658 48.64 -14.68 -33.47
N GLY A 659 48.92 -15.80 -34.15
CA GLY A 659 47.83 -16.58 -34.73
C GLY A 659 46.75 -16.74 -33.67
N GLN A 660 47.17 -16.96 -32.43
CA GLN A 660 46.21 -17.10 -31.35
C GLN A 660 45.49 -15.78 -31.15
N ILE A 661 46.24 -14.69 -31.06
CA ILE A 661 45.60 -13.39 -30.86
C ILE A 661 44.48 -13.18 -31.87
N SER A 662 44.74 -13.53 -33.13
CA SER A 662 43.74 -13.34 -34.18
C SER A 662 42.52 -14.17 -33.81
N LEU A 663 42.75 -15.41 -33.44
CA LEU A 663 41.68 -16.30 -33.04
C LEU A 663 40.81 -15.59 -32.00
N GLN A 664 41.41 -15.20 -30.88
CA GLN A 664 40.67 -14.52 -29.83
C GLN A 664 40.04 -13.21 -30.31
N PHE A 665 40.65 -12.57 -31.30
CA PHE A 665 40.10 -11.31 -31.80
C PHE A 665 38.71 -11.60 -32.36
N ALA A 666 38.61 -12.70 -33.10
CA ALA A 666 37.37 -13.13 -33.69
C ALA A 666 36.38 -13.54 -32.61
N ASP A 667 36.85 -14.41 -31.72
CA ASP A 667 36.02 -14.93 -30.64
C ASP A 667 35.31 -13.83 -29.86
N LEU A 668 35.87 -12.63 -29.89
CA LEU A 668 35.30 -11.49 -29.19
C LEU A 668 34.07 -10.93 -29.89
N HIS A 669 33.82 -11.44 -31.09
CA HIS A 669 32.68 -11.02 -31.89
C HIS A 669 31.49 -11.92 -31.64
N ASP A 670 31.80 -13.18 -31.32
CA ASP A 670 30.79 -14.22 -31.11
C ASP A 670 30.23 -14.30 -29.68
N ARG A 671 30.16 -13.16 -29.00
CA ARG A 671 29.66 -13.13 -27.63
C ARG A 671 28.18 -12.77 -27.52
N SER A 672 27.55 -13.24 -26.47
CA SER A 672 26.14 -12.96 -26.26
C SER A 672 25.93 -11.46 -26.18
N SER A 673 26.98 -10.75 -25.76
CA SER A 673 26.91 -9.30 -25.65
C SER A 673 26.61 -8.68 -27.00
N ARG A 674 27.15 -9.28 -28.06
CA ARG A 674 26.89 -8.76 -29.40
C ARG A 674 25.50 -9.20 -29.87
N MSE A 675 25.11 -10.42 -29.52
CA MSE A 675 23.80 -10.89 -29.89
C MSE A 675 22.77 -9.95 -29.31
O MSE A 675 21.86 -9.52 -30.00
CB MSE A 675 23.57 -12.30 -29.37
CG MSE A 675 24.46 -13.30 -30.04
SE MSE A 675 24.05 -15.08 -29.50
CE MSE A 675 25.76 -15.60 -28.71
N VAL A 676 22.92 -9.62 -28.02
CA VAL A 676 22.00 -8.70 -27.36
C VAL A 676 22.04 -7.34 -28.05
N ALA A 677 23.24 -6.90 -28.41
CA ALA A 677 23.45 -5.63 -29.06
C ALA A 677 22.75 -5.51 -30.41
N LYS A 678 22.91 -6.56 -31.21
CA LYS A 678 22.32 -6.61 -32.54
C LYS A 678 20.83 -6.93 -32.58
N GLY A 679 20.25 -7.18 -31.40
CA GLY A 679 18.84 -7.48 -31.32
C GLY A 679 18.42 -8.83 -31.85
N VAL A 680 19.31 -9.82 -31.81
CA VAL A 680 18.96 -11.13 -32.32
C VAL A 680 18.55 -12.16 -31.27
N ILE A 681 18.62 -11.80 -30.00
CA ILE A 681 18.17 -12.71 -28.95
C ILE A 681 17.29 -11.91 -28.00
N SER A 682 16.45 -12.60 -27.24
CA SER A 682 15.58 -11.89 -26.30
C SER A 682 16.29 -11.46 -25.02
N LYS A 683 17.28 -12.23 -24.59
CA LYS A 683 18.01 -11.94 -23.39
C LYS A 683 19.18 -12.91 -23.30
N GLU A 684 20.27 -12.47 -22.67
CA GLU A 684 21.41 -13.36 -22.46
C GLU A 684 21.13 -13.88 -21.05
N LEU A 685 21.47 -15.13 -20.77
CA LEU A 685 21.16 -15.65 -19.45
C LEU A 685 22.28 -16.41 -18.77
N GLU A 686 22.12 -16.59 -17.45
CA GLU A 686 23.07 -17.33 -16.64
C GLU A 686 22.48 -18.69 -16.36
N TRP A 687 23.13 -19.71 -16.90
CA TRP A 687 22.71 -21.09 -16.73
C TRP A 687 22.13 -21.47 -15.36
N THR A 688 22.86 -21.21 -14.26
CA THR A 688 22.39 -21.59 -12.92
C THR A 688 21.09 -20.90 -12.51
N GLU A 689 20.71 -19.87 -13.24
CA GLU A 689 19.48 -19.13 -12.94
C GLU A 689 18.41 -19.39 -14.00
N ALA A 690 18.73 -20.25 -14.97
CA ALA A 690 17.83 -20.56 -16.07
C ALA A 690 16.50 -21.20 -15.69
N ARG A 691 16.54 -22.18 -14.79
CA ARG A 691 15.32 -22.86 -14.37
C ARG A 691 14.36 -21.82 -13.81
N ARG A 692 14.85 -20.91 -12.98
CA ARG A 692 13.98 -19.90 -12.43
C ARG A 692 13.41 -18.98 -13.51
N PHE A 693 14.26 -18.56 -14.44
CA PHE A 693 13.81 -17.67 -15.51
C PHE A 693 12.82 -18.32 -16.47
N PHE A 694 13.16 -19.50 -16.97
CA PHE A 694 12.29 -20.17 -17.93
C PHE A 694 10.97 -20.65 -17.37
N PHE A 695 10.97 -21.06 -16.11
CA PHE A 695 9.71 -21.51 -15.52
C PHE A 695 8.71 -20.37 -15.62
N TRP A 696 9.08 -19.20 -15.09
CA TRP A 696 8.15 -18.08 -15.14
C TRP A 696 7.91 -17.55 -16.55
N ARG A 697 8.91 -17.56 -17.41
CA ARG A 697 8.72 -17.08 -18.75
C ARG A 697 7.68 -17.93 -19.46
N LEU A 698 7.78 -19.24 -19.29
CA LEU A 698 6.86 -20.17 -19.91
C LEU A 698 5.47 -20.04 -19.32
N ARG A 699 5.40 -19.92 -18.00
CA ARG A 699 4.12 -19.79 -17.30
C ARG A 699 3.39 -18.53 -17.75
N ARG A 700 4.13 -17.45 -17.91
CA ARG A 700 3.55 -16.19 -18.32
C ARG A 700 2.98 -16.30 -19.72
N ARG A 701 3.74 -16.92 -20.61
CA ARG A 701 3.36 -17.10 -22.01
C ARG A 701 2.17 -18.04 -22.19
N LEU A 702 2.13 -19.12 -21.41
CA LEU A 702 1.01 -20.04 -21.49
C LEU A 702 -0.22 -19.24 -21.13
N ASN A 703 -0.08 -18.32 -20.19
CA ASN A 703 -1.22 -17.52 -19.80
C ASN A 703 -1.61 -16.51 -20.87
N GLU A 704 -0.63 -15.89 -21.50
CA GLU A 704 -0.97 -14.94 -22.55
C GLU A 704 -1.59 -15.64 -23.76
N GLU A 705 -1.04 -16.80 -24.13
CA GLU A 705 -1.56 -17.57 -25.26
C GLU A 705 -3.03 -17.90 -25.08
N TYR A 706 -3.37 -18.42 -23.92
CA TYR A 706 -4.74 -18.79 -23.60
C TYR A 706 -5.65 -17.59 -23.80
N LEU A 707 -5.17 -16.41 -23.41
CA LEU A 707 -5.95 -15.19 -23.57
C LEU A 707 -6.10 -14.84 -25.05
N ILE A 708 -5.04 -15.01 -25.83
CA ILE A 708 -5.13 -14.70 -27.24
C ILE A 708 -6.21 -15.60 -27.86
N LYS A 709 -6.22 -16.88 -27.47
CA LYS A 709 -7.20 -17.83 -27.99
C LYS A 709 -8.57 -17.67 -27.34
N ARG A 710 -8.95 -16.42 -27.08
CA ARG A 710 -10.25 -16.10 -26.48
C ARG A 710 -10.69 -14.87 -27.24
N LEU A 711 -9.76 -13.95 -27.45
CA LEU A 711 -10.08 -12.78 -28.23
C LEU A 711 -10.28 -13.37 -29.62
N SER A 712 -9.66 -14.51 -29.88
CA SER A 712 -9.81 -15.17 -31.18
C SER A 712 -11.25 -15.64 -31.39
N HIS A 713 -11.84 -16.25 -30.37
CA HIS A 713 -13.22 -16.69 -30.50
C HIS A 713 -14.11 -15.44 -30.38
N GLN A 714 -13.66 -14.33 -30.99
CA GLN A 714 -14.44 -13.08 -30.98
C GLN A 714 -15.40 -13.23 -32.16
N VAL A 715 -15.31 -12.33 -33.14
CA VAL A 715 -16.16 -12.41 -34.33
C VAL A 715 -15.51 -11.67 -35.50
N GLY A 716 -14.51 -10.84 -35.17
CA GLY A 716 -13.79 -10.09 -36.18
C GLY A 716 -12.33 -10.02 -35.77
N GLU A 717 -11.62 -11.13 -35.95
CA GLU A 717 -10.21 -11.17 -35.56
C GLU A 717 -9.32 -10.16 -36.29
N ALA A 718 -8.06 -10.15 -35.88
CA ALA A 718 -7.03 -9.28 -36.45
C ALA A 718 -5.69 -9.98 -36.20
N SER A 719 -4.60 -9.27 -36.47
CA SER A 719 -3.29 -9.85 -36.27
C SER A 719 -3.05 -10.32 -34.84
N ARG A 720 -2.15 -11.28 -34.67
CA ARG A 720 -1.82 -11.76 -33.34
C ARG A 720 -1.39 -10.51 -32.58
N LEU A 721 -0.75 -9.59 -33.31
CA LEU A 721 -0.27 -8.35 -32.73
C LEU A 721 -1.38 -7.51 -32.09
N GLU A 722 -2.49 -7.30 -32.81
CA GLU A 722 -3.57 -6.50 -32.26
C GLU A 722 -4.15 -7.14 -31.01
N LYS A 723 -4.21 -8.47 -30.99
CA LYS A 723 -4.75 -9.18 -29.81
C LYS A 723 -3.85 -9.07 -28.57
N ILE A 724 -2.56 -9.37 -28.74
CA ILE A 724 -1.66 -9.30 -27.60
C ILE A 724 -1.58 -7.86 -27.06
N ALA A 725 -1.71 -6.89 -27.96
CA ALA A 725 -1.64 -5.47 -27.59
C ALA A 725 -2.80 -5.10 -26.68
N ARG A 726 -4.01 -5.47 -27.09
CA ARG A 726 -5.21 -5.19 -26.34
C ARG A 726 -5.33 -6.01 -25.05
N ILE A 727 -4.71 -7.18 -25.02
CA ILE A 727 -4.75 -7.99 -23.81
C ILE A 727 -3.83 -7.34 -22.79
N ARG A 728 -2.72 -6.80 -23.27
CA ARG A 728 -1.77 -6.14 -22.40
C ARG A 728 -2.27 -4.75 -21.99
N SER A 729 -3.28 -4.27 -22.69
CA SER A 729 -3.85 -2.98 -22.34
C SER A 729 -4.71 -3.19 -21.11
N TRP A 730 -5.18 -4.43 -20.90
CA TRP A 730 -6.02 -4.76 -19.75
C TRP A 730 -5.21 -4.88 -18.47
N TYR A 731 -3.91 -5.10 -18.60
CA TYR A 731 -3.07 -5.23 -17.42
C TYR A 731 -3.11 -3.93 -16.65
N PRO A 732 -2.94 -4.02 -15.31
CA PRO A 732 -2.95 -2.81 -14.49
C PRO A 732 -1.70 -2.02 -14.88
N ALA A 733 -1.82 -0.70 -14.89
CA ALA A 733 -0.73 0.20 -15.23
C ALA A 733 0.57 -0.08 -14.47
N SER A 734 0.46 -0.47 -13.22
CA SER A 734 1.65 -0.72 -12.44
C SER A 734 2.31 -2.05 -12.72
N VAL A 735 1.61 -2.93 -13.44
CA VAL A 735 2.18 -4.22 -13.81
C VAL A 735 3.23 -3.98 -14.88
N ASP A 736 4.42 -4.53 -14.66
CA ASP A 736 5.51 -4.39 -15.62
C ASP A 736 5.33 -5.48 -16.67
N HIS A 737 4.94 -5.08 -17.88
CA HIS A 737 4.74 -6.04 -18.94
C HIS A 737 5.96 -6.94 -19.13
N GLU A 738 7.11 -6.50 -18.62
CA GLU A 738 8.32 -7.29 -18.78
C GLU A 738 8.59 -8.30 -17.68
N ASP A 739 7.84 -8.22 -16.58
CA ASP A 739 7.99 -9.13 -15.46
C ASP A 739 7.09 -10.34 -15.67
N ASP A 740 7.69 -11.47 -16.04
CA ASP A 740 6.94 -12.68 -16.31
C ASP A 740 6.12 -13.16 -15.12
N ARG A 741 6.76 -13.26 -13.96
CA ARG A 741 6.06 -13.72 -12.76
C ARG A 741 4.92 -12.80 -12.32
N GLN A 742 5.09 -11.50 -12.47
CA GLN A 742 4.04 -10.59 -12.07
C GLN A 742 2.85 -10.81 -12.99
N VAL A 743 3.11 -10.76 -14.29
CA VAL A 743 2.11 -10.94 -15.32
C VAL A 743 1.38 -12.26 -15.15
N ALA A 744 2.12 -13.34 -14.99
CA ALA A 744 1.49 -14.65 -14.83
C ALA A 744 0.59 -14.62 -13.60
N THR A 745 1.10 -14.03 -12.52
CA THR A 745 0.36 -13.93 -11.26
C THR A 745 -0.90 -13.07 -11.33
N TRP A 746 -0.84 -11.93 -11.99
CA TRP A 746 -2.02 -11.11 -12.11
C TRP A 746 -3.05 -11.81 -12.99
N ILE A 747 -2.59 -12.47 -14.04
CA ILE A 747 -3.49 -13.16 -14.94
C ILE A 747 -4.23 -14.31 -14.27
N GLU A 748 -3.54 -15.10 -13.48
CA GLU A 748 -4.19 -16.21 -12.79
C GLU A 748 -5.15 -15.72 -11.70
N GLU A 749 -4.98 -14.48 -11.27
CA GLU A 749 -5.85 -13.90 -10.24
C GLU A 749 -7.10 -13.25 -10.83
N ASN A 750 -7.12 -13.11 -12.16
CA ASN A 750 -8.25 -12.46 -12.79
C ASN A 750 -8.89 -13.23 -13.95
N TYR A 751 -8.61 -14.52 -14.07
CA TYR A 751 -9.19 -15.33 -15.14
C TYR A 751 -10.65 -14.99 -15.38
N LYS A 752 -11.47 -15.01 -14.33
CA LYS A 752 -12.87 -14.66 -14.49
C LYS A 752 -13.03 -13.18 -14.81
N THR A 753 -12.32 -12.31 -14.11
CA THR A 753 -12.44 -10.88 -14.40
C THR A 753 -12.15 -10.59 -15.87
N LEU A 754 -11.07 -11.18 -16.38
CA LEU A 754 -10.69 -11.04 -17.78
C LEU A 754 -11.81 -11.62 -18.66
N ASP A 755 -12.43 -12.69 -18.17
CA ASP A 755 -13.49 -13.35 -18.92
C ASP A 755 -14.75 -12.48 -19.03
N ASP A 756 -14.93 -11.57 -18.07
CA ASP A 756 -16.08 -10.67 -18.10
C ASP A 756 -15.79 -9.66 -19.21
N LYS A 757 -14.62 -9.05 -19.12
CA LYS A 757 -14.14 -8.07 -20.08
C LYS A 757 -14.43 -8.51 -21.51
N LEU A 758 -14.35 -9.82 -21.75
CA LEU A 758 -14.61 -10.39 -23.07
C LEU A 758 -16.11 -10.41 -23.38
N LYS A 759 -16.90 -11.06 -22.51
CA LYS A 759 -18.34 -11.13 -22.71
C LYS A 759 -18.88 -9.81 -23.24
N GLY A 760 -18.65 -8.74 -22.51
CA GLY A 760 -19.14 -7.43 -22.94
C GLY A 760 -18.34 -6.81 -24.07
N LEU A 761 -17.75 -7.66 -24.89
CA LEU A 761 -16.94 -7.24 -26.05
C LEU A 761 -17.71 -7.85 -27.22
N LYS A 762 -18.45 -8.92 -26.91
CA LYS A 762 -19.25 -9.64 -27.89
C LYS A 762 -20.26 -8.71 -28.56
N LEU A 763 -21.06 -8.01 -27.77
CA LEU A 763 -22.04 -7.11 -28.32
C LEU A 763 -21.34 -6.09 -29.25
N GLU A 764 -20.00 -6.10 -29.21
CA GLU A 764 -19.21 -5.21 -30.06
C GLU A 764 -18.47 -6.05 -31.09
N SER A 765 -18.93 -7.28 -31.24
CA SER A 765 -18.37 -8.23 -32.20
C SER A 765 -19.53 -8.78 -33.06
N PHE A 766 -20.22 -7.86 -33.70
CA PHE A 766 -21.34 -8.18 -34.58
C PHE A 766 -21.09 -7.25 -35.76
N ALA A 767 -21.23 -5.95 -35.51
CA ALA A 767 -20.98 -4.93 -36.51
C ALA A 767 -19.48 -5.02 -36.82
N GLN A 768 -19.08 -6.04 -37.45
N LEU B 52 -19.06 -23.87 -13.03
CA LEU B 52 -17.85 -23.64 -12.20
C LEU B 52 -17.01 -22.41 -12.59
N ARG B 53 -16.26 -22.49 -13.69
CA ARG B 53 -15.38 -21.37 -14.10
C ARG B 53 -14.85 -21.50 -15.55
N PRO B 54 -13.94 -20.57 -15.97
CA PRO B 54 -13.41 -20.68 -17.34
C PRO B 54 -12.80 -22.08 -17.55
N ILE B 55 -13.41 -22.82 -18.49
CA ILE B 55 -13.07 -24.21 -18.83
C ILE B 55 -11.59 -24.67 -18.98
N ALA B 56 -10.81 -23.99 -19.82
CA ALA B 56 -9.46 -24.42 -20.08
C ALA B 56 -8.33 -23.44 -19.77
N THR B 57 -8.14 -23.11 -18.50
CA THR B 57 -7.07 -22.20 -18.12
C THR B 57 -5.81 -22.99 -17.83
N PRO B 58 -4.63 -22.43 -18.13
CA PRO B 58 -3.34 -23.08 -17.91
C PRO B 58 -3.12 -23.47 -16.44
N TYR B 59 -3.57 -22.62 -15.52
CA TYR B 59 -3.43 -22.88 -14.08
C TYR B 59 -4.77 -22.71 -13.35
N PRO B 60 -4.81 -23.08 -12.06
CA PRO B 60 -6.06 -22.95 -11.30
C PRO B 60 -6.68 -21.57 -11.41
N VAL B 61 -8.01 -21.51 -11.30
CA VAL B 61 -8.73 -20.24 -11.38
C VAL B 61 -8.95 -19.74 -9.96
N LYS B 62 -8.04 -18.89 -9.50
CA LYS B 62 -8.08 -18.32 -8.15
C LYS B 62 -9.44 -17.76 -7.74
N GLU B 63 -10.11 -17.09 -8.66
CA GLU B 63 -11.41 -16.50 -8.32
C GLU B 63 -12.46 -17.57 -8.09
N TRP B 64 -12.14 -18.81 -8.47
CA TRP B 64 -13.05 -19.94 -8.29
C TRP B 64 -12.67 -20.73 -7.05
N LEU B 65 -11.37 -20.92 -6.84
CA LEU B 65 -10.87 -21.66 -5.69
C LEU B 65 -11.33 -20.99 -4.39
N GLN B 66 -11.53 -19.68 -4.47
CA GLN B 66 -12.01 -18.87 -3.36
C GLN B 66 -12.84 -17.77 -4.01
N PRO B 67 -14.16 -17.99 -4.11
CA PRO B 67 -15.10 -17.04 -4.72
C PRO B 67 -14.92 -15.62 -4.22
N LYS B 68 -14.49 -15.48 -2.97
CA LYS B 68 -14.27 -14.17 -2.34
C LYS B 68 -13.37 -13.26 -3.17
N ARG B 69 -12.34 -13.84 -3.79
CA ARG B 69 -11.42 -13.08 -4.62
C ARG B 69 -12.20 -12.38 -5.72
N TYR B 70 -13.14 -13.09 -6.32
CA TYR B 70 -13.94 -12.52 -7.38
C TYR B 70 -14.72 -11.33 -6.85
N LYS B 71 -15.27 -11.47 -5.64
CA LYS B 71 -16.04 -10.40 -5.03
C LYS B 71 -15.16 -9.20 -4.76
N ALA B 72 -13.95 -9.45 -4.28
CA ALA B 72 -13.07 -8.33 -4.02
C ALA B 72 -12.91 -7.60 -5.34
N HIS B 73 -12.62 -8.36 -6.40
CA HIS B 73 -12.44 -7.80 -7.72
C HIS B 73 -13.69 -7.09 -8.26
N LEU B 74 -14.86 -7.68 -8.07
CA LEU B 74 -16.10 -7.09 -8.56
C LEU B 74 -16.30 -5.70 -7.97
N MSE B 75 -15.59 -5.40 -6.88
CA MSE B 75 -15.72 -4.09 -6.24
C MSE B 75 -14.57 -3.13 -6.52
O MSE B 75 -14.50 -2.04 -5.95
CB MSE B 75 -15.91 -4.28 -4.74
CG MSE B 75 -17.20 -5.02 -4.43
SE MSE B 75 -17.44 -5.45 -2.54
CE MSE B 75 -18.12 -3.67 -2.00
N GLY B 76 -13.67 -3.56 -7.41
CA GLY B 76 -12.55 -2.72 -7.80
C GLY B 76 -11.37 -2.68 -6.85
N THR B 77 -11.25 -3.71 -6.01
CA THR B 77 -10.13 -3.74 -5.08
C THR B 77 -9.47 -5.11 -5.10
N THR B 78 -8.33 -5.20 -4.42
CA THR B 78 -7.55 -6.43 -4.33
C THR B 78 -8.12 -7.25 -3.19
N TYR B 79 -8.06 -8.57 -3.32
CA TYR B 79 -8.56 -9.42 -2.25
C TYR B 79 -7.52 -9.29 -1.13
N VAL B 80 -7.97 -9.18 0.12
CA VAL B 80 -7.02 -9.02 1.22
C VAL B 80 -5.85 -9.97 1.22
N TYR B 81 -6.10 -11.28 1.14
CA TYR B 81 -5.00 -12.24 1.18
C TYR B 81 -4.02 -12.13 0.02
N ASP B 82 -4.35 -11.30 -0.96
CA ASP B 82 -3.46 -11.11 -2.08
C ASP B 82 -2.58 -9.88 -1.87
N PHE B 83 -2.85 -9.08 -0.83
CA PHE B 83 -2.02 -7.90 -0.59
C PHE B 83 -0.58 -8.24 -0.21
N PRO B 84 -0.38 -9.36 0.50
CA PRO B 84 1.02 -9.66 0.84
C PRO B 84 1.87 -9.77 -0.43
N GLU B 85 1.31 -10.39 -1.46
CA GLU B 85 1.97 -10.57 -2.74
C GLU B 85 2.32 -9.25 -3.41
N LEU B 86 1.45 -8.25 -3.29
CA LEU B 86 1.74 -6.94 -3.87
C LEU B 86 2.95 -6.33 -3.16
N PHE B 87 3.10 -6.63 -1.87
CA PHE B 87 4.24 -6.12 -1.13
C PHE B 87 5.51 -6.84 -1.60
N ARG B 88 5.37 -8.10 -2.01
CA ARG B 88 6.52 -8.85 -2.49
C ARG B 88 7.02 -8.22 -3.79
N GLN B 89 6.10 -7.86 -4.68
CA GLN B 89 6.46 -7.24 -5.95
C GLN B 89 7.04 -5.85 -5.72
N ALA B 90 6.41 -5.06 -4.87
CA ALA B 90 6.91 -3.72 -4.60
C ALA B 90 8.30 -3.77 -3.99
N SER B 91 8.53 -4.73 -3.10
CA SER B 91 9.84 -4.87 -2.46
C SER B 91 10.91 -5.42 -3.42
N SER B 92 10.51 -6.30 -4.33
CA SER B 92 11.46 -6.86 -5.31
C SER B 92 11.73 -5.80 -6.34
N SER B 93 10.67 -5.06 -6.68
CA SER B 93 10.78 -3.99 -7.64
C SER B 93 11.63 -2.87 -7.05
N GLN B 94 11.63 -2.77 -5.72
CA GLN B 94 12.41 -1.74 -5.03
C GLN B 94 13.88 -2.11 -5.16
N TRP B 95 14.16 -3.40 -5.10
CA TRP B 95 15.53 -3.91 -5.25
C TRP B 95 16.11 -3.65 -6.64
N LYS B 96 15.31 -3.90 -7.68
CA LYS B 96 15.80 -3.68 -9.04
C LYS B 96 16.13 -2.22 -9.33
N ASN B 97 15.31 -1.30 -8.82
CA ASN B 97 15.57 0.11 -9.05
C ASN B 97 16.87 0.52 -8.35
N PHE B 98 17.24 -0.22 -7.31
CA PHE B 98 18.43 0.09 -6.56
C PHE B 98 19.66 -0.54 -7.19
N SER B 99 19.58 -1.84 -7.45
CA SER B 99 20.70 -2.55 -8.06
C SER B 99 20.18 -3.75 -8.83
N ALA B 100 19.90 -3.54 -10.11
CA ALA B 100 19.38 -4.57 -11.00
C ALA B 100 20.20 -5.86 -11.05
N ASP B 101 21.48 -5.77 -10.70
CA ASP B 101 22.36 -6.93 -10.70
C ASP B 101 22.08 -7.88 -9.55
N VAL B 102 21.40 -7.39 -8.53
CA VAL B 102 21.09 -8.22 -7.37
C VAL B 102 20.15 -9.37 -7.75
N LYS B 103 20.35 -10.51 -7.11
CA LYS B 103 19.56 -11.70 -7.35
C LYS B 103 18.85 -12.06 -6.04
N LEU B 104 17.53 -12.24 -6.10
CA LEU B 104 16.77 -12.56 -4.90
C LEU B 104 16.20 -13.95 -4.87
N THR B 105 16.27 -14.57 -3.71
CA THR B 105 15.70 -15.88 -3.51
C THR B 105 14.35 -15.48 -2.90
N ASP B 106 13.45 -16.43 -2.66
CA ASP B 106 12.17 -16.04 -2.07
C ASP B 106 12.11 -15.98 -0.55
N ASP B 107 13.28 -16.01 0.11
CA ASP B 107 13.30 -15.93 1.57
C ASP B 107 13.57 -14.47 1.94
N PHE B 108 13.68 -13.63 0.92
CA PHE B 108 13.92 -12.21 1.13
C PHE B 108 12.61 -11.57 1.62
N PHE B 109 11.49 -12.23 1.36
CA PHE B 109 10.18 -11.73 1.73
C PHE B 109 9.33 -12.79 2.46
N ILE B 110 8.97 -12.49 3.70
CA ILE B 110 8.18 -13.39 4.53
C ILE B 110 6.89 -12.72 4.90
N SER B 111 5.79 -13.44 4.79
CA SER B 111 4.51 -12.88 5.18
C SER B 111 3.83 -13.90 6.09
N ASN B 112 3.55 -13.48 7.31
CA ASN B 112 2.91 -14.35 8.28
C ASN B 112 1.58 -13.77 8.73
N GLU B 113 0.49 -14.51 8.53
CA GLU B 113 -0.80 -14.00 8.98
C GLU B 113 -0.87 -14.06 10.51
N LEU B 114 -1.56 -13.09 11.09
CA LEU B 114 -1.70 -13.02 12.54
C LEU B 114 -3.16 -13.16 12.95
N ILE B 115 -3.44 -14.09 13.86
CA ILE B 115 -4.80 -14.29 14.35
C ILE B 115 -4.72 -14.52 15.85
N GLU B 116 -5.75 -14.10 16.57
CA GLU B 116 -5.76 -14.28 18.01
C GLU B 116 -5.92 -15.76 18.36
N ASP B 117 -5.24 -16.21 19.40
CA ASP B 117 -5.38 -17.61 19.80
C ASP B 117 -6.55 -17.65 20.78
N GLU B 118 -6.67 -18.73 21.53
CA GLU B 118 -7.79 -18.84 22.48
C GLU B 118 -7.70 -17.92 23.69
N ASN B 119 -6.67 -17.08 23.77
CA ASN B 119 -6.55 -16.18 24.90
C ASN B 119 -6.44 -14.72 24.45
N GLY B 120 -6.79 -14.44 23.20
CA GLY B 120 -6.71 -13.08 22.71
C GLY B 120 -5.32 -12.63 22.30
N GLU B 121 -4.31 -13.45 22.58
CA GLU B 121 -2.95 -13.12 22.19
C GLU B 121 -2.75 -13.39 20.70
N LEU B 122 -2.13 -12.45 20.00
CA LEU B 122 -1.85 -12.61 18.58
C LEU B 122 -0.77 -13.67 18.36
N THR B 123 -0.96 -14.50 17.33
CA THR B 123 0.00 -15.54 17.01
C THR B 123 0.01 -15.78 15.51
N GLU B 124 1.11 -16.35 15.02
CA GLU B 124 1.28 -16.62 13.58
C GLU B 124 0.69 -17.95 13.11
N VAL B 125 -0.07 -17.89 12.02
CA VAL B 125 -0.71 -19.08 11.48
C VAL B 125 -0.69 -19.07 9.96
N GLU B 126 -0.73 -20.25 9.35
CA GLU B 126 -0.75 -20.35 7.90
C GLU B 126 -1.98 -21.14 7.47
N ARG B 127 -3.05 -20.42 7.13
CA ARG B 127 -4.27 -21.09 6.72
C ARG B 127 -4.56 -20.81 5.25
N GLU B 128 -5.82 -20.87 4.85
CA GLU B 128 -6.19 -20.62 3.46
C GLU B 128 -6.89 -19.28 3.26
N PRO B 129 -6.45 -18.50 2.26
CA PRO B 129 -7.14 -17.22 2.10
C PRO B 129 -8.65 -17.40 2.16
N GLY B 130 -9.32 -16.55 2.96
CA GLY B 130 -10.77 -16.63 3.08
C GLY B 130 -11.29 -17.35 4.30
N ALA B 131 -10.40 -17.93 5.09
CA ALA B 131 -10.81 -18.66 6.29
C ALA B 131 -11.05 -17.72 7.48
N ASN B 132 -10.83 -16.42 7.28
CA ASN B 132 -11.03 -15.49 8.36
C ASN B 132 -12.48 -15.50 8.83
N ALA B 133 -12.67 -15.58 10.15
CA ALA B 133 -14.01 -15.59 10.74
C ALA B 133 -14.40 -14.16 11.10
N ILE B 134 -13.39 -13.30 11.19
CA ILE B 134 -13.55 -11.89 11.52
C ILE B 134 -13.34 -11.07 10.25
N GLY B 135 -13.88 -9.86 10.18
CA GLY B 135 -13.73 -9.02 9.00
C GLY B 135 -12.51 -8.10 8.97
N MSE B 136 -11.46 -8.50 9.66
CA MSE B 136 -10.24 -7.72 9.76
C MSE B 136 -9.13 -8.76 9.75
O MSE B 136 -9.19 -9.73 10.51
CB MSE B 136 -10.21 -6.95 11.07
CG MSE B 136 -9.12 -5.89 11.17
SE MSE B 136 -9.56 -4.32 10.13
CE MSE B 136 -7.78 -3.82 9.58
N VAL B 137 -8.11 -8.56 8.92
CA VAL B 137 -7.00 -9.51 8.83
C VAL B 137 -5.68 -8.77 9.00
N ALA B 138 -4.61 -9.51 9.29
CA ALA B 138 -3.30 -8.89 9.49
C ALA B 138 -2.13 -9.82 9.22
N PHE B 139 -1.04 -9.26 8.71
CA PHE B 139 0.15 -10.04 8.43
C PHE B 139 1.39 -9.36 8.97
N LYS B 140 2.35 -10.12 9.45
CA LYS B 140 3.60 -9.54 9.89
C LYS B 140 4.52 -9.77 8.71
N ILE B 141 5.13 -8.69 8.23
CA ILE B 141 6.01 -8.79 7.09
C ILE B 141 7.46 -8.59 7.49
N THR B 142 8.33 -9.51 7.10
CA THR B 142 9.74 -9.41 7.39
C THR B 142 10.35 -9.28 6.00
N VAL B 143 11.01 -8.16 5.73
CA VAL B 143 11.60 -7.94 4.42
C VAL B 143 13.06 -7.54 4.44
N LYS B 144 13.81 -8.04 3.47
CA LYS B 144 15.21 -7.68 3.32
C LYS B 144 15.10 -6.59 2.27
N THR B 145 15.43 -5.36 2.63
CA THR B 145 15.33 -4.27 1.69
C THR B 145 16.69 -3.62 1.54
N PRO B 146 16.89 -2.85 0.45
CA PRO B 146 18.15 -2.16 0.18
C PRO B 146 18.78 -1.47 1.39
N GLU B 147 17.98 -0.72 2.14
CA GLU B 147 18.52 -0.05 3.31
C GLU B 147 18.61 -0.96 4.55
N TYR B 148 17.97 -2.13 4.50
CA TYR B 148 18.02 -3.11 5.59
C TYR B 148 18.22 -4.50 5.01
N PRO B 149 19.43 -4.77 4.51
CA PRO B 149 19.81 -6.04 3.90
C PRO B 149 19.41 -7.29 4.68
N ARG B 150 19.67 -7.30 5.98
CA ARG B 150 19.33 -8.45 6.79
C ARG B 150 17.86 -8.54 7.16
N GLY B 151 17.10 -7.47 6.95
CA GLY B 151 15.68 -7.53 7.25
C GLY B 151 15.08 -6.53 8.21
N ARG B 152 13.86 -6.10 7.91
CA ARG B 152 13.09 -5.16 8.73
C ARG B 152 11.67 -5.68 8.78
N GLN B 153 10.95 -5.38 9.85
CA GLN B 153 9.59 -5.87 9.97
C GLN B 153 8.59 -4.75 10.11
N PHE B 154 7.33 -5.10 9.89
CA PHE B 154 6.22 -4.18 10.02
C PHE B 154 4.93 -4.99 9.99
N VAL B 155 3.82 -4.39 10.38
CA VAL B 155 2.56 -5.11 10.41
C VAL B 155 1.61 -4.49 9.40
N VAL B 156 0.79 -5.32 8.78
CA VAL B 156 -0.19 -4.86 7.80
C VAL B 156 -1.57 -5.26 8.26
N VAL B 157 -2.46 -4.29 8.37
CA VAL B 157 -3.82 -4.59 8.78
C VAL B 157 -4.75 -4.07 7.73
N ALA B 158 -5.68 -4.91 7.31
CA ALA B 158 -6.62 -4.54 6.28
C ALA B 158 -8.01 -5.03 6.59
N ASN B 159 -8.97 -4.32 6.04
CA ASN B 159 -10.37 -4.69 6.20
C ASN B 159 -10.56 -5.79 5.15
N ASP B 160 -11.49 -6.72 5.38
CA ASP B 160 -11.77 -7.69 4.33
C ASP B 160 -13.09 -7.23 3.72
N ILE B 161 -13.02 -6.45 2.65
CA ILE B 161 -14.22 -5.93 2.02
C ILE B 161 -15.26 -6.99 1.65
N THR B 162 -14.86 -8.26 1.56
CA THR B 162 -15.81 -9.31 1.23
C THR B 162 -16.57 -9.79 2.47
N PHE B 163 -16.10 -9.39 3.65
CA PHE B 163 -16.73 -9.81 4.90
C PHE B 163 -17.72 -8.76 5.40
N LYS B 164 -19.00 -9.00 5.15
CA LYS B 164 -20.03 -8.06 5.56
C LYS B 164 -19.61 -6.66 5.16
N ILE B 165 -19.47 -6.47 3.85
CA ILE B 165 -19.08 -5.20 3.24
C ILE B 165 -17.92 -4.44 3.91
N GLY B 166 -17.02 -5.19 4.55
CA GLY B 166 -15.89 -4.57 5.20
C GLY B 166 -16.29 -3.69 6.36
N SER B 167 -17.48 -3.92 6.89
CA SER B 167 -18.01 -3.16 8.01
C SER B 167 -17.17 -3.41 9.27
N PHE B 168 -17.17 -2.42 10.17
CA PHE B 168 -16.42 -2.55 11.43
C PHE B 168 -17.35 -3.03 12.54
N GLY B 169 -17.12 -4.26 12.99
CA GLY B 169 -17.93 -4.80 14.07
C GLY B 169 -17.14 -4.80 15.37
N PRO B 170 -17.77 -5.11 16.50
CA PRO B 170 -17.05 -5.12 17.77
C PRO B 170 -15.83 -6.01 17.69
N GLN B 171 -15.99 -7.21 17.15
CA GLN B 171 -14.87 -8.13 17.05
C GLN B 171 -13.76 -7.61 16.16
N GLU B 172 -14.13 -6.87 15.12
CA GLU B 172 -13.15 -6.32 14.19
C GLU B 172 -12.34 -5.17 14.81
N ASP B 173 -13.00 -4.37 15.63
CA ASP B 173 -12.32 -3.27 16.29
C ASP B 173 -11.30 -3.83 17.27
N GLU B 174 -11.72 -4.80 18.07
CA GLU B 174 -10.84 -5.43 19.05
C GLU B 174 -9.57 -5.96 18.38
N PHE B 175 -9.72 -6.66 17.26
CA PHE B 175 -8.57 -7.20 16.55
C PHE B 175 -7.65 -6.07 16.02
N PHE B 176 -8.26 -5.03 15.47
CA PHE B 176 -7.52 -3.88 14.95
C PHE B 176 -6.74 -3.22 16.07
N ASN B 177 -7.39 -3.02 17.20
CA ASN B 177 -6.74 -2.40 18.33
C ASN B 177 -5.66 -3.33 18.84
N LYS B 178 -5.94 -4.63 18.85
CA LYS B 178 -4.96 -5.59 19.33
C LYS B 178 -3.71 -5.59 18.47
N VAL B 179 -3.89 -5.52 17.16
CA VAL B 179 -2.79 -5.52 16.20
C VAL B 179 -1.95 -4.25 16.31
N THR B 180 -2.62 -3.13 16.54
CA THR B 180 -1.93 -1.86 16.66
C THR B 180 -1.06 -1.82 17.89
N GLU B 181 -1.55 -2.42 18.96
CA GLU B 181 -0.80 -2.46 20.21
C GLU B 181 0.38 -3.38 20.03
N TYR B 182 0.18 -4.41 19.23
CA TYR B 182 1.19 -5.40 18.93
C TYR B 182 2.38 -4.71 18.28
N ALA B 183 2.12 -3.94 17.23
CA ALA B 183 3.16 -3.22 16.52
C ALA B 183 3.77 -2.11 17.38
N ARG B 184 2.95 -1.50 18.23
CA ARG B 184 3.46 -0.44 19.09
C ARG B 184 4.46 -0.95 20.12
N LYS B 185 4.14 -2.06 20.79
CA LYS B 185 5.08 -2.55 21.78
C LYS B 185 6.40 -2.99 21.14
N ARG B 186 6.36 -3.38 19.88
CA ARG B 186 7.56 -3.81 19.20
C ARG B 186 8.30 -2.65 18.51
N GLY B 187 7.63 -1.51 18.35
CA GLY B 187 8.22 -0.35 17.71
C GLY B 187 8.34 -0.51 16.21
N ILE B 188 7.40 -1.26 15.64
CA ILE B 188 7.36 -1.59 14.23
C ILE B 188 6.30 -0.80 13.48
N PRO B 189 6.53 -0.47 12.19
CA PRO B 189 5.51 0.28 11.46
C PRO B 189 4.18 -0.44 11.34
N ARG B 190 3.10 0.34 11.33
CA ARG B 190 1.78 -0.22 11.19
C ARG B 190 1.18 0.29 9.90
N ILE B 191 0.99 -0.61 8.95
CA ILE B 191 0.41 -0.24 7.66
C ILE B 191 -1.05 -0.67 7.66
N TYR B 192 -1.93 0.26 7.31
CA TYR B 192 -3.36 -0.03 7.26
C TYR B 192 -3.99 0.07 5.87
N LEU B 193 -4.66 -1.01 5.45
CA LEU B 193 -5.32 -1.01 4.15
C LEU B 193 -6.83 -0.83 4.36
N ALA B 194 -7.35 0.33 3.96
CA ALA B 194 -8.77 0.64 4.11
C ALA B 194 -9.67 0.28 2.93
N ALA B 195 -10.66 -0.55 3.20
CA ALA B 195 -11.65 -1.03 2.25
C ALA B 195 -12.81 -1.41 3.16
N ASN B 196 -13.52 -0.40 3.63
CA ASN B 196 -14.60 -0.62 4.57
C ASN B 196 -15.89 0.14 4.27
N SER B 197 -16.94 -0.17 5.03
CA SER B 197 -18.23 0.48 4.86
C SER B 197 -18.66 1.20 6.12
N GLY B 198 -17.73 1.36 7.05
CA GLY B 198 -18.05 2.04 8.30
C GLY B 198 -18.46 1.08 9.41
N ALA B 199 -18.97 1.64 10.51
CA ALA B 199 -19.41 0.85 11.64
C ALA B 199 -20.57 -0.05 11.20
N ARG B 200 -20.65 -1.23 11.81
CA ARG B 200 -21.70 -2.18 11.46
C ARG B 200 -23.04 -1.70 12.01
N ILE B 201 -24.10 -1.85 11.21
CA ILE B 201 -25.45 -1.45 11.63
C ILE B 201 -26.38 -2.63 11.57
N GLY B 202 -27.46 -2.59 12.36
CA GLY B 202 -28.40 -3.68 12.35
C GLY B 202 -29.56 -3.56 13.30
N MSE B 203 -30.53 -4.46 13.14
CA MSE B 203 -31.73 -4.50 13.98
C MSE B 203 -31.91 -5.94 14.43
O MSE B 203 -31.40 -6.88 13.80
CB MSE B 203 -32.96 -4.08 13.19
CG MSE B 203 -32.91 -2.66 12.63
SE MSE B 203 -34.62 -2.19 11.76
CE MSE B 203 -34.70 -3.71 10.51
N ALA B 204 -32.63 -6.12 15.53
CA ALA B 204 -32.88 -7.47 16.05
C ALA B 204 -33.91 -8.11 15.13
N GLU B 205 -33.43 -8.70 14.04
CA GLU B 205 -34.30 -9.34 13.05
C GLU B 205 -35.21 -10.41 13.66
N GLU B 206 -34.71 -11.12 14.67
CA GLU B 206 -35.49 -12.15 15.34
C GLU B 206 -36.77 -11.57 15.94
N ILE B 207 -36.78 -10.27 16.21
CA ILE B 207 -37.97 -9.64 16.78
C ILE B 207 -38.91 -9.17 15.67
N VAL B 208 -38.40 -9.00 14.46
CA VAL B 208 -39.22 -8.51 13.34
C VAL B 208 -40.40 -9.44 13.00
N PRO B 209 -40.19 -10.77 13.09
CA PRO B 209 -41.27 -11.71 12.78
C PRO B 209 -42.34 -11.82 13.86
N LEU B 210 -41.89 -11.95 15.12
CA LEU B 210 -42.82 -12.09 16.23
C LEU B 210 -43.10 -10.82 17.03
N PHE B 211 -43.63 -9.77 16.39
CA PHE B 211 -43.94 -8.54 17.12
C PHE B 211 -45.34 -8.00 16.82
N GLN B 212 -46.00 -7.55 17.88
CA GLN B 212 -47.36 -7.03 17.81
C GLN B 212 -47.51 -5.53 18.02
N VAL B 213 -48.60 -4.99 17.46
CA VAL B 213 -48.91 -3.57 17.54
C VAL B 213 -50.21 -3.35 18.31
N ALA B 214 -50.27 -2.25 19.06
CA ALA B 214 -51.47 -1.91 19.83
C ALA B 214 -52.18 -0.78 19.09
N TRP B 215 -52.78 -1.11 17.95
CA TRP B 215 -53.49 -0.12 17.13
C TRP B 215 -54.55 0.56 17.99
N ASN B 216 -54.76 1.85 17.78
CA ASN B 216 -55.77 2.56 18.55
C ASN B 216 -57.16 1.95 18.30
N ASP B 217 -57.38 1.44 17.08
CA ASP B 217 -58.62 0.76 16.71
C ASP B 217 -58.25 -0.31 15.66
N ALA B 218 -58.25 -1.58 16.07
CA ALA B 218 -57.89 -2.69 15.18
C ALA B 218 -58.43 -2.44 13.78
N ALA B 219 -59.68 -2.00 13.70
CA ALA B 219 -60.33 -1.69 12.43
C ALA B 219 -59.91 -0.27 12.02
N ASN B 220 -59.73 -0.05 10.73
CA ASN B 220 -59.30 1.25 10.19
C ASN B 220 -58.10 1.84 10.97
N PRO B 221 -57.04 1.04 11.19
CA PRO B 221 -55.86 1.53 11.93
C PRO B 221 -55.09 2.56 11.13
N ASP B 222 -55.51 3.81 11.25
CA ASP B 222 -54.84 4.90 10.56
C ASP B 222 -54.60 5.94 11.64
N LYS B 223 -55.34 5.84 12.75
CA LYS B 223 -55.10 6.77 13.85
C LYS B 223 -54.00 6.19 14.75
N GLY B 224 -52.85 5.94 14.13
CA GLY B 224 -51.70 5.40 14.85
C GLY B 224 -51.91 4.17 15.71
N PHE B 225 -51.08 4.10 16.74
CA PHE B 225 -51.08 2.99 17.70
C PHE B 225 -50.43 3.49 19.00
N GLN B 226 -50.76 2.83 20.10
CA GLN B 226 -50.21 3.23 21.38
C GLN B 226 -48.87 2.57 21.75
N TYR B 227 -48.45 1.55 20.98
CA TYR B 227 -47.17 0.87 21.24
C TYR B 227 -46.99 -0.46 20.51
N LEU B 228 -45.88 -1.13 20.80
CA LEU B 228 -45.57 -2.43 20.20
C LEU B 228 -45.35 -3.43 21.33
N TYR B 229 -46.10 -4.52 21.30
CA TYR B 229 -46.00 -5.52 22.37
C TYR B 229 -45.63 -6.92 21.89
N LEU B 230 -45.72 -7.87 22.81
CA LEU B 230 -45.43 -9.26 22.50
C LEU B 230 -46.43 -10.22 23.18
N THR B 231 -47.13 -11.01 22.37
CA THR B 231 -48.09 -11.97 22.90
C THR B 231 -47.30 -12.96 23.76
N SER B 232 -47.90 -13.44 24.84
CA SER B 232 -47.20 -14.40 25.70
C SER B 232 -46.63 -15.56 24.89
N GLU B 233 -47.14 -15.71 23.66
CA GLU B 233 -46.68 -16.78 22.76
C GLU B 233 -45.25 -16.51 22.24
N GLY B 234 -45.10 -15.43 21.48
CA GLY B 234 -43.79 -15.06 20.95
C GLY B 234 -42.75 -14.99 22.08
N MSE B 235 -43.18 -14.52 23.26
CA MSE B 235 -42.29 -14.44 24.40
C MSE B 235 -41.70 -15.83 24.55
O MSE B 235 -40.47 -16.02 24.58
CB MSE B 235 -43.06 -14.08 25.67
CG MSE B 235 -43.24 -12.58 25.88
SE MSE B 235 -41.53 -11.76 26.44
CE MSE B 235 -42.19 -10.74 28.00
N GLU B 236 -42.60 -16.82 24.61
CA GLU B 236 -42.22 -18.22 24.72
C GLU B 236 -41.13 -18.50 23.68
N THR B 237 -41.45 -18.16 22.44
CA THR B 237 -40.55 -18.34 21.30
C THR B 237 -39.12 -17.93 21.65
N LEU B 238 -38.98 -16.70 22.14
CA LEU B 238 -37.67 -16.20 22.53
C LEU B 238 -36.95 -17.21 23.41
N LYS B 239 -37.65 -17.79 24.39
CA LYS B 239 -37.03 -18.78 25.26
C LYS B 239 -36.72 -20.05 24.46
N LYS B 240 -37.53 -20.29 23.44
CA LYS B 240 -37.34 -21.47 22.59
C LYS B 240 -35.92 -21.45 21.99
N PHE B 241 -35.52 -20.29 21.49
CA PHE B 241 -34.18 -20.12 20.91
C PHE B 241 -33.23 -19.56 21.98
N ASP B 242 -33.80 -19.18 23.12
CA ASP B 242 -33.00 -18.64 24.22
C ASP B 242 -32.52 -17.21 23.93
N LYS B 243 -33.48 -16.29 23.86
CA LYS B 243 -33.16 -14.90 23.59
C LYS B 243 -34.05 -14.08 24.50
N GLU B 244 -33.97 -14.43 25.79
CA GLU B 244 -34.74 -13.78 26.84
C GLU B 244 -34.48 -12.28 26.83
N ASN B 245 -33.20 -11.91 26.90
CA ASN B 245 -32.82 -10.50 26.93
C ASN B 245 -32.93 -9.78 25.59
N SER B 246 -33.40 -10.46 24.55
CA SER B 246 -33.52 -9.82 23.25
C SER B 246 -34.39 -8.56 23.32
N VAL B 247 -35.25 -8.47 24.32
CA VAL B 247 -36.10 -7.29 24.46
C VAL B 247 -36.38 -7.08 25.93
N LEU B 248 -36.70 -5.84 26.29
CA LEU B 248 -37.03 -5.49 27.67
C LEU B 248 -38.51 -5.11 27.64
N THR B 249 -39.34 -5.90 28.30
CA THR B 249 -40.78 -5.69 28.30
C THR B 249 -41.40 -5.50 29.68
N GLU B 250 -42.65 -5.07 29.69
CA GLU B 250 -43.41 -4.85 30.93
C GLU B 250 -44.80 -5.49 30.85
N ARG B 251 -44.98 -6.58 31.59
CA ARG B 251 -46.23 -7.33 31.65
C ARG B 251 -47.49 -6.46 31.78
N THR B 252 -48.44 -6.66 30.86
CA THR B 252 -49.72 -5.90 30.88
C THR B 252 -50.90 -6.76 30.40
N VAL B 253 -52.06 -6.57 31.03
CA VAL B 253 -53.29 -7.30 30.64
C VAL B 253 -54.34 -6.28 30.22
N ILE B 254 -55.03 -6.56 29.12
CA ILE B 254 -56.05 -5.61 28.67
C ILE B 254 -57.24 -6.22 27.94
N ASN B 255 -58.33 -6.42 28.68
CA ASN B 255 -59.55 -6.96 28.12
C ASN B 255 -59.35 -8.38 27.62
N GLY B 256 -58.83 -9.23 28.50
CA GLY B 256 -58.60 -10.61 28.11
C GLY B 256 -57.33 -11.27 28.62
N GLU B 257 -56.25 -11.16 27.84
CA GLU B 257 -55.00 -11.83 28.19
C GLU B 257 -53.71 -11.02 28.38
N GLU B 258 -52.60 -11.73 28.13
CA GLU B 258 -51.24 -11.20 28.23
C GLU B 258 -50.96 -10.14 27.17
N ARG B 259 -50.05 -9.24 27.49
CA ARG B 259 -49.66 -8.18 26.58
C ARG B 259 -48.33 -7.65 27.15
N PHE B 260 -47.23 -8.14 26.57
CA PHE B 260 -45.89 -7.76 26.99
C PHE B 260 -45.37 -6.63 26.10
N VAL B 261 -45.60 -5.40 26.54
CA VAL B 261 -45.21 -4.21 25.81
C VAL B 261 -43.69 -4.00 25.77
N ILE B 262 -43.19 -3.71 24.57
CA ILE B 262 -41.76 -3.51 24.36
C ILE B 262 -41.21 -2.18 24.82
N LYS B 263 -40.31 -2.23 25.79
CA LYS B 263 -39.65 -1.06 26.36
C LYS B 263 -38.35 -0.79 25.60
N THR B 264 -37.65 -1.86 25.24
CA THR B 264 -36.39 -1.70 24.53
C THR B 264 -36.03 -2.94 23.72
N ILE B 265 -35.62 -2.75 22.47
CA ILE B 265 -35.19 -3.87 21.65
C ILE B 265 -33.67 -3.88 21.80
N ILE B 266 -33.11 -5.06 22.03
CA ILE B 266 -31.69 -5.25 22.23
C ILE B 266 -31.08 -6.23 21.22
N GLY B 267 -31.81 -7.30 20.93
CA GLY B 267 -31.34 -8.27 19.96
C GLY B 267 -30.31 -9.22 20.50
N SER B 268 -30.40 -10.47 20.08
CA SER B 268 -29.48 -11.49 20.53
C SER B 268 -28.12 -11.28 19.90
N GLU B 269 -28.13 -10.88 18.64
CA GLU B 269 -26.90 -10.67 17.89
C GLU B 269 -26.14 -9.40 18.27
N ASP B 270 -24.81 -9.52 18.39
CA ASP B 270 -23.97 -8.39 18.75
C ASP B 270 -23.41 -7.65 17.54
N GLY B 271 -23.46 -6.32 17.59
CA GLY B 271 -22.95 -5.56 16.48
C GLY B 271 -24.07 -4.83 15.78
N LEU B 272 -25.06 -4.39 16.54
CA LEU B 272 -26.20 -3.68 15.99
C LEU B 272 -26.11 -2.14 16.09
N GLY B 273 -25.56 -1.62 17.18
CA GLY B 273 -25.48 -0.19 17.31
C GLY B 273 -24.31 0.39 18.08
N VAL B 274 -24.63 0.98 19.24
CA VAL B 274 -23.61 1.62 20.07
C VAL B 274 -22.39 0.78 20.43
N GLU B 275 -22.50 -0.54 20.38
CA GLU B 275 -21.34 -1.38 20.69
C GLU B 275 -20.33 -1.27 19.56
N CYS B 276 -20.80 -0.78 18.41
CA CYS B 276 -19.97 -0.59 17.25
C CYS B 276 -19.30 0.75 17.37
N LEU B 277 -20.07 1.73 17.84
CA LEU B 277 -19.58 3.08 18.02
C LEU B 277 -18.48 3.15 19.09
N ARG B 278 -18.57 2.28 20.09
CA ARG B 278 -17.55 2.21 21.13
C ARG B 278 -16.28 1.62 20.52
N GLY B 279 -16.44 0.53 19.78
CA GLY B 279 -15.30 -0.09 19.14
C GLY B 279 -14.59 0.86 18.21
N SER B 280 -15.33 1.82 17.69
CA SER B 280 -14.79 2.81 16.79
C SER B 280 -13.88 3.77 17.50
N GLY B 281 -14.40 4.38 18.56
CA GLY B 281 -13.61 5.30 19.34
C GLY B 281 -12.41 4.60 19.94
N LEU B 282 -12.55 3.31 20.18
CA LEU B 282 -11.45 2.54 20.75
C LEU B 282 -10.25 2.55 19.84
N ILE B 283 -10.48 2.27 18.57
CA ILE B 283 -9.41 2.24 17.60
C ILE B 283 -9.07 3.61 17.07
N ALA B 284 -9.97 4.57 17.29
CA ALA B 284 -9.71 5.94 16.85
C ALA B 284 -8.60 6.50 17.75
N GLY B 285 -8.73 6.26 19.06
CA GLY B 285 -7.77 6.73 20.02
C GLY B 285 -6.48 5.94 19.96
N ALA B 286 -6.59 4.67 19.61
CA ALA B 286 -5.41 3.82 19.50
C ALA B 286 -4.53 4.33 18.36
N THR B 287 -5.16 4.72 17.25
CA THR B 287 -4.43 5.21 16.08
C THR B 287 -3.83 6.57 16.42
N SER B 288 -4.60 7.41 17.10
CA SER B 288 -4.12 8.72 17.50
C SER B 288 -2.84 8.53 18.31
N ARG B 289 -2.81 7.51 19.16
CA ARG B 289 -1.65 7.21 19.97
C ARG B 289 -0.52 6.57 19.13
N ALA B 290 -0.88 5.69 18.21
CA ALA B 290 0.12 5.02 17.39
C ALA B 290 0.96 6.03 16.61
N TYR B 291 0.31 7.06 16.08
CA TYR B 291 1.01 8.07 15.31
C TYR B 291 2.16 8.77 16.04
N HIS B 292 2.15 8.76 17.37
CA HIS B 292 3.22 9.39 18.14
C HIS B 292 4.27 8.38 18.55
N ASP B 293 3.94 7.11 18.32
CA ASP B 293 4.79 6.01 18.72
C ASP B 293 5.51 5.25 17.61
N ILE B 294 4.79 4.88 16.57
CA ILE B 294 5.38 4.13 15.48
C ILE B 294 5.03 4.76 14.14
N PHE B 295 5.78 4.41 13.10
CA PHE B 295 5.48 4.94 11.77
C PHE B 295 4.13 4.37 11.34
N THR B 296 3.18 5.23 11.01
CA THR B 296 1.87 4.78 10.57
C THR B 296 1.57 5.32 9.16
N ILE B 297 0.76 4.59 8.42
CA ILE B 297 0.42 5.00 7.09
C ILE B 297 -0.73 4.12 6.64
N THR B 298 -1.64 4.70 5.87
CA THR B 298 -2.77 3.95 5.41
C THR B 298 -3.07 4.17 3.94
N LEU B 299 -3.48 3.09 3.27
CA LEU B 299 -3.84 3.12 1.86
C LEU B 299 -5.33 2.88 1.67
N VAL B 300 -6.03 3.82 1.05
CA VAL B 300 -7.48 3.67 0.79
C VAL B 300 -7.64 2.87 -0.51
N THR B 301 -8.25 1.69 -0.44
CA THR B 301 -8.34 0.86 -1.64
C THR B 301 -9.66 0.41 -2.24
N CYS B 302 -10.78 0.94 -1.77
CA CYS B 302 -12.07 0.61 -2.34
C CYS B 302 -12.99 1.75 -1.94
N ARG B 303 -12.91 2.08 -0.65
CA ARG B 303 -13.65 3.18 -0.05
C ARG B 303 -13.39 3.11 1.43
N SER B 304 -13.59 4.24 2.12
CA SER B 304 -13.37 4.30 3.56
C SER B 304 -14.42 5.25 4.11
N VAL B 305 -15.33 4.73 4.94
CA VAL B 305 -16.40 5.54 5.52
C VAL B 305 -16.38 5.51 7.05
N GLY B 306 -17.06 6.45 7.70
CA GLY B 306 -17.10 6.47 9.16
C GLY B 306 -15.74 6.41 9.81
N ILE B 307 -15.54 5.52 10.78
CA ILE B 307 -14.22 5.43 11.43
C ILE B 307 -13.20 5.22 10.34
N GLY B 308 -13.65 4.61 9.25
CA GLY B 308 -12.78 4.36 8.12
C GLY B 308 -12.07 5.62 7.68
N ALA B 309 -12.84 6.67 7.44
CA ALA B 309 -12.27 7.94 7.01
C ALA B 309 -11.45 8.58 8.12
N TYR B 310 -11.86 8.34 9.37
CA TYR B 310 -11.16 8.89 10.52
C TYR B 310 -9.83 8.24 10.81
N LEU B 311 -9.76 6.93 10.65
CA LEU B 311 -8.52 6.19 10.86
C LEU B 311 -7.49 6.68 9.84
N VAL B 312 -7.95 6.94 8.62
CA VAL B 312 -7.10 7.43 7.53
C VAL B 312 -6.42 8.72 7.97
N ARG B 313 -7.22 9.66 8.50
CA ARG B 313 -6.69 10.93 8.96
C ARG B 313 -5.90 10.79 10.27
N LEU B 314 -6.42 10.02 11.23
CA LEU B 314 -5.75 9.84 12.49
C LEU B 314 -4.38 9.15 12.35
N GLY B 315 -4.22 8.35 11.30
CA GLY B 315 -2.96 7.68 11.05
C GLY B 315 -2.01 8.64 10.37
N GLN B 316 -2.56 9.80 10.00
CA GLN B 316 -1.85 10.91 9.36
C GLN B 316 -1.40 10.69 7.91
N ARG B 317 -0.31 9.95 7.72
CA ARG B 317 0.18 9.67 6.38
C ARG B 317 -0.80 8.75 5.63
N ALA B 318 -1.23 9.19 4.45
CA ALA B 318 -2.20 8.44 3.66
C ALA B 318 -2.06 8.51 2.13
N ILE B 319 -2.27 7.38 1.48
CA ILE B 319 -2.19 7.30 0.03
C ILE B 319 -3.58 6.92 -0.50
N GLN B 320 -4.08 7.67 -1.46
CA GLN B 320 -5.39 7.40 -2.02
C GLN B 320 -5.35 6.82 -3.45
N VAL B 321 -6.01 5.68 -3.65
CA VAL B 321 -6.06 5.09 -4.98
C VAL B 321 -7.17 5.87 -5.69
N GLU B 322 -6.97 6.21 -6.95
CA GLU B 322 -7.96 6.97 -7.69
C GLU B 322 -9.31 6.27 -7.84
N GLY B 323 -10.37 7.03 -7.61
CA GLY B 323 -11.71 6.50 -7.73
C GLY B 323 -12.21 5.82 -6.47
N GLN B 324 -11.42 5.91 -5.41
CA GLN B 324 -11.81 5.31 -4.13
C GLN B 324 -12.07 6.44 -3.13
N PRO B 325 -13.34 6.73 -2.85
CA PRO B 325 -13.74 7.79 -1.94
C PRO B 325 -13.51 7.57 -0.44
N ILE B 326 -13.24 8.68 0.25
CA ILE B 326 -13.02 8.72 1.68
C ILE B 326 -14.13 9.62 2.15
N ILE B 327 -15.21 9.04 2.67
CA ILE B 327 -16.35 9.85 3.08
C ILE B 327 -16.93 9.52 4.44
N LEU B 328 -17.67 10.47 4.98
CA LEU B 328 -18.32 10.31 6.28
C LEU B 328 -19.71 9.79 5.99
N THR B 329 -20.42 10.49 5.12
CA THR B 329 -21.77 10.07 4.74
C THR B 329 -21.86 10.07 3.23
N GLY B 330 -22.44 9.02 2.68
CA GLY B 330 -22.60 8.89 1.24
C GLY B 330 -23.65 9.82 0.67
N ALA B 331 -23.45 10.21 -0.58
CA ALA B 331 -24.36 11.12 -1.26
C ALA B 331 -25.84 10.76 -1.08
N PRO B 332 -26.22 9.51 -1.38
CA PRO B 332 -27.62 9.12 -1.22
C PRO B 332 -28.21 9.65 0.08
N ALA B 333 -27.59 9.29 1.21
CA ALA B 333 -28.09 9.74 2.50
C ALA B 333 -28.01 11.26 2.61
N ILE B 334 -27.08 11.88 1.91
CA ILE B 334 -26.99 13.32 1.99
C ILE B 334 -28.09 13.98 1.18
N ASN B 335 -28.41 13.40 0.02
CA ASN B 335 -29.48 13.96 -0.80
C ASN B 335 -30.82 13.84 -0.06
N LYS B 336 -31.09 12.68 0.53
CA LYS B 336 -32.34 12.51 1.28
C LYS B 336 -32.43 13.63 2.31
N MSE B 337 -31.31 13.92 2.96
CA MSE B 337 -31.28 14.99 3.95
C MSE B 337 -31.73 16.27 3.23
O MSE B 337 -32.86 16.73 3.42
CB MSE B 337 -29.85 15.19 4.53
CG MSE B 337 -29.70 14.81 6.02
SE MSE B 337 -27.85 14.85 6.86
CE MSE B 337 -27.40 12.91 6.65
N LEU B 338 -30.85 16.81 2.38
CA LEU B 338 -31.13 18.03 1.62
C LEU B 338 -32.44 18.05 0.82
N GLY B 339 -33.24 16.99 0.90
CA GLY B 339 -34.48 16.97 0.13
C GLY B 339 -34.20 16.78 -1.35
N ARG B 340 -33.44 17.69 -1.96
CA ARG B 340 -33.13 17.56 -3.38
C ARG B 340 -32.16 16.41 -3.60
N GLU B 341 -31.63 16.34 -4.83
CA GLU B 341 -30.66 15.33 -5.24
C GLU B 341 -29.40 16.08 -5.69
N VAL B 342 -28.63 16.57 -4.72
CA VAL B 342 -27.41 17.34 -5.01
C VAL B 342 -26.27 16.59 -5.67
N TYR B 343 -25.68 15.62 -4.97
CA TYR B 343 -24.55 14.92 -5.56
C TYR B 343 -24.93 13.65 -6.31
N THR B 344 -24.15 13.33 -7.33
CA THR B 344 -24.39 12.14 -8.14
C THR B 344 -23.38 11.02 -7.90
N SER B 345 -22.33 11.31 -7.13
CA SER B 345 -21.29 10.32 -6.84
C SER B 345 -20.51 10.63 -5.57
N ASN B 346 -20.07 9.58 -4.87
CA ASN B 346 -19.29 9.78 -3.66
C ASN B 346 -17.98 10.47 -3.98
N LEU B 347 -17.59 10.47 -5.25
CA LEU B 347 -16.35 11.13 -5.64
C LEU B 347 -16.44 12.64 -5.43
N GLN B 348 -17.64 13.18 -5.49
CA GLN B 348 -17.80 14.60 -5.27
C GLN B 348 -17.53 14.86 -3.80
N LEU B 349 -17.88 13.89 -2.97
CA LEU B 349 -17.68 14.00 -1.52
C LEU B 349 -16.25 13.70 -1.06
N GLY B 350 -15.74 12.53 -1.43
CA GLY B 350 -14.41 12.15 -0.99
C GLY B 350 -13.42 11.61 -2.01
N GLY B 351 -13.54 12.02 -3.26
CA GLY B 351 -12.59 11.56 -4.28
C GLY B 351 -11.29 12.36 -4.17
N THR B 352 -10.26 11.95 -4.90
CA THR B 352 -8.98 12.65 -4.82
C THR B 352 -9.02 14.15 -5.07
N GLN B 353 -10.03 14.64 -5.78
CA GLN B 353 -10.13 16.07 -6.05
C GLN B 353 -10.42 16.84 -4.78
N ILE B 354 -10.83 16.11 -3.75
CA ILE B 354 -11.11 16.73 -2.45
C ILE B 354 -9.96 16.44 -1.49
N MSE B 355 -9.81 15.18 -1.09
CA MSE B 355 -8.78 14.77 -0.15
C MSE B 355 -7.32 15.05 -0.52
O MSE B 355 -6.50 15.36 0.35
CB MSE B 355 -8.95 13.28 0.17
CG MSE B 355 -10.30 12.94 0.82
SE MSE B 355 -10.78 14.19 2.24
CE MSE B 355 -12.66 13.74 2.41
N TYR B 356 -6.98 14.95 -1.81
CA TYR B 356 -5.60 15.21 -2.23
C TYR B 356 -5.35 16.71 -2.30
N ASN B 357 -6.38 17.48 -2.62
CA ASN B 357 -6.27 18.93 -2.68
C ASN B 357 -6.45 19.48 -1.27
N ASN B 358 -6.94 18.62 -0.39
CA ASN B 358 -7.21 18.90 1.02
C ASN B 358 -5.95 18.78 1.87
N GLY B 359 -5.13 17.79 1.54
CA GLY B 359 -3.95 17.54 2.32
C GLY B 359 -4.26 16.39 3.26
N VAL B 360 -5.38 15.72 3.03
CA VAL B 360 -5.75 14.58 3.86
C VAL B 360 -5.01 13.40 3.23
N SER B 361 -4.98 13.42 1.90
CA SER B 361 -4.30 12.40 1.13
C SER B 361 -2.94 12.99 0.81
N HIS B 362 -1.89 12.37 1.31
CA HIS B 362 -0.55 12.86 1.07
C HIS B 362 -0.16 12.63 -0.37
N LEU B 363 -0.58 11.49 -0.92
CA LEU B 363 -0.27 11.08 -2.27
C LEU B 363 -1.46 10.44 -2.97
N THR B 364 -1.31 10.24 -4.27
CA THR B 364 -2.32 9.62 -5.11
C THR B 364 -1.69 8.41 -5.77
N ALA B 365 -2.47 7.37 -6.01
CA ALA B 365 -1.99 6.15 -6.65
C ALA B 365 -2.95 5.78 -7.79
N VAL B 366 -2.43 5.26 -8.90
CA VAL B 366 -3.28 4.88 -10.04
C VAL B 366 -4.03 3.57 -9.81
N ASP B 367 -3.36 2.59 -9.24
CA ASP B 367 -4.01 1.32 -8.93
C ASP B 367 -3.52 0.88 -7.54
N ASP B 368 -3.93 -0.30 -7.09
CA ASP B 368 -3.52 -0.76 -5.78
C ASP B 368 -2.04 -1.02 -5.64
N LEU B 369 -1.41 -1.55 -6.68
CA LEU B 369 0.02 -1.82 -6.63
C LEU B 369 0.78 -0.53 -6.51
N ALA B 370 0.29 0.51 -7.17
CA ALA B 370 0.94 1.81 -7.12
C ALA B 370 0.92 2.29 -5.69
N GLY B 371 -0.14 1.94 -4.96
CA GLY B 371 -0.27 2.33 -3.58
C GLY B 371 0.77 1.63 -2.74
N VAL B 372 0.94 0.33 -2.94
CA VAL B 372 1.91 -0.43 -2.18
C VAL B 372 3.35 0.05 -2.47
N GLU B 373 3.64 0.34 -3.73
CA GLU B 373 4.97 0.80 -4.09
C GLU B 373 5.36 2.11 -3.39
N LYS B 374 4.39 3.00 -3.25
CA LYS B 374 4.64 4.28 -2.58
C LYS B 374 4.82 4.11 -1.07
N ILE B 375 4.15 3.11 -0.49
CA ILE B 375 4.30 2.84 0.94
C ILE B 375 5.71 2.31 1.13
N VAL B 376 6.05 1.30 0.32
CA VAL B 376 7.35 0.67 0.35
C VAL B 376 8.47 1.70 0.22
N GLU B 377 8.31 2.64 -0.70
CA GLU B 377 9.33 3.66 -0.89
C GLU B 377 9.33 4.70 0.23
N TRP B 378 8.16 4.98 0.81
CA TRP B 378 8.08 5.94 1.89
C TRP B 378 8.85 5.33 3.06
N MSE B 379 8.69 4.03 3.27
CA MSE B 379 9.35 3.35 4.37
C MSE B 379 10.87 3.31 4.27
O MSE B 379 11.54 3.26 5.30
CB MSE B 379 8.84 1.92 4.51
CG MSE B 379 7.66 1.78 5.43
SE MSE B 379 7.03 -0.06 5.54
CE MSE B 379 8.20 -0.69 6.94
N SER B 380 11.41 3.32 3.06
CA SER B 380 12.85 3.27 2.91
C SER B 380 13.54 4.42 3.63
N TYR B 381 12.80 5.47 3.95
CA TYR B 381 13.39 6.60 4.64
C TYR B 381 13.19 6.45 6.13
N VAL B 382 12.39 5.48 6.54
CA VAL B 382 12.09 5.29 7.95
C VAL B 382 12.87 4.18 8.64
N PRO B 383 13.24 4.42 9.90
CA PRO B 383 13.98 3.43 10.69
C PRO B 383 13.12 2.18 10.91
N ALA B 384 13.76 1.02 10.85
CA ALA B 384 13.05 -0.25 11.02
C ALA B 384 12.21 -0.37 12.31
N LYS B 385 12.66 0.23 13.40
CA LYS B 385 11.92 0.18 14.66
C LYS B 385 12.01 1.56 15.27
N ARG B 386 11.19 1.80 16.28
CA ARG B 386 11.23 3.07 16.97
C ARG B 386 12.62 3.24 17.60
N ASN B 387 13.17 4.44 17.51
CA ASN B 387 14.47 4.74 18.12
C ASN B 387 15.74 4.14 17.54
N MSE B 388 15.68 3.59 16.34
CA MSE B 388 16.89 3.06 15.74
C MSE B 388 17.44 4.12 14.81
O MSE B 388 16.70 4.99 14.36
CB MSE B 388 16.59 1.79 14.96
CG MSE B 388 16.63 0.56 15.83
SE MSE B 388 16.71 -0.97 14.68
CE MSE B 388 18.61 -0.85 14.22
N PRO B 389 18.74 4.07 14.52
CA PRO B 389 19.32 5.09 13.62
C PRO B 389 18.59 5.22 12.29
N VAL B 390 18.79 6.36 11.64
CA VAL B 390 18.19 6.59 10.33
C VAL B 390 18.80 5.58 9.34
N PRO B 391 17.97 5.01 8.46
CA PRO B 391 18.47 4.04 7.49
C PRO B 391 19.27 4.66 6.36
N ILE B 392 20.59 4.61 6.48
CA ILE B 392 21.50 5.14 5.48
C ILE B 392 21.44 4.30 4.19
N LEU B 393 21.60 4.95 3.05
CA LEU B 393 21.57 4.27 1.76
C LEU B 393 22.40 5.01 0.72
N GLU B 394 23.72 4.82 0.73
CA GLU B 394 24.56 5.50 -0.25
C GLU B 394 24.23 4.98 -1.65
N THR B 395 24.27 5.86 -2.63
CA THR B 395 24.03 5.48 -4.02
C THR B 395 25.12 6.13 -4.86
N LYS B 396 25.09 5.96 -6.17
CA LYS B 396 26.14 6.54 -7.02
C LYS B 396 26.42 8.01 -6.75
N ASP B 397 25.48 8.72 -6.13
CA ASP B 397 25.70 10.13 -5.85
C ASP B 397 26.31 10.35 -4.47
N THR B 398 27.63 10.34 -4.43
CA THR B 398 28.35 10.51 -3.17
C THR B 398 28.31 11.95 -2.69
N TRP B 399 28.65 12.11 -1.42
CA TRP B 399 28.64 13.42 -0.77
C TRP B 399 29.65 14.46 -1.24
N ASP B 400 30.80 14.01 -1.73
CA ASP B 400 31.85 14.94 -2.15
C ASP B 400 31.76 15.47 -3.58
N ARG B 401 31.03 16.57 -3.76
CA ARG B 401 30.86 17.21 -5.05
C ARG B 401 30.23 18.60 -4.86
N PRO B 402 30.36 19.47 -5.87
CA PRO B 402 29.78 20.81 -5.75
C PRO B 402 28.29 20.72 -6.03
N VAL B 403 27.62 21.86 -5.94
CA VAL B 403 26.19 21.90 -6.21
C VAL B 403 26.03 22.77 -7.44
N ASP B 404 25.69 22.13 -8.55
CA ASP B 404 25.52 22.78 -9.84
C ASP B 404 24.39 23.79 -9.92
N PHE B 405 23.16 23.29 -10.08
CA PHE B 405 22.03 24.19 -10.22
C PHE B 405 22.12 25.34 -9.25
N THR B 406 22.02 26.54 -9.77
CA THR B 406 22.11 27.72 -8.92
C THR B 406 21.06 28.75 -9.27
N PRO B 407 20.23 29.14 -8.30
CA PRO B 407 19.19 30.13 -8.59
C PRO B 407 19.82 31.45 -9.06
N THR B 408 19.00 32.26 -9.74
CA THR B 408 19.43 33.58 -10.19
C THR B 408 18.26 34.53 -9.97
N ASN B 409 18.52 35.63 -9.25
CA ASN B 409 17.49 36.64 -8.98
C ASN B 409 16.82 36.94 -10.33
N ASP B 410 17.60 36.77 -11.39
CA ASP B 410 17.16 37.02 -12.76
C ASP B 410 16.58 35.83 -13.54
N GLU B 411 16.06 34.83 -12.85
CA GLU B 411 15.50 33.66 -13.54
C GLU B 411 14.63 32.81 -12.64
N THR B 412 13.31 32.84 -12.87
CA THR B 412 12.38 32.04 -12.10
C THR B 412 12.88 30.59 -12.13
N TYR B 413 12.81 29.91 -11.00
CA TYR B 413 13.26 28.53 -10.91
C TYR B 413 12.28 27.69 -10.13
N ASP B 414 12.50 26.38 -10.15
CA ASP B 414 11.66 25.42 -9.44
C ASP B 414 12.47 24.97 -8.23
N VAL B 415 11.95 25.18 -7.03
CA VAL B 415 12.66 24.79 -5.80
C VAL B 415 13.19 23.38 -5.94
N ARG B 416 12.38 22.52 -6.51
CA ARG B 416 12.78 21.14 -6.68
C ARG B 416 14.14 21.00 -7.34
N TRP B 417 14.46 21.90 -8.26
CA TRP B 417 15.76 21.84 -8.93
C TRP B 417 16.88 21.94 -7.92
N MSE B 418 16.71 22.83 -6.94
CA MSE B 418 17.71 23.01 -5.88
C MSE B 418 17.80 21.78 -4.99
O MSE B 418 18.89 21.41 -4.54
CB MSE B 418 17.32 24.19 -5.00
CG MSE B 418 17.71 25.52 -5.52
SE MSE B 418 17.02 26.91 -4.36
CE MSE B 418 18.41 26.95 -2.97
N ILE B 419 16.67 21.16 -4.73
CA ILE B 419 16.65 20.00 -3.86
C ILE B 419 17.25 18.73 -4.47
N GLU B 420 16.79 18.33 -5.66
CA GLU B 420 17.27 17.09 -6.25
C GLU B 420 17.99 17.20 -7.58
N GLY B 421 18.17 18.41 -8.07
CA GLY B 421 18.86 18.56 -9.32
C GLY B 421 17.94 18.90 -10.46
N ARG B 422 18.55 19.18 -11.61
CA ARG B 422 17.82 19.56 -12.82
C ARG B 422 18.36 18.85 -14.06
N GLU B 423 17.48 18.61 -15.03
CA GLU B 423 17.93 17.97 -16.26
C GLU B 423 18.03 19.01 -17.39
N THR B 424 19.16 19.01 -18.10
CA THR B 424 19.39 19.91 -19.22
C THR B 424 20.12 19.17 -20.34
N GLU B 425 20.11 19.76 -21.52
CA GLU B 425 20.79 19.14 -22.66
C GLU B 425 22.32 19.04 -22.39
N SER B 426 22.92 20.09 -21.83
CA SER B 426 24.36 20.06 -21.53
C SER B 426 24.65 18.82 -20.66
N GLY B 427 23.61 18.37 -19.95
CA GLY B 427 23.73 17.23 -19.07
C GLY B 427 23.15 17.61 -17.71
N PHE B 428 22.92 16.62 -16.87
CA PHE B 428 22.36 16.80 -15.54
C PHE B 428 23.13 17.73 -14.59
N GLU B 429 22.41 18.62 -13.91
CA GLU B 429 22.99 19.54 -12.93
C GLU B 429 22.55 19.06 -11.56
N TYR B 430 23.49 18.54 -10.76
CA TYR B 430 23.13 18.05 -9.45
C TYR B 430 22.69 19.15 -8.49
N GLY B 431 21.72 18.79 -7.65
CA GLY B 431 21.20 19.72 -6.67
C GLY B 431 21.88 19.49 -5.34
N LEU B 432 21.27 19.96 -4.26
CA LEU B 432 21.82 19.80 -2.93
C LEU B 432 21.82 18.32 -2.50
N PHE B 433 20.69 17.65 -2.64
CA PHE B 433 20.57 16.26 -2.22
C PHE B 433 20.84 15.20 -3.29
N ASP B 434 20.93 13.94 -2.85
CA ASP B 434 21.18 12.82 -3.73
C ASP B 434 20.27 12.83 -4.94
N LYS B 435 20.85 12.58 -6.11
CA LYS B 435 20.09 12.56 -7.36
C LYS B 435 19.02 11.47 -7.27
N GLY B 436 17.77 11.85 -7.52
CA GLY B 436 16.66 10.90 -7.47
C GLY B 436 16.27 10.42 -6.08
N SER B 437 16.67 11.15 -5.04
CA SER B 437 16.34 10.74 -3.69
C SER B 437 15.17 11.50 -3.09
N PHE B 438 14.63 12.46 -3.84
CA PHE B 438 13.51 13.22 -3.33
C PHE B 438 12.23 12.44 -3.47
N PHE B 439 11.39 12.52 -2.44
CA PHE B 439 10.12 11.83 -2.42
C PHE B 439 9.10 12.85 -1.90
N GLU B 440 8.56 13.65 -2.80
CA GLU B 440 7.61 14.66 -2.39
C GLU B 440 6.30 14.09 -1.87
N THR B 441 5.72 14.76 -0.87
CA THR B 441 4.45 14.33 -0.29
C THR B 441 3.56 15.55 -0.06
N LEU B 442 2.25 15.34 0.05
CA LEU B 442 1.27 16.43 0.22
C LEU B 442 1.37 17.38 -0.96
N SER B 443 1.71 16.83 -2.12
CA SER B 443 1.92 17.62 -3.32
C SER B 443 0.69 18.12 -4.05
N GLY B 444 -0.49 17.69 -3.62
CA GLY B 444 -1.69 18.17 -4.27
C GLY B 444 -2.31 19.32 -3.48
N TRP B 445 -1.69 19.65 -2.35
CA TRP B 445 -2.19 20.69 -1.46
C TRP B 445 -1.15 21.71 -1.05
N ALA B 446 -1.59 22.95 -0.83
CA ALA B 446 -0.72 24.04 -0.39
C ALA B 446 0.63 24.03 -1.11
N LYS B 447 0.58 24.23 -2.42
CA LYS B 447 1.78 24.19 -3.23
C LYS B 447 2.75 25.34 -3.02
N GLY B 448 2.43 26.24 -2.10
CA GLY B 448 3.32 27.35 -1.83
C GLY B 448 4.58 26.84 -1.16
N VAL B 449 4.46 25.68 -0.53
CA VAL B 449 5.57 25.05 0.17
C VAL B 449 5.73 23.63 -0.36
N VAL B 450 6.97 23.21 -0.58
CA VAL B 450 7.27 21.87 -1.09
C VAL B 450 7.83 20.98 0.02
N VAL B 451 7.20 19.83 0.21
CA VAL B 451 7.57 18.89 1.27
C VAL B 451 7.98 17.50 0.78
N GLY B 452 8.94 16.88 1.45
CA GLY B 452 9.35 15.54 1.06
C GLY B 452 10.54 14.95 1.80
N ARG B 453 10.78 13.68 1.56
CA ARG B 453 11.92 13.02 2.16
C ARG B 453 13.01 13.05 1.10
N ALA B 454 14.26 12.90 1.53
CA ALA B 454 15.38 12.88 0.60
C ALA B 454 16.60 12.34 1.31
N ARG B 455 17.69 12.20 0.58
CA ARG B 455 18.91 11.70 1.16
C ARG B 455 20.08 12.64 0.89
N LEU B 456 20.99 12.71 1.86
CA LEU B 456 22.17 13.56 1.80
C LEU B 456 23.35 12.63 2.00
N GLY B 457 24.03 12.29 0.92
CA GLY B 457 25.16 11.38 1.05
C GLY B 457 24.63 10.06 1.56
N GLY B 458 23.34 9.81 1.30
CA GLY B 458 22.69 8.59 1.71
C GLY B 458 21.94 8.67 3.04
N ILE B 459 22.08 9.78 3.75
CA ILE B 459 21.39 9.95 5.03
C ILE B 459 19.98 10.45 4.75
N PRO B 460 18.95 9.75 5.25
CA PRO B 460 17.57 10.20 5.02
C PRO B 460 17.22 11.40 5.87
N LEU B 461 16.44 12.33 5.34
CA LEU B 461 16.04 13.49 6.12
C LEU B 461 14.79 14.09 5.50
N GLY B 462 14.10 14.92 6.28
CA GLY B 462 12.91 15.58 5.78
C GLY B 462 13.34 16.89 5.18
N VAL B 463 12.70 17.31 4.09
CA VAL B 463 13.07 18.56 3.46
C VAL B 463 11.86 19.46 3.25
N ILE B 464 12.05 20.75 3.51
CA ILE B 464 10.98 21.72 3.30
C ILE B 464 11.60 22.91 2.57
N GLY B 465 11.21 23.09 1.31
CA GLY B 465 11.71 24.20 0.52
C GLY B 465 10.56 25.14 0.27
N VAL B 466 10.83 26.25 -0.39
CA VAL B 466 9.77 27.22 -0.66
C VAL B 466 9.52 27.40 -2.17
N GLU B 467 8.25 27.32 -2.55
CA GLU B 467 7.83 27.49 -3.95
C GLU B 467 7.78 28.97 -4.32
N THR B 468 8.71 29.42 -5.16
CA THR B 468 8.76 30.82 -5.57
C THR B 468 7.72 31.23 -6.61
N ARG B 469 7.29 30.29 -7.44
CA ARG B 469 6.29 30.58 -8.48
C ARG B 469 4.90 30.77 -7.89
N THR B 470 4.11 31.67 -8.46
CA THR B 470 2.76 31.89 -7.94
C THR B 470 1.92 30.66 -8.19
N VAL B 471 1.12 30.27 -7.20
CA VAL B 471 0.28 29.10 -7.37
C VAL B 471 -1.15 29.50 -7.74
N GLU B 472 -1.73 28.80 -8.71
CA GLU B 472 -3.10 29.05 -9.13
C GLU B 472 -3.99 28.01 -8.47
N ASN B 473 -4.31 28.21 -7.20
CA ASN B 473 -5.15 27.28 -6.47
C ASN B 473 -6.60 27.46 -6.92
N LEU B 474 -7.07 26.55 -7.77
CA LEU B 474 -8.44 26.61 -8.30
C LEU B 474 -9.49 25.89 -7.46
N ILE B 475 -10.25 26.66 -6.68
CA ILE B 475 -11.27 26.07 -5.83
C ILE B 475 -12.50 25.66 -6.64
N PRO B 476 -12.88 24.38 -6.56
CA PRO B 476 -14.06 23.86 -7.28
C PRO B 476 -15.34 24.53 -6.76
N ALA B 477 -16.45 24.31 -7.45
CA ALA B 477 -17.72 24.92 -7.03
C ALA B 477 -18.52 23.99 -6.10
N ASP B 478 -19.31 24.60 -5.21
CA ASP B 478 -20.13 23.86 -4.25
C ASP B 478 -21.50 23.48 -4.86
N PRO B 479 -21.67 22.23 -5.31
CA PRO B 479 -22.93 21.76 -5.91
C PRO B 479 -24.14 22.15 -5.08
N ALA B 480 -24.07 21.85 -3.79
CA ALA B 480 -25.16 22.13 -2.87
C ALA B 480 -25.68 23.56 -2.99
N ASN B 481 -24.79 24.54 -3.05
CA ASN B 481 -25.19 25.94 -3.16
C ASN B 481 -25.61 26.27 -4.59
N PRO B 482 -26.76 26.96 -4.76
CA PRO B 482 -27.24 27.32 -6.10
C PRO B 482 -26.19 28.16 -6.83
N ASN B 483 -26.05 29.44 -6.50
CA ASN B 483 -25.03 30.23 -7.18
C ASN B 483 -23.75 30.43 -6.36
N SER B 484 -22.90 29.41 -6.49
CA SER B 484 -21.58 29.36 -5.89
C SER B 484 -20.81 29.11 -7.17
N ALA B 485 -19.84 29.97 -7.46
CA ALA B 485 -19.07 29.81 -8.68
C ALA B 485 -17.68 29.23 -8.47
N GLU B 486 -17.07 28.79 -9.56
CA GLU B 486 -15.71 28.27 -9.49
C GLU B 486 -14.92 29.52 -9.13
N THR B 487 -14.08 29.43 -8.10
CA THR B 487 -13.28 30.59 -7.67
C THR B 487 -11.79 30.35 -7.68
N LEU B 488 -11.07 31.19 -8.42
CA LEU B 488 -9.63 31.07 -8.55
C LEU B 488 -8.91 31.93 -7.53
N ILE B 489 -7.95 31.32 -6.84
CA ILE B 489 -7.19 32.04 -5.83
C ILE B 489 -5.72 32.00 -6.18
N GLN B 490 -5.09 33.17 -6.16
CA GLN B 490 -3.67 33.27 -6.48
C GLN B 490 -2.81 33.31 -5.23
N GLU B 491 -1.92 32.33 -5.08
CA GLU B 491 -1.06 32.26 -3.90
C GLU B 491 0.38 32.72 -4.15
N PRO B 492 0.70 33.96 -3.75
CA PRO B 492 2.05 34.55 -3.92
C PRO B 492 3.22 33.69 -3.44
N GLY B 493 4.27 33.75 -4.23
CA GLY B 493 5.50 33.01 -4.02
C GLY B 493 6.02 32.66 -2.65
N GLN B 494 6.78 33.57 -2.08
CA GLN B 494 7.40 33.30 -0.79
C GLN B 494 6.61 33.84 0.38
N VAL B 495 5.34 33.46 0.43
CA VAL B 495 4.46 33.93 1.47
C VAL B 495 3.58 32.83 2.05
N TRP B 496 3.60 32.73 3.38
CA TRP B 496 2.80 31.75 4.08
C TRP B 496 1.35 32.16 4.07
N HIS B 497 0.49 31.20 3.80
CA HIS B 497 -0.95 31.42 3.81
C HIS B 497 -1.51 30.39 4.77
N PRO B 498 -2.77 30.55 5.18
CA PRO B 498 -3.25 29.53 6.10
C PRO B 498 -2.90 28.10 5.70
N ASN B 499 -3.12 27.75 4.44
CA ASN B 499 -2.84 26.38 4.02
C ASN B 499 -1.36 26.02 4.03
N SER B 500 -0.50 26.89 3.51
CA SER B 500 0.91 26.58 3.47
C SER B 500 1.55 26.61 4.87
N ALA B 501 0.92 27.33 5.79
CA ALA B 501 1.45 27.40 7.14
C ALA B 501 1.11 26.10 7.84
N PHE B 502 -0.10 25.63 7.61
CA PHE B 502 -0.58 24.39 8.17
C PHE B 502 0.27 23.23 7.62
N LYS B 503 0.53 23.27 6.32
CA LYS B 503 1.31 22.23 5.65
C LYS B 503 2.72 22.12 6.17
N THR B 504 3.32 23.25 6.52
CA THR B 504 4.67 23.24 7.05
C THR B 504 4.67 22.56 8.41
N ALA B 505 3.70 22.93 9.26
CA ALA B 505 3.62 22.33 10.59
C ALA B 505 3.42 20.84 10.47
N GLN B 506 2.45 20.46 9.64
CA GLN B 506 2.10 19.07 9.38
C GLN B 506 3.32 18.27 8.97
N ALA B 507 4.07 18.82 8.02
CA ALA B 507 5.28 18.19 7.51
C ALA B 507 6.29 17.99 8.63
N ILE B 508 6.54 19.05 9.39
CA ILE B 508 7.47 18.98 10.52
C ILE B 508 7.01 17.87 11.47
N ASN B 509 5.72 17.86 11.78
CA ASN B 509 5.19 16.85 12.68
C ASN B 509 5.29 15.42 12.13
N ASP B 510 5.06 15.22 10.83
CA ASP B 510 5.15 13.87 10.27
C ASP B 510 6.59 13.36 10.20
N PHE B 511 7.56 14.28 10.05
CA PHE B 511 8.98 13.91 9.99
C PHE B 511 9.42 13.44 11.35
N ASN B 512 8.96 14.15 12.37
CA ASN B 512 9.30 13.90 13.75
C ASN B 512 8.65 12.74 14.46
N ASN B 513 7.33 12.66 14.36
CA ASN B 513 6.60 11.64 15.08
C ASN B 513 6.81 10.16 14.82
N GLY B 514 6.66 9.70 13.59
CA GLY B 514 6.87 8.28 13.43
C GLY B 514 8.17 7.96 12.73
N GLU B 515 8.50 8.84 11.80
CA GLU B 515 9.68 8.72 10.99
C GLU B 515 10.95 9.04 11.79
N GLN B 516 10.85 9.94 12.75
CA GLN B 516 12.00 10.33 13.58
C GLN B 516 13.21 10.69 12.73
N LEU B 517 13.00 11.56 11.75
CA LEU B 517 14.07 11.97 10.85
C LEU B 517 14.63 13.35 11.18
N PRO B 518 15.81 13.65 10.64
CA PRO B 518 16.42 14.96 10.88
C PRO B 518 15.68 15.83 9.89
N MSE B 519 15.96 17.12 9.86
CA MSE B 519 15.25 17.97 8.94
C MSE B 519 15.95 19.23 8.54
O MSE B 519 16.68 19.83 9.31
CB MSE B 519 13.89 18.35 9.55
CG MSE B 519 13.31 19.60 8.95
SE MSE B 519 11.60 20.09 9.65
CE MSE B 519 12.10 20.57 11.47
N MSE B 520 15.72 19.63 7.28
CA MSE B 520 16.28 20.86 6.73
C MSE B 520 15.15 21.68 6.12
O MSE B 520 14.34 21.17 5.33
CB MSE B 520 17.33 20.59 5.66
CG MSE B 520 17.91 21.90 5.08
SE MSE B 520 19.40 21.76 3.78
CE MSE B 520 20.50 20.42 4.75
N ILE B 521 15.11 22.95 6.50
CA ILE B 521 14.12 23.85 5.93
C ILE B 521 14.92 24.86 5.16
N LEU B 522 14.74 24.85 3.84
CA LEU B 522 15.40 25.80 2.97
C LEU B 522 14.55 27.05 3.10
N ALA B 523 14.65 27.67 4.28
CA ALA B 523 13.90 28.87 4.64
C ALA B 523 14.03 30.01 3.63
N ASN B 524 12.92 30.37 3.01
CA ASN B 524 12.91 31.44 2.03
C ASN B 524 11.50 32.05 1.96
N TRP B 525 11.09 32.68 3.06
CA TRP B 525 9.78 33.29 3.16
C TRP B 525 9.86 34.77 3.43
N ARG B 526 9.11 35.55 2.67
CA ARG B 526 9.09 36.99 2.87
C ARG B 526 8.26 37.32 4.11
N GLY B 527 7.51 36.35 4.60
CA GLY B 527 6.68 36.59 5.78
C GLY B 527 5.31 35.97 5.62
N PHE B 528 4.41 36.22 6.58
CA PHE B 528 3.06 35.67 6.47
C PHE B 528 2.13 36.68 5.80
N SER B 529 1.08 36.19 5.18
CA SER B 529 0.12 37.05 4.51
C SER B 529 -0.69 37.79 5.56
N GLY B 530 -0.69 39.11 5.49
CA GLY B 530 -1.42 39.90 6.48
C GLY B 530 -2.75 40.48 6.04
N GLY B 531 -3.19 40.19 4.83
CA GLY B 531 -4.46 40.72 4.33
C GLY B 531 -5.67 40.28 5.12
N GLN B 532 -6.82 40.87 4.84
CA GLN B 532 -8.01 40.53 5.60
C GLN B 532 -8.48 39.11 5.43
N ARG B 533 -8.50 38.63 4.20
CA ARG B 533 -8.95 37.27 3.94
C ARG B 533 -8.17 36.24 4.75
N ASP B 534 -6.84 36.28 4.66
CA ASP B 534 -6.00 35.33 5.38
C ASP B 534 -5.99 35.49 6.91
N MSE B 535 -6.10 36.71 7.39
CA MSE B 535 -6.11 36.92 8.83
C MSE B 535 -7.41 36.33 9.31
O MSE B 535 -7.47 35.65 10.34
CB MSE B 535 -6.06 38.41 9.13
CG MSE B 535 -4.73 39.04 8.87
SE MSE B 535 -3.40 38.37 10.09
CE MSE B 535 -3.90 39.34 11.69
N PHE B 536 -8.46 36.61 8.55
CA PHE B 536 -9.77 36.12 8.89
C PHE B 536 -9.72 34.61 8.87
N ASN B 537 -9.01 34.04 7.89
CA ASN B 537 -8.91 32.60 7.81
C ASN B 537 -7.90 31.99 8.78
N GLU B 538 -7.60 32.73 9.84
CA GLU B 538 -6.73 32.27 10.92
C GLU B 538 -5.30 31.89 10.58
N VAL B 539 -4.58 32.74 9.88
CA VAL B 539 -3.21 32.41 9.54
C VAL B 539 -2.33 32.39 10.78
N LEU B 540 -2.70 33.17 11.80
CA LEU B 540 -1.94 33.20 13.05
C LEU B 540 -1.92 31.85 13.75
N LYS B 541 -3.04 31.12 13.64
CA LYS B 541 -3.18 29.82 14.27
C LYS B 541 -2.22 28.76 13.69
N TYR B 542 -2.14 28.69 12.37
CA TYR B 542 -1.29 27.71 11.71
C TYR B 542 0.17 28.09 11.74
N GLY B 543 0.43 29.39 11.84
CA GLY B 543 1.80 29.83 11.92
C GLY B 543 2.29 29.43 13.29
N SER B 544 1.40 29.49 14.27
CA SER B 544 1.74 29.12 15.63
C SER B 544 2.00 27.62 15.72
N PHE B 545 1.33 26.85 14.86
CA PHE B 545 1.51 25.40 14.84
C PHE B 545 2.95 25.07 14.49
N ILE B 546 3.54 25.91 13.64
CA ILE B 546 4.92 25.71 13.22
C ILE B 546 5.84 25.75 14.44
N VAL B 547 5.64 26.77 15.27
CA VAL B 547 6.44 26.94 16.47
C VAL B 547 6.23 25.72 17.36
N ASP B 548 4.97 25.37 17.60
CA ASP B 548 4.65 24.23 18.44
C ASP B 548 5.39 22.98 17.95
N ALA B 549 5.29 22.70 16.66
CA ALA B 549 5.94 21.55 16.06
C ALA B 549 7.45 21.55 16.25
N LEU B 550 8.10 22.71 16.06
CA LEU B 550 9.54 22.79 16.24
C LEU B 550 9.91 22.53 17.70
N VAL B 551 9.05 22.95 18.62
CA VAL B 551 9.33 22.72 20.02
C VAL B 551 9.35 21.23 20.34
N ASP B 552 8.58 20.46 19.57
CA ASP B 552 8.45 19.02 19.79
C ASP B 552 9.53 18.15 19.13
N TYR B 553 10.26 18.71 18.18
CA TYR B 553 11.27 17.95 17.45
C TYR B 553 12.32 17.25 18.32
N LYS B 554 12.63 16.00 17.98
CA LYS B 554 13.57 15.20 18.74
C LYS B 554 14.85 14.86 17.96
N GLN B 555 14.95 15.38 16.73
CA GLN B 555 16.10 15.11 15.90
C GLN B 555 16.74 16.39 15.38
N PRO B 556 17.98 16.31 14.91
CA PRO B 556 18.66 17.49 14.38
C PRO B 556 17.87 18.26 13.32
N ILE B 557 17.87 19.59 13.44
CA ILE B 557 17.20 20.43 12.48
C ILE B 557 18.22 21.40 11.94
N ILE B 558 18.10 21.71 10.66
CA ILE B 558 19.00 22.65 10.02
C ILE B 558 18.18 23.64 9.23
N ILE B 559 18.28 24.91 9.60
CA ILE B 559 17.58 25.96 8.88
C ILE B 559 18.63 26.64 8.04
N TYR B 560 18.30 26.93 6.79
CA TYR B 560 19.26 27.51 5.87
C TYR B 560 18.63 28.45 4.83
N ILE B 561 18.88 29.75 4.99
CA ILE B 561 18.36 30.73 4.05
C ILE B 561 19.27 30.54 2.84
N PRO B 562 18.71 30.02 1.74
CA PRO B 562 19.38 29.73 0.47
C PRO B 562 19.95 30.92 -0.30
N PRO B 563 20.81 30.64 -1.29
CA PRO B 563 21.53 31.54 -2.20
C PRO B 563 20.81 32.79 -2.69
N THR B 564 19.59 32.67 -3.20
CA THR B 564 18.90 33.89 -3.65
C THR B 564 17.71 34.15 -2.74
N GLY B 565 17.63 33.37 -1.66
CA GLY B 565 16.53 33.47 -0.73
C GLY B 565 16.61 34.51 0.37
N GLU B 566 15.53 34.60 1.14
CA GLU B 566 15.48 35.57 2.21
C GLU B 566 14.55 35.15 3.35
N LEU B 567 14.70 35.83 4.48
CA LEU B 567 13.91 35.58 5.66
C LEU B 567 13.66 36.95 6.28
N ARG B 568 12.40 37.31 6.52
CA ARG B 568 12.12 38.62 7.09
C ARG B 568 11.41 38.63 8.45
N GLY B 569 11.04 39.84 8.89
CA GLY B 569 10.40 40.03 10.17
C GLY B 569 9.33 39.06 10.64
N GLY B 570 8.36 38.76 9.78
CA GLY B 570 7.30 37.85 10.18
C GLY B 570 7.60 36.37 9.99
N SER B 571 8.39 36.05 8.97
CA SER B 571 8.72 34.67 8.68
C SER B 571 9.84 34.13 9.56
N TRP B 572 10.80 34.97 9.91
CA TRP B 572 11.92 34.55 10.74
C TRP B 572 11.46 34.04 12.12
N VAL B 573 10.63 34.82 12.79
CA VAL B 573 10.13 34.48 14.13
C VAL B 573 9.66 33.04 14.33
N VAL B 574 9.26 32.35 13.28
CA VAL B 574 8.79 30.98 13.44
C VAL B 574 9.86 29.93 13.12
N VAL B 575 11.05 30.36 12.71
CA VAL B 575 12.07 29.40 12.39
C VAL B 575 13.40 29.59 13.09
N ASP B 576 13.44 30.48 14.08
CA ASP B 576 14.69 30.75 14.82
C ASP B 576 15.17 29.54 15.61
N PRO B 577 16.49 29.29 15.62
CA PRO B 577 17.07 28.14 16.33
C PRO B 577 16.76 28.17 17.82
N THR B 578 16.43 29.35 18.31
CA THR B 578 16.16 29.54 19.73
C THR B 578 14.86 28.88 20.18
N ILE B 579 13.97 28.58 19.25
CA ILE B 579 12.72 27.94 19.59
C ILE B 579 12.95 26.55 20.16
N ASN B 580 14.09 25.95 19.84
CA ASN B 580 14.47 24.62 20.32
C ASN B 580 15.99 24.49 20.14
N ALA B 581 16.75 25.03 21.09
CA ALA B 581 18.21 25.03 21.04
C ALA B 581 18.85 23.65 21.07
N ASP B 582 18.13 22.67 21.59
CA ASP B 582 18.67 21.32 21.62
C ASP B 582 18.91 20.81 20.22
N GLN B 583 17.91 20.97 19.35
CA GLN B 583 18.01 20.44 18.00
C GLN B 583 18.26 21.36 16.81
N MSE B 584 17.88 22.63 16.93
CA MSE B 584 18.02 23.56 15.81
C MSE B 584 19.30 24.35 15.64
O MSE B 584 19.95 24.73 16.61
CB MSE B 584 16.86 24.55 15.84
CG MSE B 584 15.50 23.94 15.68
SE MSE B 584 14.11 25.23 16.02
CE MSE B 584 14.08 26.11 14.30
N GLU B 585 19.64 24.61 14.39
CA GLU B 585 20.79 25.41 13.99
C GLU B 585 20.39 26.16 12.74
N MSE B 586 20.96 27.34 12.55
CA MSE B 586 20.64 28.10 11.35
C MSE B 586 21.87 28.58 10.58
O MSE B 586 22.90 28.90 11.16
CB MSE B 586 19.77 29.32 11.69
CG MSE B 586 19.24 30.00 10.45
SE MSE B 586 18.40 31.68 10.86
CE MSE B 586 16.53 31.13 10.67
N TYR B 587 21.72 28.60 9.26
CA TYR B 587 22.80 29.01 8.39
C TYR B 587 22.28 29.92 7.31
N ALA B 588 23.08 30.91 6.93
CA ALA B 588 22.66 31.82 5.88
C ALA B 588 23.67 31.72 4.74
N ASP B 589 23.19 31.69 3.52
CA ASP B 589 24.10 31.61 2.39
C ASP B 589 24.76 32.97 2.27
N VAL B 590 25.97 32.98 1.72
CA VAL B 590 26.71 34.22 1.55
C VAL B 590 25.88 35.19 0.70
N ASN B 591 25.00 34.64 -0.14
CA ASN B 591 24.15 35.46 -0.98
C ASN B 591 22.70 35.52 -0.52
N ALA B 592 22.47 35.23 0.75
CA ALA B 592 21.13 35.28 1.28
C ALA B 592 20.83 36.70 1.76
N ARG B 593 19.66 36.91 2.33
CA ARG B 593 19.28 38.22 2.81
C ARG B 593 18.29 38.08 3.98
N ALA B 594 18.42 38.95 4.99
CA ALA B 594 17.53 38.91 6.14
C ALA B 594 17.55 40.21 6.95
N GLY B 595 16.39 40.57 7.48
CA GLY B 595 16.26 41.78 8.26
C GLY B 595 14.78 41.90 8.61
N VAL B 596 14.45 42.77 9.54
CA VAL B 596 13.04 42.91 9.92
C VAL B 596 12.22 43.35 8.72
N LEU B 597 12.71 44.36 8.02
CA LEU B 597 12.02 44.89 6.85
C LEU B 597 12.90 44.75 5.62
N GLU B 598 12.29 44.94 4.45
CA GLU B 598 13.03 44.89 3.21
C GLU B 598 13.55 46.30 2.95
N PRO B 599 14.53 46.43 2.06
CA PRO B 599 15.08 47.75 1.76
C PRO B 599 14.02 48.82 1.54
N GLN B 600 13.05 48.55 0.65
CA GLN B 600 12.01 49.56 0.39
C GLN B 600 11.27 49.94 1.68
N GLY B 601 10.86 48.94 2.46
CA GLY B 601 10.17 49.24 3.70
C GLY B 601 11.09 49.97 4.66
N MSE B 602 12.35 49.55 4.71
CA MSE B 602 13.31 50.17 5.61
C MSE B 602 13.53 51.61 5.16
O MSE B 602 13.29 52.55 5.91
CB MSE B 602 14.63 49.41 5.59
CG MSE B 602 15.69 49.97 6.54
SE MSE B 602 15.17 49.98 8.44
CE MSE B 602 15.11 48.04 8.80
N VAL B 603 13.98 51.78 3.91
CA VAL B 603 14.20 53.12 3.38
C VAL B 603 12.97 53.93 3.72
N GLY B 604 11.83 53.46 3.25
CA GLY B 604 10.56 54.13 3.48
C GLY B 604 10.34 54.64 4.90
N ILE B 605 10.99 54.04 5.89
CA ILE B 605 10.81 54.46 7.28
C ILE B 605 12.00 55.15 7.95
N LYS B 606 13.21 55.00 7.40
CA LYS B 606 14.35 55.62 8.07
C LYS B 606 15.33 56.36 7.16
N PHE B 607 15.01 56.46 5.88
CA PHE B 607 15.87 57.15 4.91
C PHE B 607 14.91 57.81 3.94
N ARG B 608 14.29 58.90 4.40
CA ARG B 608 13.30 59.62 3.61
C ARG B 608 13.64 61.09 3.33
N ARG B 609 13.25 61.54 2.13
CA ARG B 609 13.45 62.91 1.64
C ARG B 609 13.69 63.94 2.76
N GLU B 610 14.96 64.09 3.12
CA GLU B 610 15.45 65.00 4.15
C GLU B 610 16.77 64.38 4.53
N LYS B 611 16.70 63.22 5.19
CA LYS B 611 17.92 62.49 5.53
C LYS B 611 18.48 62.31 4.12
N LEU B 612 17.56 62.11 3.18
CA LEU B 612 17.92 61.95 1.77
C LEU B 612 18.40 63.32 1.28
N LEU B 613 17.66 64.37 1.65
CA LEU B 613 17.97 65.75 1.27
C LEU B 613 19.41 66.08 1.70
N ASP B 614 19.71 65.84 2.97
CA ASP B 614 21.03 66.09 3.54
C ASP B 614 22.10 65.35 2.76
N THR B 615 21.84 64.08 2.45
CA THR B 615 22.80 63.29 1.68
C THR B 615 22.94 63.99 0.33
N MSE B 616 21.78 64.37 -0.24
CA MSE B 616 21.74 65.07 -1.52
C MSE B 616 22.69 66.26 -1.40
O MSE B 616 23.57 66.46 -2.26
CB MSE B 616 20.32 65.59 -1.77
CG MSE B 616 20.03 65.94 -3.21
SE MSE B 616 18.28 65.14 -3.69
CE MSE B 616 17.27 65.79 -2.11
N ASN B 617 22.50 67.01 -0.34
CA ASN B 617 23.32 68.18 -0.06
C ASN B 617 24.79 67.85 0.09
N ARG B 618 25.08 66.75 0.78
CA ARG B 618 26.48 66.36 0.98
C ARG B 618 27.16 65.88 -0.31
N LEU B 619 26.41 65.78 -1.41
CA LEU B 619 26.98 65.34 -2.69
C LEU B 619 26.11 65.79 -3.87
N GLU B 653 14.00 65.33 -10.90
CA GLU B 653 15.30 65.76 -10.38
C GLU B 653 16.28 64.58 -10.44
N LEU B 654 17.06 64.40 -9.36
CA LEU B 654 18.00 63.28 -9.26
C LEU B 654 17.57 62.41 -8.09
N LEU B 655 16.53 62.86 -7.39
CA LEU B 655 15.94 62.16 -6.23
C LEU B 655 15.84 60.66 -6.58
N PRO B 656 15.23 60.34 -7.74
CA PRO B 656 15.11 58.92 -8.10
C PRO B 656 16.47 58.23 -8.06
N ILE B 657 17.49 58.87 -8.62
CA ILE B 657 18.83 58.30 -8.66
C ILE B 657 19.37 58.01 -7.27
N TYR B 658 19.04 58.86 -6.30
CA TYR B 658 19.50 58.67 -4.92
C TYR B 658 18.70 57.64 -4.12
N GLY B 659 17.40 57.56 -4.38
CA GLY B 659 16.58 56.59 -3.67
C GLY B 659 17.28 55.24 -3.73
N GLN B 660 17.79 54.90 -4.92
CA GLN B 660 18.50 53.64 -5.09
C GLN B 660 19.59 53.56 -4.02
N ILE B 661 20.39 54.61 -3.89
CA ILE B 661 21.45 54.64 -2.87
C ILE B 661 20.86 54.18 -1.53
N SER B 662 19.77 54.85 -1.12
CA SER B 662 19.11 54.55 0.14
C SER B 662 18.78 53.07 0.24
N LEU B 663 18.46 52.47 -0.92
CA LEU B 663 18.15 51.05 -0.95
C LEU B 663 19.41 50.29 -0.62
N GLN B 664 20.50 50.55 -1.34
CA GLN B 664 21.75 49.83 -1.07
C GLN B 664 22.19 49.99 0.37
N PHE B 665 22.12 51.21 0.89
CA PHE B 665 22.53 51.48 2.26
C PHE B 665 21.81 50.54 3.23
N ALA B 666 20.50 50.44 3.04
CA ALA B 666 19.66 49.61 3.88
C ALA B 666 19.93 48.12 3.67
N ASP B 667 20.20 47.74 2.42
CA ASP B 667 20.44 46.35 2.07
C ASP B 667 21.81 45.85 2.49
N LEU B 668 22.72 46.76 2.81
CA LEU B 668 24.05 46.36 3.23
C LEU B 668 24.03 45.94 4.70
N HIS B 669 22.87 46.05 5.33
CA HIS B 669 22.74 45.63 6.74
C HIS B 669 22.23 44.20 6.74
N ASP B 670 21.28 43.96 5.85
CA ASP B 670 20.60 42.68 5.70
C ASP B 670 21.49 41.58 5.08
N ARG B 671 22.74 41.52 5.51
CA ARG B 671 23.68 40.54 4.97
C ARG B 671 24.15 39.50 5.99
N SER B 672 24.53 38.34 5.45
CA SER B 672 25.03 37.23 6.26
C SER B 672 26.15 37.61 7.23
N SER B 673 27.06 38.47 6.79
CA SER B 673 28.17 38.89 7.63
C SER B 673 27.68 39.51 8.91
N ARG B 674 26.61 40.30 8.81
CA ARG B 674 26.04 40.92 9.99
C ARG B 674 25.41 39.87 10.88
N MSE B 675 24.81 38.85 10.27
CA MSE B 675 24.19 37.77 11.02
C MSE B 675 25.24 37.05 11.86
O MSE B 675 24.97 36.63 12.98
CB MSE B 675 23.49 36.78 10.07
CG MSE B 675 22.35 37.37 9.29
SE MSE B 675 21.54 36.09 8.06
CE MSE B 675 21.02 37.28 6.61
N VAL B 676 26.45 36.93 11.29
CA VAL B 676 27.57 36.31 11.99
C VAL B 676 27.95 37.19 13.19
N ALA B 677 28.20 38.46 12.92
CA ALA B 677 28.58 39.43 13.94
C ALA B 677 27.55 39.51 15.06
N LYS B 678 26.28 39.40 14.73
CA LYS B 678 25.21 39.44 15.73
C LYS B 678 25.04 38.05 16.34
N GLY B 679 25.64 37.06 15.69
CA GLY B 679 25.57 35.68 16.16
C GLY B 679 24.20 35.04 16.16
N VAL B 680 23.45 35.22 15.08
CA VAL B 680 22.11 34.66 14.97
C VAL B 680 22.16 33.37 14.16
N ILE B 681 23.24 33.18 13.42
CA ILE B 681 23.43 31.97 12.62
C ILE B 681 24.73 31.30 13.06
N SER B 682 24.85 30.02 12.74
CA SER B 682 26.04 29.23 13.09
C SER B 682 27.21 29.51 12.15
N LYS B 683 26.90 29.89 10.91
CA LYS B 683 27.91 30.19 9.90
C LYS B 683 27.22 30.69 8.65
N GLU B 684 27.92 31.50 7.86
CA GLU B 684 27.35 31.93 6.60
C GLU B 684 28.03 30.93 5.65
N LEU B 685 27.27 30.34 4.73
CA LEU B 685 27.83 29.35 3.82
C LEU B 685 27.83 29.73 2.35
N GLU B 686 28.46 28.86 1.57
CA GLU B 686 28.55 29.04 0.13
C GLU B 686 27.80 27.89 -0.54
N TRP B 687 26.68 28.22 -1.18
CA TRP B 687 25.85 27.24 -1.86
C TRP B 687 26.59 26.06 -2.49
N THR B 688 27.53 26.32 -3.39
CA THR B 688 28.24 25.23 -4.05
C THR B 688 28.92 24.26 -3.10
N GLU B 689 29.29 24.73 -1.91
CA GLU B 689 29.94 23.86 -0.95
C GLU B 689 28.99 23.36 0.15
N ALA B 690 27.71 23.70 0.03
CA ALA B 690 26.70 23.31 1.01
C ALA B 690 26.50 21.80 1.18
N ARG B 691 26.37 21.07 0.06
CA ARG B 691 26.18 19.63 0.12
C ARG B 691 27.31 19.03 0.95
N ARG B 692 28.53 19.45 0.67
CA ARG B 692 29.69 18.95 1.40
C ARG B 692 29.66 19.30 2.87
N PHE B 693 29.28 20.53 3.18
CA PHE B 693 29.24 20.97 4.56
C PHE B 693 28.13 20.32 5.38
N PHE B 694 26.91 20.34 4.86
CA PHE B 694 25.78 19.76 5.58
C PHE B 694 25.85 18.27 5.76
N PHE B 695 26.45 17.55 4.82
CA PHE B 695 26.56 16.11 4.95
C PHE B 695 27.31 15.74 6.23
N TRP B 696 28.49 16.34 6.45
CA TRP B 696 29.27 16.02 7.65
C TRP B 696 28.68 16.60 8.93
N ARG B 697 28.04 17.75 8.82
CA ARG B 697 27.43 18.37 10.00
C ARG B 697 26.27 17.46 10.45
N LEU B 698 25.41 17.11 9.50
CA LEU B 698 24.27 16.24 9.78
C LEU B 698 24.72 14.91 10.37
N ARG B 699 25.69 14.30 9.70
CA ARG B 699 26.26 13.02 10.10
C ARG B 699 26.81 13.09 11.52
N ARG B 700 27.47 14.21 11.81
CA ARG B 700 28.07 14.45 13.10
C ARG B 700 26.99 14.62 14.16
N ARG B 701 26.00 15.46 13.87
CA ARG B 701 24.89 15.72 14.79
C ARG B 701 24.15 14.42 15.11
N LEU B 702 23.74 13.67 14.08
CA LEU B 702 23.05 12.40 14.29
C LEU B 702 23.87 11.46 15.17
N ASN B 703 25.18 11.44 14.96
CA ASN B 703 26.07 10.57 15.75
C ASN B 703 26.11 10.96 17.22
N GLU B 704 26.23 12.24 17.50
CA GLU B 704 26.28 12.70 18.87
C GLU B 704 24.92 12.49 19.53
N GLU B 705 23.84 12.59 18.75
CA GLU B 705 22.48 12.37 19.26
C GLU B 705 22.31 10.93 19.69
N TYR B 706 22.80 10.03 18.84
CA TYR B 706 22.74 8.60 19.10
C TYR B 706 23.41 8.30 20.44
N LEU B 707 24.59 8.89 20.66
CA LEU B 707 25.29 8.68 21.91
C LEU B 707 24.57 9.24 23.13
N ILE B 708 23.95 10.41 23.00
CA ILE B 708 23.24 10.98 24.13
C ILE B 708 22.10 10.03 24.50
N LYS B 709 21.42 9.50 23.50
CA LYS B 709 20.32 8.59 23.75
C LYS B 709 20.81 7.26 24.35
N ARG B 710 22.02 6.84 24.01
CA ARG B 710 22.52 5.61 24.61
C ARG B 710 23.00 5.94 26.03
N LEU B 711 23.10 7.22 26.34
CA LEU B 711 23.57 7.64 27.64
C LEU B 711 22.36 7.79 28.57
N SER B 712 21.37 8.57 28.11
CA SER B 712 20.13 8.79 28.86
C SER B 712 19.69 7.51 29.58
N HIS B 713 19.87 6.36 28.94
CA HIS B 713 19.52 5.07 29.56
C HIS B 713 20.47 4.88 30.75
N GLN B 714 20.19 5.60 31.84
CA GLN B 714 21.02 5.57 33.05
C GLN B 714 20.44 6.41 34.20
N VAL B 715 19.86 5.72 35.18
CA VAL B 715 19.22 6.36 36.36
C VAL B 715 19.48 7.86 36.50
N GLY B 716 20.75 8.23 36.66
CA GLY B 716 21.12 9.63 36.82
C GLY B 716 20.78 10.49 35.60
N GLU B 717 19.51 10.52 35.20
CA GLU B 717 19.07 11.34 34.07
C GLU B 717 19.69 12.72 34.32
N ALA B 718 20.55 13.15 33.41
CA ALA B 718 21.24 14.43 33.57
C ALA B 718 20.87 15.46 32.51
N SER B 719 21.15 16.72 32.81
CA SER B 719 20.84 17.77 31.86
C SER B 719 21.48 17.40 30.53
N ARG B 720 20.78 17.71 29.44
CA ARG B 720 21.26 17.42 28.12
C ARG B 720 22.73 17.79 28.05
N LEU B 721 23.03 19.01 28.49
CA LEU B 721 24.40 19.52 28.46
C LEU B 721 25.37 18.70 29.29
N GLU B 722 24.91 18.15 30.41
CA GLU B 722 25.82 17.33 31.20
C GLU B 722 26.21 16.10 30.37
N LYS B 723 25.23 15.49 29.70
CA LYS B 723 25.48 14.30 28.88
C LYS B 723 26.37 14.61 27.65
N ILE B 724 26.16 15.77 27.04
CA ILE B 724 26.94 16.13 25.87
C ILE B 724 28.39 16.39 26.24
N ALA B 725 28.59 17.19 27.28
CA ALA B 725 29.93 17.51 27.74
C ALA B 725 30.70 16.23 28.05
N ARG B 726 29.99 15.27 28.65
CA ARG B 726 30.56 13.99 29.01
C ARG B 726 30.93 13.22 27.75
N ILE B 727 29.99 13.09 26.83
CA ILE B 727 30.27 12.41 25.58
C ILE B 727 31.45 13.12 24.92
N ARG B 728 31.32 14.43 24.73
CA ARG B 728 32.37 15.23 24.10
C ARG B 728 33.75 15.15 24.77
N SER B 729 33.76 14.82 26.06
CA SER B 729 35.03 14.75 26.77
C SER B 729 35.73 13.41 26.60
N TRP B 730 35.10 12.47 25.88
CA TRP B 730 35.71 11.17 25.64
C TRP B 730 36.60 11.28 24.41
N TYR B 731 36.45 12.37 23.67
CA TYR B 731 37.23 12.57 22.45
C TYR B 731 38.65 12.91 22.86
N PRO B 732 39.64 12.26 22.24
CA PRO B 732 41.06 12.51 22.56
C PRO B 732 41.43 13.95 22.19
N ALA B 733 42.63 14.36 22.59
CA ALA B 733 43.11 15.70 22.27
C ALA B 733 43.25 15.87 20.77
N SER B 734 43.71 14.82 20.08
CA SER B 734 43.92 14.88 18.64
C SER B 734 42.66 15.16 17.82
N VAL B 735 41.49 15.06 18.46
CA VAL B 735 40.23 15.33 17.77
C VAL B 735 39.74 16.76 18.04
N ASP B 736 39.40 17.48 16.98
CA ASP B 736 38.90 18.85 17.09
C ASP B 736 37.37 18.84 17.19
N HIS B 737 36.87 19.19 18.37
CA HIS B 737 35.42 19.22 18.62
C HIS B 737 34.65 20.06 17.61
N GLU B 738 35.34 20.99 16.97
CA GLU B 738 34.69 21.87 16.00
C GLU B 738 34.66 21.35 14.57
N ASP B 739 35.42 20.30 14.29
CA ASP B 739 35.43 19.76 12.93
C ASP B 739 34.44 18.59 12.83
N ASP B 740 33.37 18.81 12.07
CA ASP B 740 32.32 17.80 11.89
C ASP B 740 32.78 16.45 11.37
N ARG B 741 33.59 16.46 10.31
CA ARG B 741 34.03 15.20 9.73
C ARG B 741 34.93 14.37 10.64
N GLN B 742 35.82 15.02 11.38
CA GLN B 742 36.70 14.30 12.28
C GLN B 742 35.87 13.72 13.43
N VAL B 743 35.03 14.54 14.04
CA VAL B 743 34.18 14.09 15.14
C VAL B 743 33.29 12.93 14.70
N ALA B 744 32.64 13.09 13.56
CA ALA B 744 31.79 12.05 13.02
C ALA B 744 32.62 10.79 12.82
N THR B 745 33.77 10.96 12.16
CA THR B 745 34.68 9.86 11.87
C THR B 745 35.17 9.08 13.10
N TRP B 746 35.54 9.81 14.15
CA TRP B 746 36.05 9.18 15.36
C TRP B 746 35.03 8.29 16.05
N ILE B 747 33.80 8.78 16.14
CA ILE B 747 32.73 8.03 16.78
C ILE B 747 32.44 6.74 16.03
N GLU B 748 32.34 6.81 14.70
CA GLU B 748 32.03 5.62 13.93
C GLU B 748 33.17 4.59 13.94
N GLU B 749 34.40 5.07 13.87
CA GLU B 749 35.56 4.19 13.89
C GLU B 749 35.84 3.64 15.29
N ASN B 750 35.26 4.26 16.32
CA ASN B 750 35.47 3.76 17.67
C ASN B 750 34.19 3.22 18.30
N TYR B 751 33.33 2.65 17.45
CA TYR B 751 32.06 2.09 17.90
C TYR B 751 32.18 0.87 18.81
N LYS B 752 33.31 0.76 19.53
CA LYS B 752 33.51 -0.35 20.45
C LYS B 752 34.08 0.20 21.77
N THR B 753 35.11 1.03 21.64
CA THR B 753 35.71 1.67 22.80
C THR B 753 34.63 2.58 23.44
N LEU B 754 33.43 2.54 22.86
CA LEU B 754 32.30 3.34 23.37
C LEU B 754 31.27 2.43 24.06
N ASP B 755 30.92 1.32 23.42
CA ASP B 755 29.95 0.37 23.98
C ASP B 755 30.30 0.14 25.44
N ASP B 756 31.58 -0.15 25.68
CA ASP B 756 32.15 -0.39 27.02
C ASP B 756 32.16 0.92 27.81
N LYS B 757 32.95 1.89 27.33
CA LYS B 757 33.09 3.22 27.91
C LYS B 757 31.78 3.65 28.55
N LEU B 758 30.69 3.30 27.86
CA LEU B 758 29.34 3.59 28.33
C LEU B 758 28.96 2.49 29.29
N LYS B 759 28.62 1.32 28.75
CA LYS B 759 28.21 0.13 29.51
C LYS B 759 29.10 -0.25 30.72
N GLY B 760 30.01 0.65 31.12
CA GLY B 760 30.87 0.38 32.26
C GLY B 760 30.46 1.29 33.40
N LEU B 761 30.31 2.57 33.06
CA LEU B 761 29.91 3.60 34.02
C LEU B 761 28.44 3.38 34.46
N LYS B 762 27.84 2.27 34.02
CA LYS B 762 26.45 1.96 34.37
C LYS B 762 26.27 1.51 35.82
N LEU B 763 27.37 1.48 36.58
CA LEU B 763 27.31 1.08 37.99
C LEU B 763 28.27 1.94 38.84
N GLU B 764 28.18 3.26 38.64
CA GLU B 764 28.99 4.25 39.36
C GLU B 764 28.14 5.46 39.71
N SER B 765 26.81 5.35 39.52
CA SER B 765 25.90 6.46 39.84
C SER B 765 24.90 6.12 40.95
N PHE B 766 25.22 5.11 41.78
CA PHE B 766 24.34 4.70 42.89
C PHE B 766 24.28 5.80 43.95
N ALA B 767 25.27 6.70 43.91
CA ALA B 767 25.34 7.83 44.84
C ALA B 767 24.33 8.90 44.40
N GLN B 768 24.44 9.38 43.23
N TRP C 64 7.65 62.65 37.39
CA TRP C 64 6.59 63.33 36.58
C TRP C 64 6.21 62.41 35.43
N LEU C 65 5.11 61.69 35.62
CA LEU C 65 4.60 60.72 34.65
C LEU C 65 3.67 61.25 33.56
N GLN C 66 2.68 62.07 33.94
CA GLN C 66 1.70 62.63 33.01
C GLN C 66 2.03 62.59 31.52
N PRO C 67 3.18 63.14 31.09
CA PRO C 67 3.47 63.08 29.65
C PRO C 67 3.54 61.67 29.04
N LYS C 68 3.83 60.66 29.87
CA LYS C 68 3.88 59.27 29.38
C LYS C 68 2.47 58.69 29.46
N ARG C 69 1.72 59.07 30.49
CA ARG C 69 0.33 58.61 30.61
C ARG C 69 -0.46 59.14 29.42
N TYR C 70 -0.14 60.38 29.01
CA TYR C 70 -0.81 60.98 27.87
C TYR C 70 -0.35 60.30 26.59
N LYS C 71 0.90 59.86 26.58
CA LYS C 71 1.44 59.17 25.41
C LYS C 71 0.67 57.87 25.27
N ALA C 72 0.43 57.20 26.39
CA ALA C 72 -0.29 55.95 26.41
C ALA C 72 -1.75 56.07 26.03
N HIS C 73 -2.48 56.95 26.72
CA HIS C 73 -3.89 57.10 26.43
C HIS C 73 -4.16 57.64 25.03
N LEU C 74 -3.16 58.27 24.44
CA LEU C 74 -3.32 58.80 23.10
C LEU C 74 -3.36 57.59 22.16
N MSE C 75 -2.85 56.46 22.66
CA MSE C 75 -2.82 55.20 21.91
C MSE C 75 -4.07 54.39 22.22
O MSE C 75 -4.44 53.48 21.49
CB MSE C 75 -1.58 54.37 22.28
CG MSE C 75 -0.24 55.07 22.03
SE MSE C 75 0.34 55.12 20.13
CE MSE C 75 2.32 55.09 20.43
N GLY C 76 -4.73 54.73 23.32
CA GLY C 76 -5.95 54.04 23.71
C GLY C 76 -5.68 53.00 24.77
N THR C 77 -4.48 53.03 25.33
CA THR C 77 -4.11 52.08 26.36
C THR C 77 -3.72 52.76 27.67
N THR C 78 -3.63 51.96 28.72
CA THR C 78 -3.25 52.40 30.05
C THR C 78 -1.74 52.35 30.20
N TYR C 79 -1.14 53.39 30.78
CA TYR C 79 0.30 53.42 30.97
C TYR C 79 0.68 52.20 31.81
N VAL C 80 1.80 51.55 31.47
CA VAL C 80 2.24 50.36 32.19
C VAL C 80 2.07 50.38 33.70
N TYR C 81 2.78 51.27 34.37
CA TYR C 81 2.70 51.28 35.83
C TYR C 81 1.32 51.51 36.46
N ASP C 82 0.35 51.92 35.64
CA ASP C 82 -1.01 52.17 36.15
C ASP C 82 -1.88 50.91 36.09
N PHE C 83 -1.35 49.83 35.53
CA PHE C 83 -2.14 48.60 35.43
C PHE C 83 -2.34 47.88 36.76
N PRO C 84 -1.29 47.78 37.59
CA PRO C 84 -1.50 47.08 38.86
C PRO C 84 -2.71 47.63 39.61
N GLU C 85 -2.86 48.95 39.65
CA GLU C 85 -4.01 49.53 40.33
C GLU C 85 -5.31 48.97 39.75
N LEU C 86 -5.29 48.64 38.46
CA LEU C 86 -6.44 48.06 37.77
C LEU C 86 -6.79 46.66 38.30
N PHE C 87 -5.77 45.82 38.46
CA PHE C 87 -5.98 44.46 38.99
C PHE C 87 -6.47 44.51 40.42
N ARG C 88 -6.11 45.58 41.14
CA ARG C 88 -6.55 45.73 42.51
C ARG C 88 -8.06 45.98 42.52
N GLN C 89 -8.50 46.97 41.75
CA GLN C 89 -9.91 47.27 41.70
C GLN C 89 -10.71 46.06 41.25
N ALA C 90 -10.20 45.38 40.22
CA ALA C 90 -10.86 44.19 39.72
C ALA C 90 -10.98 43.19 40.85
N SER C 91 -9.88 43.01 41.58
CA SER C 91 -9.88 42.07 42.71
C SER C 91 -10.85 42.52 43.79
N SER C 92 -10.78 43.80 44.12
CA SER C 92 -11.65 44.36 45.15
C SER C 92 -13.11 44.16 44.73
N SER C 93 -13.35 44.39 43.44
CA SER C 93 -14.68 44.25 42.87
C SER C 93 -15.06 42.76 42.85
N GLN C 94 -14.04 41.92 42.82
CA GLN C 94 -14.21 40.47 42.80
C GLN C 94 -14.74 40.07 44.18
N TRP C 95 -14.15 40.64 45.22
CA TRP C 95 -14.57 40.35 46.58
C TRP C 95 -15.99 40.81 46.87
N LYS C 96 -16.36 41.95 46.28
CA LYS C 96 -17.68 42.51 46.52
C LYS C 96 -18.84 41.72 45.96
N ASN C 97 -18.68 41.13 44.78
CA ASN C 97 -19.78 40.35 44.21
C ASN C 97 -19.98 39.11 45.06
N PHE C 98 -18.90 38.66 45.68
CA PHE C 98 -18.94 37.47 46.53
C PHE C 98 -19.68 37.69 47.85
N SER C 99 -19.45 38.84 48.49
CA SER C 99 -20.09 39.14 49.78
C SER C 99 -19.76 40.55 50.27
N ALA C 100 -20.67 41.49 50.03
CA ALA C 100 -20.48 42.88 50.43
C ALA C 100 -19.96 43.06 51.87
N ASP C 101 -20.50 42.33 52.82
CA ASP C 101 -20.06 42.44 54.21
C ASP C 101 -18.54 42.49 54.40
N VAL C 102 -17.77 41.98 53.43
CA VAL C 102 -16.32 41.98 53.56
C VAL C 102 -15.69 43.35 53.47
N LYS C 103 -14.88 43.66 54.48
CA LYS C 103 -14.17 44.93 54.55
C LYS C 103 -12.73 44.60 54.18
N LEU C 104 -12.33 44.95 52.97
CA LEU C 104 -10.98 44.64 52.53
C LEU C 104 -9.91 45.47 53.22
N THR C 105 -8.84 44.79 53.59
CA THR C 105 -7.67 45.38 54.20
C THR C 105 -6.77 45.77 53.01
N ASP C 106 -6.01 46.85 53.13
CA ASP C 106 -5.18 47.30 52.02
C ASP C 106 -4.13 46.29 51.50
N ASP C 107 -3.65 45.39 52.36
CA ASP C 107 -2.67 44.43 51.90
C ASP C 107 -3.35 43.11 51.49
N PHE C 108 -4.53 43.22 50.91
CA PHE C 108 -5.25 42.04 50.43
C PHE C 108 -4.69 41.87 49.04
N PHE C 109 -4.01 42.91 48.58
CA PHE C 109 -3.42 42.93 47.26
C PHE C 109 -2.06 43.61 47.34
N ILE C 110 -1.03 42.90 46.90
CA ILE C 110 0.32 43.45 46.89
C ILE C 110 0.88 43.31 45.48
N SER C 111 1.66 44.29 45.06
CA SER C 111 2.26 44.27 43.74
C SER C 111 3.66 44.86 43.80
N ASN C 112 4.65 44.06 43.41
CA ASN C 112 6.03 44.51 43.42
C ASN C 112 6.61 44.35 42.04
N GLU C 113 7.23 45.40 41.53
CA GLU C 113 7.83 45.33 40.20
C GLU C 113 8.93 44.29 40.21
N LEU C 114 9.24 43.75 39.04
CA LEU C 114 10.27 42.72 38.89
C LEU C 114 11.35 43.26 37.95
N ILE C 115 12.62 43.06 38.31
CA ILE C 115 13.73 43.52 37.48
C ILE C 115 14.99 42.67 37.64
N GLU C 116 15.92 42.82 36.69
CA GLU C 116 17.18 42.06 36.69
C GLU C 116 18.21 42.64 37.64
N ASP C 117 18.87 41.81 38.44
CA ASP C 117 19.91 42.32 39.31
C ASP C 117 21.17 42.45 38.46
N GLU C 118 22.34 42.57 39.09
CA GLU C 118 23.59 42.74 38.34
C GLU C 118 24.04 41.44 37.70
N ASN C 119 23.37 40.35 38.07
CA ASN C 119 23.69 39.04 37.56
C ASN C 119 22.46 38.40 36.91
N GLY C 120 21.70 39.25 36.22
CA GLY C 120 20.50 38.84 35.51
C GLY C 120 19.41 38.03 36.20
N GLU C 121 19.36 38.05 37.54
CA GLU C 121 18.32 37.31 38.23
C GLU C 121 17.13 38.22 38.56
N LEU C 122 15.95 37.82 38.11
CA LEU C 122 14.76 38.59 38.40
C LEU C 122 14.67 38.69 39.92
N THR C 123 14.24 39.84 40.42
CA THR C 123 14.12 40.07 41.87
C THR C 123 13.06 41.15 42.10
N GLU C 124 12.37 41.08 43.23
CA GLU C 124 11.32 42.04 43.55
C GLU C 124 11.92 43.34 44.11
N VAL C 125 11.29 44.48 43.82
CA VAL C 125 11.76 45.80 44.28
C VAL C 125 10.64 46.85 44.22
N GLU C 126 10.72 47.88 45.07
CA GLU C 126 9.70 48.93 45.07
C GLU C 126 10.24 50.31 44.67
N ARG C 127 10.82 50.41 43.47
CA ARG C 127 11.36 51.67 43.01
C ARG C 127 10.26 52.65 42.58
N GLU C 128 10.66 53.82 42.09
CA GLU C 128 9.72 54.85 41.65
C GLU C 128 9.33 54.56 40.20
N PRO C 129 8.02 54.48 39.92
CA PRO C 129 7.47 54.21 38.58
C PRO C 129 8.04 55.07 37.46
N GLY C 130 8.14 54.52 36.26
CA GLY C 130 8.63 55.27 35.12
C GLY C 130 10.13 55.27 34.87
N ALA C 131 10.87 54.59 35.73
CA ALA C 131 12.33 54.52 35.60
C ALA C 131 12.77 53.22 34.92
N ASN C 132 11.90 52.59 34.14
CA ASN C 132 12.30 51.36 33.49
C ASN C 132 13.30 51.65 32.37
N ALA C 133 14.41 50.93 32.41
CA ALA C 133 15.49 51.08 31.44
C ALA C 133 15.20 50.39 30.12
N ILE C 134 14.24 49.46 30.13
CA ILE C 134 13.89 48.75 28.90
C ILE C 134 12.41 48.90 28.66
N GLY C 135 11.97 48.60 27.43
CA GLY C 135 10.57 48.71 27.08
C GLY C 135 9.70 47.50 27.41
N MSE C 136 9.94 46.93 28.58
CA MSE C 136 9.18 45.77 29.04
C MSE C 136 9.26 45.76 30.57
O MSE C 136 10.36 45.80 31.12
CB MSE C 136 9.83 44.49 28.45
CG MSE C 136 9.03 43.21 28.61
SE MSE C 136 7.55 43.02 27.34
CE MSE C 136 8.55 42.72 25.70
N VAL C 137 8.12 45.74 31.24
CA VAL C 137 8.09 45.72 32.71
C VAL C 137 7.30 44.51 33.18
N ALA C 138 7.48 44.12 34.43
CA ALA C 138 6.77 42.96 34.94
C ALA C 138 6.36 43.16 36.40
N PHE C 139 5.31 42.47 36.83
CA PHE C 139 4.84 42.58 38.20
C PHE C 139 4.52 41.23 38.83
N LYS C 140 4.91 41.09 40.10
CA LYS C 140 4.63 39.89 40.87
C LYS C 140 3.45 40.34 41.69
N ILE C 141 2.38 39.55 41.71
CA ILE C 141 1.20 39.96 42.43
C ILE C 141 0.68 38.89 43.37
N THR C 142 0.39 39.29 44.60
CA THR C 142 -0.16 38.36 45.59
C THR C 142 -1.51 38.93 45.94
N VAL C 143 -2.55 38.13 45.81
CA VAL C 143 -3.91 38.58 46.10
C VAL C 143 -4.72 37.56 46.85
N LYS C 144 -5.36 38.00 47.92
CA LYS C 144 -6.24 37.14 48.68
C LYS C 144 -7.52 37.31 47.88
N THR C 145 -8.00 36.23 47.28
CA THR C 145 -9.22 36.30 46.48
C THR C 145 -10.22 35.37 47.16
N PRO C 146 -11.48 35.36 46.70
CA PRO C 146 -12.47 34.49 47.32
C PRO C 146 -12.01 33.05 47.37
N GLU C 147 -11.55 32.51 46.23
CA GLU C 147 -11.09 31.12 46.21
C GLU C 147 -9.81 30.90 47.01
N TYR C 148 -8.99 31.95 47.11
CA TYR C 148 -7.76 31.84 47.87
C TYR C 148 -7.69 32.95 48.89
N PRO C 149 -8.39 32.78 50.02
CA PRO C 149 -8.46 33.72 51.14
C PRO C 149 -7.08 34.07 51.70
N ARG C 150 -6.15 33.12 51.64
CA ARG C 150 -4.80 33.33 52.15
C ARG C 150 -3.78 33.73 51.10
N GLY C 151 -4.22 34.04 49.88
CA GLY C 151 -3.29 34.45 48.85
C GLY C 151 -3.07 33.52 47.67
N ARG C 152 -3.11 34.12 46.49
CA ARG C 152 -2.89 33.43 45.22
C ARG C 152 -1.88 34.34 44.51
N GLN C 153 -0.98 33.76 43.71
CA GLN C 153 0.03 34.56 43.03
C GLN C 153 0.10 34.38 41.53
N PHE C 154 0.56 35.42 40.85
CA PHE C 154 0.74 35.37 39.41
C PHE C 154 1.63 36.53 38.97
N VAL C 155 2.06 36.52 37.71
CA VAL C 155 2.93 37.58 37.21
C VAL C 155 2.27 38.28 36.03
N VAL C 156 2.55 39.56 35.88
CA VAL C 156 2.03 40.35 34.77
C VAL C 156 3.23 40.91 34.02
N VAL C 157 3.30 40.64 32.71
CA VAL C 157 4.39 41.14 31.87
C VAL C 157 3.74 42.11 30.89
N ALA C 158 4.44 43.17 30.54
CA ALA C 158 3.85 44.14 29.62
C ALA C 158 4.85 44.98 28.85
N ASN C 159 4.43 45.44 27.68
CA ASN C 159 5.24 46.29 26.84
C ASN C 159 5.08 47.70 27.38
N ASP C 160 6.08 48.54 27.18
CA ASP C 160 5.94 49.91 27.62
C ASP C 160 5.73 50.66 26.32
N ILE C 161 4.46 50.89 26.00
CA ILE C 161 4.13 51.58 24.76
C ILE C 161 4.72 52.99 24.67
N THR C 162 5.29 53.49 25.75
CA THR C 162 5.90 54.83 25.75
C THR C 162 7.42 54.74 25.73
N PHE C 163 7.91 53.58 25.32
CA PHE C 163 9.35 53.34 25.26
C PHE C 163 9.66 52.77 23.88
N LYS C 164 10.13 53.62 22.98
CA LYS C 164 10.43 53.19 21.62
C LYS C 164 9.21 52.48 21.06
N ILE C 165 8.07 53.17 21.17
CA ILE C 165 6.78 52.68 20.69
C ILE C 165 6.50 51.21 20.99
N GLY C 166 6.91 50.76 22.18
CA GLY C 166 6.69 49.38 22.56
C GLY C 166 7.30 48.35 21.63
N SER C 167 8.41 48.68 21.00
CA SER C 167 9.07 47.76 20.08
C SER C 167 9.74 46.63 20.87
N PHE C 168 10.05 45.54 20.19
CA PHE C 168 10.71 44.41 20.83
C PHE C 168 12.18 44.38 20.42
N GLY C 169 13.07 44.86 21.29
CA GLY C 169 14.49 44.83 20.99
C GLY C 169 15.09 43.64 21.74
N PRO C 170 16.36 43.30 21.51
CA PRO C 170 17.00 42.17 22.18
C PRO C 170 16.78 42.12 23.69
N GLN C 171 16.95 43.26 24.36
CA GLN C 171 16.79 43.31 25.81
C GLN C 171 15.35 43.06 26.25
N GLU C 172 14.39 43.65 25.52
CA GLU C 172 12.98 43.46 25.86
C GLU C 172 12.66 41.97 25.74
N ASP C 173 13.06 41.35 24.63
CA ASP C 173 12.84 39.92 24.40
C ASP C 173 13.40 39.15 25.60
N GLU C 174 14.67 39.38 25.90
CA GLU C 174 15.35 38.74 27.04
C GLU C 174 14.53 38.81 28.33
N PHE C 175 14.15 40.01 28.75
CA PHE C 175 13.37 40.20 29.97
C PHE C 175 12.10 39.34 29.91
N PHE C 176 11.36 39.45 28.80
CA PHE C 176 10.13 38.69 28.60
C PHE C 176 10.39 37.19 28.78
N ASN C 177 11.41 36.66 28.10
CA ASN C 177 11.71 35.25 28.22
C ASN C 177 12.04 34.90 29.65
N LYS C 178 12.82 35.75 30.30
CA LYS C 178 13.22 35.53 31.69
C LYS C 178 12.04 35.57 32.64
N VAL C 179 11.06 36.43 32.34
CA VAL C 179 9.88 36.53 33.19
C VAL C 179 9.01 35.29 33.03
N THR C 180 8.90 34.79 31.81
CA THR C 180 8.11 33.58 31.56
C THR C 180 8.66 32.42 32.36
N GLU C 181 9.97 32.18 32.26
CA GLU C 181 10.62 31.09 32.97
C GLU C 181 10.43 31.25 34.48
N TYR C 182 10.43 32.51 34.90
CA TYR C 182 10.23 32.83 36.29
C TYR C 182 8.90 32.24 36.72
N ALA C 183 7.85 32.60 35.99
CA ALA C 183 6.51 32.12 36.28
C ALA C 183 6.43 30.59 36.17
N ARG C 184 6.97 30.04 35.08
CA ARG C 184 6.94 28.60 34.87
C ARG C 184 7.66 27.84 35.97
N LYS C 185 8.81 28.34 36.41
CA LYS C 185 9.56 27.68 37.49
C LYS C 185 8.67 27.49 38.70
N ARG C 186 7.96 28.55 39.07
CA ARG C 186 7.08 28.55 40.23
C ARG C 186 5.69 27.95 39.98
N GLY C 187 5.41 27.61 38.72
CA GLY C 187 4.12 27.04 38.36
C GLY C 187 3.01 28.08 38.48
N ILE C 188 3.41 29.35 38.36
CA ILE C 188 2.49 30.46 38.50
C ILE C 188 1.98 31.03 37.18
N PRO C 189 0.71 31.48 37.15
CA PRO C 189 0.10 32.05 35.94
C PRO C 189 0.87 33.24 35.35
N ARG C 190 0.85 33.34 34.02
CA ARG C 190 1.52 34.44 33.33
C ARG C 190 0.55 35.28 32.49
N ILE C 191 0.22 36.46 33.00
CA ILE C 191 -0.67 37.38 32.32
C ILE C 191 0.20 38.35 31.54
N TYR C 192 -0.02 38.42 30.23
CA TYR C 192 0.75 39.31 29.37
C TYR C 192 -0.13 40.44 28.84
N LEU C 193 0.38 41.68 28.93
CA LEU C 193 -0.34 42.84 28.44
C LEU C 193 0.33 43.31 27.16
N ALA C 194 -0.33 43.06 26.03
CA ALA C 194 0.18 43.41 24.72
C ALA C 194 -0.11 44.84 24.26
N ALA C 195 0.95 45.59 24.00
CA ALA C 195 0.87 46.97 23.55
C ALA C 195 2.24 47.25 22.97
N ASN C 196 2.42 46.89 21.71
CA ASN C 196 3.70 47.04 21.06
C ASN C 196 3.57 47.39 19.59
N SER C 197 4.71 47.39 18.90
CA SER C 197 4.74 47.67 17.47
C SER C 197 5.66 46.69 16.74
N GLY C 198 5.84 45.52 17.33
CA GLY C 198 6.67 44.49 16.72
C GLY C 198 8.17 44.58 16.97
N ALA C 199 8.92 43.88 16.13
CA ALA C 199 10.37 43.84 16.22
C ALA C 199 10.96 45.21 15.99
N ARG C 200 11.94 45.58 16.79
CA ARG C 200 12.58 46.87 16.63
C ARG C 200 13.38 46.92 15.34
N ILE C 201 13.48 48.11 14.75
CA ILE C 201 14.23 48.28 13.50
C ILE C 201 15.14 49.49 13.59
N GLY C 202 16.20 49.50 12.79
CA GLY C 202 17.10 50.62 12.81
C GLY C 202 18.13 50.53 11.71
N MSE C 203 19.03 51.49 11.69
CA MSE C 203 20.10 51.53 10.71
C MSE C 203 21.31 52.08 11.43
O MSE C 203 21.17 52.73 12.47
CB MSE C 203 19.76 52.45 9.53
CG MSE C 203 18.61 52.01 8.63
SE MSE C 203 18.61 53.07 6.96
CE MSE C 203 18.94 54.84 7.76
N ALA C 204 22.50 51.82 10.90
CA ALA C 204 23.70 52.34 11.51
C ALA C 204 23.68 53.83 11.15
N GLU C 205 23.13 54.64 12.07
CA GLU C 205 23.00 56.10 11.87
C GLU C 205 24.32 56.83 11.70
N GLU C 206 25.38 56.27 12.26
CA GLU C 206 26.70 56.88 12.20
C GLU C 206 27.35 56.77 10.83
N ILE C 207 27.06 55.71 10.10
CA ILE C 207 27.67 55.54 8.77
C ILE C 207 26.93 56.40 7.76
N VAL C 208 25.76 56.87 8.16
CA VAL C 208 24.92 57.71 7.31
C VAL C 208 25.71 58.88 6.72
N PRO C 209 26.11 59.86 7.57
CA PRO C 209 26.84 61.02 7.05
C PRO C 209 28.19 60.70 6.41
N LEU C 210 28.98 59.86 7.08
CA LEU C 210 30.30 59.50 6.56
C LEU C 210 30.29 58.28 5.66
N PHE C 211 29.95 58.46 4.39
CA PHE C 211 29.95 57.36 3.41
C PHE C 211 29.82 57.97 2.01
N GLN C 212 30.51 57.38 1.03
CA GLN C 212 30.51 57.93 -0.33
C GLN C 212 29.73 57.14 -1.38
N VAL C 213 29.81 57.58 -2.63
CA VAL C 213 29.05 56.94 -3.69
C VAL C 213 29.77 56.68 -5.01
N ALA C 214 31.06 56.33 -4.97
CA ALA C 214 31.82 56.05 -6.20
C ALA C 214 30.88 55.82 -7.40
N TRP C 215 30.78 56.82 -8.26
CA TRP C 215 29.92 56.69 -9.44
C TRP C 215 30.77 56.46 -10.67
N ASN C 216 30.13 55.93 -11.71
CA ASN C 216 30.80 55.76 -12.99
C ASN C 216 30.30 57.08 -13.60
N ASP C 217 31.23 57.92 -14.05
CA ASP C 217 30.90 59.23 -14.64
C ASP C 217 30.37 60.14 -13.54
N ALA C 218 31.26 60.54 -12.63
CA ALA C 218 30.87 61.43 -11.52
C ALA C 218 29.86 62.45 -12.03
N ALA C 219 30.37 63.44 -12.77
CA ALA C 219 29.57 64.53 -13.34
C ALA C 219 28.09 64.16 -13.45
N ASN C 220 27.82 62.99 -14.05
CA ASN C 220 26.45 62.48 -14.21
C ASN C 220 26.16 61.49 -13.08
N PRO C 221 25.55 61.97 -11.98
CA PRO C 221 25.19 61.18 -10.80
C PRO C 221 24.22 60.06 -11.18
N ASP C 222 23.50 60.29 -12.26
CA ASP C 222 22.52 59.34 -12.77
C ASP C 222 23.18 58.25 -13.63
N LYS C 223 24.41 57.87 -13.29
CA LYS C 223 25.10 56.84 -14.08
C LYS C 223 25.79 55.80 -13.23
N GLY C 224 24.98 54.91 -12.66
CA GLY C 224 25.50 53.85 -11.81
C GLY C 224 26.10 54.37 -10.52
N PHE C 225 26.51 53.42 -9.67
CA PHE C 225 27.14 53.73 -8.40
C PHE C 225 27.66 52.48 -7.67
N GLN C 226 27.61 51.32 -8.33
CA GLN C 226 28.04 50.06 -7.70
C GLN C 226 29.28 50.35 -6.87
N TYR C 227 29.05 50.53 -5.57
CA TYR C 227 30.07 50.85 -4.58
C TYR C 227 29.45 51.72 -3.50
N LEU C 228 30.21 51.87 -2.42
CA LEU C 228 29.85 52.68 -1.27
C LEU C 228 31.14 52.47 -0.51
N TYR C 229 31.65 53.52 0.13
CA TYR C 229 32.92 53.39 0.84
C TYR C 229 33.22 54.50 1.81
N LEU C 230 34.34 54.35 2.50
CA LEU C 230 34.79 55.31 3.50
C LEU C 230 36.19 55.82 3.15
N THR C 231 36.41 57.11 3.39
CA THR C 231 37.70 57.74 3.14
C THR C 231 38.49 57.59 4.41
N SER C 232 39.82 57.62 4.33
CA SER C 232 40.61 57.49 5.56
C SER C 232 40.01 58.46 6.58
N GLU C 233 39.40 59.52 6.07
CA GLU C 233 38.79 60.53 6.94
C GLU C 233 37.56 59.98 7.67
N GLY C 234 36.55 59.61 6.89
CA GLY C 234 35.32 59.07 7.45
C GLY C 234 35.61 57.84 8.28
N MSE C 235 36.48 56.99 7.74
CA MSE C 235 36.89 55.75 8.40
C MSE C 235 37.43 56.08 9.80
O MSE C 235 36.85 55.70 10.81
CB MSE C 235 37.98 55.08 7.56
CG MSE C 235 38.48 53.73 8.09
SE MSE C 235 37.26 52.20 7.73
CE MSE C 235 36.76 51.89 9.62
N GLU C 236 38.54 56.79 9.84
CA GLU C 236 39.18 57.17 11.10
C GLU C 236 38.20 57.75 12.13
N THR C 237 37.21 58.50 11.65
CA THR C 237 36.20 59.06 12.55
C THR C 237 35.79 57.94 13.49
N LEU C 238 35.38 56.82 12.90
CA LEU C 238 34.98 55.65 13.66
C LEU C 238 36.00 55.36 14.76
N LYS C 239 37.27 55.18 14.37
CA LYS C 239 38.32 54.92 15.37
C LYS C 239 38.16 55.96 16.47
N LYS C 240 37.84 57.19 16.08
CA LYS C 240 37.64 58.28 17.05
C LYS C 240 36.51 57.91 18.01
N PHE C 241 35.31 57.68 17.47
CA PHE C 241 34.16 57.33 18.30
C PHE C 241 34.04 55.83 18.63
N ASP C 242 35.12 55.10 18.44
CA ASP C 242 35.16 53.68 18.76
C ASP C 242 34.02 52.85 18.12
N LYS C 243 33.76 53.12 16.84
CA LYS C 243 32.73 52.43 16.09
C LYS C 243 33.39 51.78 14.88
N GLU C 244 34.63 51.34 15.08
CA GLU C 244 35.44 50.70 14.03
C GLU C 244 34.93 49.27 13.76
N ASN C 245 34.00 48.83 14.60
CA ASN C 245 33.42 47.51 14.49
C ASN C 245 32.06 47.69 13.81
N SER C 246 31.92 48.72 12.99
CA SER C 246 30.63 48.98 12.36
C SER C 246 30.55 48.83 10.86
N VAL C 247 31.65 48.43 10.22
CA VAL C 247 31.61 48.28 8.77
C VAL C 247 32.68 47.40 8.18
N LEU C 248 32.40 46.12 8.01
CA LEU C 248 33.39 45.25 7.40
C LEU C 248 33.79 45.96 6.11
N THR C 249 35.07 46.25 5.96
CA THR C 249 35.54 46.96 4.76
C THR C 249 36.78 46.40 4.11
N GLU C 250 36.88 46.62 2.81
CA GLU C 250 38.05 46.18 2.05
C GLU C 250 38.76 47.43 1.51
N ARG C 251 40.10 47.42 1.48
CA ARG C 251 40.86 48.58 1.01
C ARG C 251 41.27 48.56 -0.47
N THR C 252 40.65 49.46 -1.25
CA THR C 252 40.96 49.61 -2.67
C THR C 252 41.69 50.97 -2.79
N VAL C 253 42.21 51.30 -3.98
CA VAL C 253 42.95 52.56 -4.17
C VAL C 253 42.84 53.20 -5.58
N ILE C 254 41.67 53.05 -6.19
CA ILE C 254 41.41 53.57 -7.54
C ILE C 254 41.63 55.08 -7.81
N ASN C 255 42.08 55.36 -9.05
CA ASN C 255 42.33 56.72 -9.54
C ASN C 255 43.08 57.62 -8.57
N GLY C 256 44.33 57.28 -8.30
CA GLY C 256 45.09 58.11 -7.39
C GLY C 256 45.08 57.60 -5.97
N GLU C 257 44.18 58.15 -5.14
CA GLU C 257 44.11 57.75 -3.72
C GLU C 257 43.02 56.73 -3.31
N GLU C 258 43.33 56.05 -2.20
CA GLU C 258 42.54 54.98 -1.56
C GLU C 258 41.02 55.15 -1.35
N ARG C 259 40.39 54.03 -1.01
CA ARG C 259 38.95 53.93 -0.75
C ARG C 259 38.68 52.62 0.00
N PHE C 260 38.17 52.71 1.23
CA PHE C 260 37.83 51.53 2.03
C PHE C 260 36.39 51.09 1.70
N VAL C 261 36.23 50.26 0.67
CA VAL C 261 34.92 49.78 0.23
C VAL C 261 34.07 49.14 1.33
N ILE C 262 32.81 49.58 1.44
CA ILE C 262 31.87 49.08 2.45
C ILE C 262 31.27 47.77 1.98
N LYS C 263 31.74 46.68 2.58
CA LYS C 263 31.25 45.36 2.23
C LYS C 263 29.96 45.00 2.97
N THR C 264 29.87 45.39 4.25
CA THR C 264 28.69 45.13 5.05
C THR C 264 28.55 46.14 6.18
N ILE C 265 27.32 46.58 6.45
CA ILE C 265 27.07 47.53 7.54
C ILE C 265 26.52 46.75 8.74
N ILE C 266 27.06 47.02 9.92
CA ILE C 266 26.66 46.34 11.15
C ILE C 266 25.97 47.31 12.11
N GLY C 267 26.57 48.49 12.24
CA GLY C 267 26.03 49.48 13.14
C GLY C 267 26.65 49.21 14.49
N SER C 268 26.67 50.21 15.36
CA SER C 268 27.23 50.03 16.69
C SER C 268 26.11 49.82 17.69
N GLU C 269 24.88 50.08 17.26
CA GLU C 269 23.70 49.89 18.10
C GLU C 269 23.13 48.48 17.98
N ASP C 270 22.54 48.00 19.06
CA ASP C 270 21.92 46.68 19.09
C ASP C 270 20.42 46.90 19.00
N GLY C 271 19.77 46.23 18.05
CA GLY C 271 18.34 46.40 17.89
C GLY C 271 18.01 46.96 16.51
N LEU C 272 18.79 46.54 15.51
CA LEU C 272 18.60 47.00 14.14
C LEU C 272 17.93 45.98 13.23
N GLY C 273 18.02 44.69 13.57
CA GLY C 273 17.41 43.69 12.73
C GLY C 273 17.38 42.26 13.23
N VAL C 274 18.11 41.37 12.56
CA VAL C 274 18.12 39.96 12.91
C VAL C 274 18.36 39.64 14.37
N GLU C 275 19.07 40.50 15.10
CA GLU C 275 19.32 40.24 16.52
C GLU C 275 17.97 40.33 17.20
N CYS C 276 17.08 41.13 16.61
CA CYS C 276 15.73 41.32 17.10
C CYS C 276 14.89 40.14 16.70
N LEU C 277 15.19 39.58 15.54
CA LEU C 277 14.46 38.40 15.07
C LEU C 277 14.75 37.19 15.96
N ARG C 278 16.02 36.99 16.36
CA ARG C 278 16.38 35.87 17.23
C ARG C 278 15.63 36.00 18.56
N GLY C 279 15.37 37.24 18.95
CA GLY C 279 14.65 37.48 20.19
C GLY C 279 13.18 37.17 20.03
N SER C 280 12.64 37.43 18.85
CA SER C 280 11.24 37.18 18.58
C SER C 280 10.90 35.70 18.68
N GLY C 281 11.74 34.86 18.08
CA GLY C 281 11.53 33.43 18.11
C GLY C 281 11.77 32.84 19.49
N LEU C 282 12.65 33.48 20.26
CA LEU C 282 12.98 33.01 21.59
C LEU C 282 11.77 33.11 22.50
N ILE C 283 11.03 34.22 22.35
CA ILE C 283 9.85 34.43 23.18
C ILE C 283 8.62 33.74 22.58
N ALA C 284 8.74 33.37 21.30
CA ALA C 284 7.66 32.65 20.63
C ALA C 284 7.68 31.26 21.24
N GLY C 285 8.86 30.65 21.24
CA GLY C 285 9.01 29.31 21.78
C GLY C 285 8.77 29.24 23.28
N ALA C 286 9.08 30.31 23.99
CA ALA C 286 8.89 30.34 25.43
C ALA C 286 7.42 30.38 25.77
N THR C 287 6.63 31.01 24.90
CA THR C 287 5.20 31.15 25.10
C THR C 287 4.51 29.84 24.74
N SER C 288 5.04 29.18 23.71
CA SER C 288 4.52 27.89 23.26
C SER C 288 4.60 26.87 24.40
N ARG C 289 5.73 26.88 25.09
CA ARG C 289 5.98 25.98 26.22
C ARG C 289 5.19 26.41 27.45
N ALA C 290 5.17 27.71 27.71
CA ALA C 290 4.45 28.27 28.85
C ALA C 290 3.01 27.80 28.87
N TYR C 291 2.36 27.83 27.70
CA TYR C 291 0.98 27.40 27.60
C TYR C 291 0.74 25.95 28.03
N HIS C 292 1.70 25.07 27.74
CA HIS C 292 1.60 23.66 28.15
C HIS C 292 2.13 23.50 29.57
N ASP C 293 2.45 24.61 30.22
CA ASP C 293 3.04 24.55 31.54
C ASP C 293 2.32 25.29 32.68
N ILE C 294 1.85 26.49 32.38
CA ILE C 294 1.17 27.33 33.36
C ILE C 294 0.01 28.02 32.69
N PHE C 295 -0.89 28.56 33.49
CA PHE C 295 -2.01 29.29 32.92
C PHE C 295 -1.46 30.54 32.24
N THR C 296 -1.70 30.69 30.95
CA THR C 296 -1.25 31.86 30.21
C THR C 296 -2.44 32.58 29.62
N ILE C 297 -2.38 33.91 29.60
CA ILE C 297 -3.47 34.69 29.04
C ILE C 297 -2.96 36.04 28.55
N THR C 298 -3.59 36.58 27.52
CA THR C 298 -3.16 37.86 26.97
C THR C 298 -4.31 38.83 26.78
N LEU C 299 -4.05 40.09 27.13
CA LEU C 299 -5.02 41.16 26.97
C LEU C 299 -4.47 42.12 25.93
N VAL C 300 -5.07 42.14 24.74
CA VAL C 300 -4.59 43.05 23.71
C VAL C 300 -5.14 44.43 24.10
N THR C 301 -4.31 45.16 24.83
CA THR C 301 -4.63 46.48 25.36
C THR C 301 -4.19 47.62 24.45
N CYS C 302 -3.88 47.27 23.19
CA CYS C 302 -3.44 48.23 22.18
C CYS C 302 -2.89 47.38 21.05
N ARG C 303 -2.69 47.98 19.88
CA ARG C 303 -2.19 47.23 18.74
C ARG C 303 -1.03 46.32 19.16
N SER C 304 -0.99 45.12 18.59
CA SER C 304 0.05 44.13 18.86
C SER C 304 0.52 43.64 17.49
N VAL C 305 1.73 44.04 17.10
CA VAL C 305 2.29 43.71 15.80
C VAL C 305 3.36 42.63 15.75
N GLY C 306 3.43 41.90 14.63
CA GLY C 306 4.42 40.84 14.46
C GLY C 306 4.39 39.79 15.55
N ILE C 307 5.48 39.65 16.30
CA ILE C 307 5.48 38.67 17.39
C ILE C 307 4.49 39.12 18.43
N GLY C 308 3.96 40.33 18.24
CA GLY C 308 2.96 40.82 19.16
C GLY C 308 1.73 39.98 18.86
N ALA C 309 1.47 39.76 17.57
CA ALA C 309 0.33 38.96 17.14
C ALA C 309 0.55 37.47 17.44
N TYR C 310 1.78 37.00 17.28
CA TYR C 310 2.03 35.60 17.57
C TYR C 310 2.01 35.27 19.05
N LEU C 311 2.51 36.16 19.89
CA LEU C 311 2.48 35.93 21.33
C LEU C 311 1.03 35.82 21.82
N VAL C 312 0.18 36.76 21.43
CA VAL C 312 -1.21 36.68 21.84
C VAL C 312 -1.79 35.32 21.49
N ARG C 313 -1.35 34.75 20.37
CA ARG C 313 -1.86 33.45 19.95
C ARG C 313 -1.18 32.30 20.67
N LEU C 314 0.15 32.29 20.66
CA LEU C 314 0.91 31.23 21.30
C LEU C 314 0.47 31.01 22.75
N GLY C 315 -0.07 32.05 23.40
CA GLY C 315 -0.52 31.93 24.77
C GLY C 315 -1.96 31.43 24.80
N GLN C 316 -2.55 31.32 23.61
CA GLN C 316 -3.91 30.86 23.40
C GLN C 316 -5.03 31.76 23.95
N ARG C 317 -5.13 31.83 25.27
CA ARG C 317 -6.16 32.63 25.94
C ARG C 317 -5.94 34.15 25.75
N ALA C 318 -6.86 34.77 25.03
CA ALA C 318 -6.76 36.19 24.73
C ALA C 318 -8.07 36.96 24.81
N ILE C 319 -8.02 38.12 25.45
CA ILE C 319 -9.16 39.01 25.57
C ILE C 319 -8.76 40.28 24.84
N GLN C 320 -9.54 40.62 23.82
CA GLN C 320 -9.26 41.77 22.98
C GLN C 320 -10.13 43.00 23.31
N VAL C 321 -9.50 44.18 23.37
CA VAL C 321 -10.23 45.41 23.64
C VAL C 321 -10.71 46.01 22.33
N GLU C 322 -12.00 46.30 22.23
CA GLU C 322 -12.54 46.88 21.01
C GLU C 322 -11.67 48.04 20.54
N GLY C 323 -11.41 48.08 19.24
CA GLY C 323 -10.59 49.17 18.72
C GLY C 323 -9.11 48.89 18.68
N GLN C 324 -8.66 47.92 19.47
CA GLN C 324 -7.24 47.57 19.48
C GLN C 324 -6.98 46.41 18.52
N PRO C 325 -6.26 46.67 17.43
CA PRO C 325 -5.94 45.66 16.42
C PRO C 325 -4.81 44.66 16.73
N ILE C 326 -4.88 43.51 16.05
CA ILE C 326 -3.90 42.44 16.17
C ILE C 326 -3.46 42.15 14.74
N ILE C 327 -2.30 42.66 14.35
CA ILE C 327 -1.85 42.46 12.98
C ILE C 327 -0.40 42.01 12.79
N LEU C 328 -0.13 41.48 11.61
CA LEU C 328 1.20 41.03 11.24
C LEU C 328 1.84 42.15 10.41
N THR C 329 1.11 42.60 9.39
CA THR C 329 1.57 43.68 8.53
C THR C 329 0.51 44.76 8.69
N GLY C 330 0.91 46.03 8.63
CA GLY C 330 -0.05 47.11 8.78
C GLY C 330 -0.69 47.55 7.46
N ALA C 331 -1.92 48.04 7.54
CA ALA C 331 -2.65 48.50 6.37
C ALA C 331 -1.77 49.31 5.44
N PRO C 332 -1.21 50.44 5.92
CA PRO C 332 -0.35 51.27 5.07
C PRO C 332 0.50 50.40 4.15
N ALA C 333 1.28 49.51 4.75
CA ALA C 333 2.16 48.62 3.97
C ALA C 333 1.40 47.77 2.95
N ILE C 334 0.39 47.03 3.41
CA ILE C 334 -0.35 46.18 2.48
C ILE C 334 -0.72 46.93 1.21
N ASN C 335 -1.41 48.06 1.35
CA ASN C 335 -1.83 48.86 0.20
C ASN C 335 -0.66 49.11 -0.74
N LYS C 336 0.47 49.54 -0.18
CA LYS C 336 1.65 49.80 -0.98
C LYS C 336 1.90 48.57 -1.84
N MSE C 337 1.82 47.40 -1.22
CA MSE C 337 2.04 46.15 -1.95
C MSE C 337 0.99 46.04 -3.05
O MSE C 337 1.34 45.98 -4.23
CB MSE C 337 1.96 44.93 -1.01
CG MSE C 337 3.14 44.81 -0.03
SE MSE C 337 3.11 43.13 1.06
CE MSE C 337 1.99 42.05 -0.18
N LEU C 338 -0.29 46.02 -2.66
CA LEU C 338 -1.38 45.91 -3.62
C LEU C 338 -1.39 47.01 -4.69
N GLY C 339 -0.48 47.97 -4.57
CA GLY C 339 -0.44 49.05 -5.54
C GLY C 339 -1.83 49.67 -5.66
N ARG C 340 -2.37 50.12 -4.53
CA ARG C 340 -3.69 50.74 -4.44
C ARG C 340 -4.15 50.85 -2.99
N GLU C 341 -5.00 51.85 -2.72
CA GLU C 341 -5.50 52.06 -1.36
C GLU C 341 -6.69 51.17 -1.09
N VAL C 342 -6.44 49.90 -0.75
CA VAL C 342 -7.53 48.98 -0.47
C VAL C 342 -8.04 48.94 0.98
N TYR C 343 -7.20 49.30 1.96
CA TYR C 343 -7.62 49.29 3.36
C TYR C 343 -7.55 50.65 4.03
N THR C 344 -8.58 50.95 4.80
CA THR C 344 -8.67 52.23 5.51
C THR C 344 -7.94 52.24 6.84
N SER C 345 -8.13 51.19 7.62
CA SER C 345 -7.48 51.08 8.93
C SER C 345 -7.03 49.65 9.20
N ASN C 346 -6.22 49.48 10.24
CA ASN C 346 -5.72 48.17 10.61
C ASN C 346 -6.85 47.30 11.16
N LEU C 347 -7.96 47.93 11.53
CA LEU C 347 -9.09 47.19 12.08
C LEU C 347 -9.72 46.24 11.08
N GLN C 348 -9.52 46.51 9.79
CA GLN C 348 -10.07 45.61 8.77
C GLN C 348 -9.17 44.39 8.66
N LEU C 349 -8.01 44.48 9.29
CA LEU C 349 -7.04 43.41 9.27
C LEU C 349 -7.07 42.60 10.58
N GLY C 350 -6.96 43.29 11.71
CA GLY C 350 -6.95 42.60 12.99
C GLY C 350 -7.84 43.20 14.05
N GLY C 351 -9.04 43.61 13.63
CA GLY C 351 -10.01 44.15 14.58
C GLY C 351 -10.78 43.01 15.22
N THR C 352 -11.59 43.32 16.22
CA THR C 352 -12.36 42.29 16.87
C THR C 352 -13.25 41.55 15.88
N GLN C 353 -13.69 42.27 14.83
CA GLN C 353 -14.55 41.66 13.82
C GLN C 353 -13.81 40.54 13.08
N ILE C 354 -12.50 40.49 13.26
CA ILE C 354 -11.74 39.44 12.64
C ILE C 354 -11.32 38.41 13.70
N MSE C 355 -10.50 38.85 14.65
CA MSE C 355 -9.99 37.96 15.69
C MSE C 355 -11.00 37.35 16.66
O MSE C 355 -10.81 36.23 17.13
CB MSE C 355 -8.86 38.64 16.45
CG MSE C 355 -7.68 39.08 15.58
SE MSE C 355 -7.02 37.68 14.37
CE MSE C 355 -5.11 37.91 14.56
N TYR C 356 -12.08 38.06 16.97
CA TYR C 356 -13.11 37.54 17.87
C TYR C 356 -14.05 36.62 17.08
N ASN C 357 -14.21 36.90 15.79
CA ASN C 357 -15.04 36.07 14.92
C ASN C 357 -14.18 34.85 14.55
N ASN C 358 -12.88 35.10 14.48
CA ASN C 358 -11.82 34.15 14.16
C ASN C 358 -11.74 33.01 15.16
N GLY C 359 -11.67 33.41 16.43
CA GLY C 359 -11.51 32.47 17.50
C GLY C 359 -10.18 32.80 18.15
N VAL C 360 -9.40 33.65 17.48
CA VAL C 360 -8.10 34.05 18.02
C VAL C 360 -8.31 34.81 19.32
N SER C 361 -9.45 35.47 19.45
CA SER C 361 -9.76 36.20 20.66
C SER C 361 -10.91 35.50 21.33
N HIS C 362 -10.67 35.03 22.55
CA HIS C 362 -11.69 34.30 23.29
C HIS C 362 -12.78 35.22 23.78
N LEU C 363 -12.37 36.43 24.17
CA LEU C 363 -13.31 37.41 24.68
C LEU C 363 -13.03 38.83 24.18
N THR C 364 -13.95 39.71 24.48
CA THR C 364 -13.83 41.13 24.12
C THR C 364 -14.12 41.95 25.37
N ALA C 365 -13.55 43.15 25.43
CA ALA C 365 -13.78 44.03 26.56
C ALA C 365 -13.88 45.46 26.08
N VAL C 366 -14.75 46.23 26.71
CA VAL C 366 -14.97 47.62 26.36
C VAL C 366 -13.75 48.50 26.56
N ASP C 367 -13.08 48.33 27.70
CA ASP C 367 -11.89 49.13 28.05
C ASP C 367 -10.97 48.26 28.90
N ASP C 368 -9.76 48.74 29.17
CA ASP C 368 -8.81 47.99 29.97
C ASP C 368 -9.35 47.44 31.29
N LEU C 369 -10.09 48.27 32.02
CA LEU C 369 -10.61 47.77 33.29
C LEU C 369 -11.48 46.54 33.08
N ALA C 370 -12.20 46.52 31.95
CA ALA C 370 -13.07 45.40 31.64
C ALA C 370 -12.22 44.17 31.38
N GLY C 371 -11.15 44.36 30.61
CA GLY C 371 -10.24 43.29 30.28
C GLY C 371 -9.69 42.62 31.52
N VAL C 372 -9.19 43.43 32.45
CA VAL C 372 -8.62 42.93 33.68
C VAL C 372 -9.69 42.19 34.50
N GLU C 373 -10.92 42.70 34.47
CA GLU C 373 -12.00 42.06 35.20
C GLU C 373 -12.19 40.67 34.61
N LYS C 374 -12.28 40.61 33.29
CA LYS C 374 -12.44 39.33 32.59
C LYS C 374 -11.27 38.39 32.94
N ILE C 375 -10.06 38.93 33.01
CA ILE C 375 -8.91 38.10 33.37
C ILE C 375 -9.11 37.51 34.76
N VAL C 376 -9.41 38.37 35.74
CA VAL C 376 -9.59 37.90 37.10
C VAL C 376 -10.77 36.95 37.29
N GLU C 377 -11.82 37.09 36.47
CA GLU C 377 -12.95 36.18 36.59
C GLU C 377 -12.52 34.80 36.07
N TRP C 378 -11.83 34.80 34.92
CA TRP C 378 -11.32 33.58 34.29
C TRP C 378 -10.45 32.84 35.31
N MSE C 379 -9.45 33.53 35.85
CA MSE C 379 -8.53 32.97 36.85
C MSE C 379 -9.26 32.39 38.05
O MSE C 379 -8.70 31.61 38.83
CB MSE C 379 -7.58 34.05 37.36
CG MSE C 379 -6.41 34.35 36.47
SE MSE C 379 -5.13 35.47 37.44
CE MSE C 379 -4.56 34.16 38.76
N SER C 380 -10.50 32.82 38.24
CA SER C 380 -11.28 32.35 39.36
C SER C 380 -11.47 30.83 39.33
N TYR C 381 -11.34 30.22 38.17
CA TYR C 381 -11.51 28.77 38.06
C TYR C 381 -10.21 28.01 38.03
N VAL C 382 -9.09 28.72 37.94
CA VAL C 382 -7.79 28.08 37.85
C VAL C 382 -7.05 27.88 39.16
N PRO C 383 -6.23 26.83 39.26
CA PRO C 383 -5.46 26.57 40.49
C PRO C 383 -4.45 27.67 40.77
N ALA C 384 -4.15 27.88 42.04
CA ALA C 384 -3.20 28.90 42.47
C ALA C 384 -1.92 28.77 41.67
N LYS C 385 -1.45 27.54 41.51
CA LYS C 385 -0.25 27.26 40.75
C LYS C 385 -0.32 25.83 40.27
N ARG C 386 0.45 25.50 39.24
CA ARG C 386 0.47 24.17 38.66
C ARG C 386 0.34 23.01 39.65
N ASN C 387 -0.53 22.06 39.32
CA ASN C 387 -0.72 20.86 40.13
C ASN C 387 -1.43 21.01 41.46
N MSE C 388 -2.00 22.17 41.70
CA MSE C 388 -2.74 22.40 42.93
C MSE C 388 -4.18 22.01 42.66
O MSE C 388 -4.69 22.21 41.57
CB MSE C 388 -2.66 23.87 43.32
CG MSE C 388 -1.34 24.27 43.94
SE MSE C 388 -1.23 23.59 45.76
CE MSE C 388 -2.03 25.17 46.64
N PRO C 389 -4.86 21.47 43.68
CA PRO C 389 -6.26 21.08 43.47
C PRO C 389 -7.03 22.26 42.88
N VAL C 390 -7.92 21.98 41.94
CA VAL C 390 -8.74 23.04 41.35
C VAL C 390 -9.48 23.79 42.48
N PRO C 391 -9.58 25.12 42.37
CA PRO C 391 -10.24 25.99 43.36
C PRO C 391 -11.74 25.85 43.58
N ILE C 392 -12.10 25.20 44.66
CA ILE C 392 -13.50 25.03 44.98
C ILE C 392 -14.02 26.29 45.67
N LEU C 393 -15.20 26.72 45.28
CA LEU C 393 -15.82 27.89 45.87
C LEU C 393 -17.32 27.71 45.87
N GLU C 394 -17.82 27.22 47.00
CA GLU C 394 -19.27 27.01 47.16
C GLU C 394 -20.00 28.33 47.36
N THR C 395 -21.15 28.47 46.72
CA THR C 395 -21.93 29.69 46.82
C THR C 395 -23.35 29.35 47.24
N LYS C 396 -24.21 30.37 47.28
CA LYS C 396 -25.60 30.21 47.68
C LYS C 396 -26.22 28.95 47.09
N ASP C 397 -26.13 28.80 45.77
CA ASP C 397 -26.69 27.63 45.11
C ASP C 397 -25.84 26.41 45.46
N THR C 398 -26.41 25.49 46.23
CA THR C 398 -25.67 24.31 46.62
C THR C 398 -26.03 23.10 45.75
N TRP C 399 -25.29 22.01 45.91
CA TRP C 399 -25.53 20.79 45.14
C TRP C 399 -26.91 20.16 45.35
N ASP C 400 -27.30 20.01 46.61
CA ASP C 400 -28.57 19.38 46.97
C ASP C 400 -29.83 20.09 46.50
N ARG C 401 -30.26 19.77 45.29
CA ARG C 401 -31.47 20.32 44.68
C ARG C 401 -31.56 19.67 43.30
N PRO C 402 -32.79 19.59 42.75
CA PRO C 402 -33.01 18.99 41.44
C PRO C 402 -32.69 20.01 40.36
N VAL C 403 -32.77 19.62 39.09
CA VAL C 403 -32.50 20.56 38.03
C VAL C 403 -33.86 20.97 37.51
N ASP C 404 -34.11 22.28 37.44
CA ASP C 404 -35.38 22.79 36.97
C ASP C 404 -35.60 22.74 35.47
N PHE C 405 -34.87 23.59 34.72
CA PHE C 405 -35.05 23.65 33.27
C PHE C 405 -34.90 22.31 32.58
N THR C 406 -35.80 22.01 31.65
CA THR C 406 -35.75 20.76 30.93
C THR C 406 -36.16 20.91 29.47
N PRO C 407 -35.38 20.32 28.55
CA PRO C 407 -35.65 20.39 27.11
C PRO C 407 -36.95 19.67 26.75
N THR C 408 -37.48 19.98 25.56
CA THR C 408 -38.71 19.36 25.07
C THR C 408 -38.60 19.19 23.57
N ASN C 409 -38.51 17.95 23.14
CA ASN C 409 -38.39 17.59 21.73
C ASN C 409 -39.05 18.58 20.78
N ASP C 410 -40.18 19.13 21.18
CA ASP C 410 -40.85 20.06 20.30
C ASP C 410 -40.90 21.49 20.84
N GLU C 411 -39.74 21.99 21.26
CA GLU C 411 -39.63 23.35 21.78
C GLU C 411 -38.17 23.79 21.78
N THR C 412 -37.85 24.68 20.85
CA THR C 412 -36.50 25.19 20.70
C THR C 412 -36.01 25.79 22.02
N TYR C 413 -34.82 25.38 22.44
CA TYR C 413 -34.23 25.88 23.69
C TYR C 413 -32.82 26.42 23.42
N ASP C 414 -32.18 26.94 24.46
CA ASP C 414 -30.83 27.46 24.35
C ASP C 414 -30.01 26.68 25.37
N VAL C 415 -29.07 25.86 24.90
CA VAL C 415 -28.21 25.05 25.78
C VAL C 415 -27.85 25.79 27.05
N ARG C 416 -27.53 27.06 26.91
CA ARG C 416 -27.15 27.84 28.07
C ARG C 416 -28.14 27.71 29.23
N TRP C 417 -29.40 27.42 28.91
CA TRP C 417 -30.43 27.27 29.93
C TRP C 417 -30.17 26.04 30.78
N MSE C 418 -29.90 24.93 30.12
CA MSE C 418 -29.62 23.67 30.79
C MSE C 418 -28.36 23.82 31.64
O MSE C 418 -28.25 23.23 32.72
CB MSE C 418 -29.39 22.56 29.78
CG MSE C 418 -30.53 22.31 28.82
SE MSE C 418 -30.03 20.91 27.55
CE MSE C 418 -29.77 19.45 28.85
N ILE C 419 -27.43 24.61 31.14
CA ILE C 419 -26.16 24.85 31.80
C ILE C 419 -26.22 25.79 33.01
N GLU C 420 -26.74 27.00 32.83
CA GLU C 420 -26.75 27.98 33.91
C GLU C 420 -28.08 28.45 34.47
N GLY C 421 -29.18 27.85 34.02
CA GLY C 421 -30.47 28.27 34.53
C GLY C 421 -31.18 29.20 33.57
N ARG C 422 -32.26 29.83 34.02
CA ARG C 422 -33.02 30.72 33.16
C ARG C 422 -34.11 31.52 33.88
N GLU C 423 -34.13 32.83 33.64
CA GLU C 423 -35.11 33.74 34.21
C GLU C 423 -36.48 33.36 33.61
N THR C 424 -37.54 33.50 34.41
CA THR C 424 -38.90 33.15 34.01
C THR C 424 -39.88 34.07 34.74
N GLU C 425 -40.96 34.47 34.08
CA GLU C 425 -41.94 35.34 34.75
C GLU C 425 -42.31 34.80 36.15
N SER C 426 -42.42 33.48 36.27
CA SER C 426 -42.77 32.87 37.55
C SER C 426 -41.58 32.41 38.38
N GLY C 427 -40.44 33.06 38.18
CA GLY C 427 -39.23 32.69 38.92
C GLY C 427 -38.14 32.01 38.10
N PHE C 428 -36.93 32.00 38.68
CA PHE C 428 -35.74 31.39 38.06
C PHE C 428 -35.74 29.85 38.04
N GLU C 429 -35.55 29.25 36.87
CA GLU C 429 -35.48 27.79 36.76
C GLU C 429 -33.98 27.43 36.80
N TYR C 430 -33.53 26.74 37.84
CA TYR C 430 -32.11 26.40 37.91
C TYR C 430 -31.68 25.40 36.84
N GLY C 431 -30.44 25.58 36.39
CA GLY C 431 -29.85 24.71 35.40
C GLY C 431 -28.98 23.70 36.12
N LEU C 432 -28.19 22.95 35.37
CA LEU C 432 -27.32 21.93 35.96
C LEU C 432 -26.18 22.52 36.79
N PHE C 433 -25.67 23.67 36.40
CA PHE C 433 -24.55 24.25 37.14
C PHE C 433 -24.92 25.42 38.03
N ASP C 434 -24.10 25.66 39.04
CA ASP C 434 -24.31 26.71 40.03
C ASP C 434 -24.79 28.02 39.41
N LYS C 435 -25.82 28.60 39.99
CA LYS C 435 -26.38 29.84 39.48
C LYS C 435 -25.30 30.90 39.39
N GLY C 436 -25.24 31.58 38.24
CA GLY C 436 -24.27 32.62 38.04
C GLY C 436 -22.80 32.24 37.88
N SER C 437 -22.49 30.95 37.81
CA SER C 437 -21.10 30.51 37.68
C SER C 437 -20.57 30.30 36.26
N PHE C 438 -21.45 30.34 35.26
CA PHE C 438 -21.04 30.10 33.88
C PHE C 438 -20.22 31.24 33.30
N PHE C 439 -19.12 30.91 32.66
CA PHE C 439 -18.21 31.89 32.06
C PHE C 439 -17.90 31.44 30.63
N GLU C 440 -18.65 31.94 29.65
CA GLU C 440 -18.45 31.55 28.25
C GLU C 440 -17.20 32.17 27.64
N THR C 441 -16.57 31.44 26.72
CA THR C 441 -15.37 31.95 26.05
C THR C 441 -15.42 31.48 24.59
N LEU C 442 -14.74 32.20 23.70
CA LEU C 442 -14.75 31.86 22.28
C LEU C 442 -16.19 32.01 21.76
N SER C 443 -16.96 32.82 22.47
CA SER C 443 -18.35 33.07 22.18
C SER C 443 -18.69 33.71 20.83
N GLY C 444 -17.69 34.19 20.12
CA GLY C 444 -17.95 34.83 18.84
C GLY C 444 -17.52 34.03 17.63
N TRP C 445 -17.02 32.81 17.87
CA TRP C 445 -16.55 31.95 16.81
C TRP C 445 -17.22 30.60 16.90
N ALA C 446 -17.60 30.07 15.74
CA ALA C 446 -18.25 28.77 15.66
C ALA C 446 -19.28 28.59 16.77
N LYS C 447 -20.40 29.31 16.68
CA LYS C 447 -21.45 29.21 17.69
C LYS C 447 -22.18 27.87 17.66
N GLY C 448 -21.76 26.97 16.79
CA GLY C 448 -22.38 25.65 16.74
C GLY C 448 -22.13 24.95 18.05
N VAL C 449 -21.04 25.33 18.71
CA VAL C 449 -20.67 24.77 20.01
C VAL C 449 -20.58 25.87 21.06
N VAL C 450 -20.84 25.49 22.31
CA VAL C 450 -20.81 26.46 23.40
C VAL C 450 -19.79 25.99 24.44
N VAL C 451 -18.80 26.84 24.73
CA VAL C 451 -17.79 26.45 25.71
C VAL C 451 -17.60 27.49 26.81
N GLY C 452 -17.30 26.99 28.01
CA GLY C 452 -17.10 27.89 29.13
C GLY C 452 -16.77 27.19 30.44
N ARG C 453 -16.36 27.98 31.42
CA ARG C 453 -16.04 27.43 32.72
C ARG C 453 -17.30 27.52 33.57
N ALA C 454 -17.42 26.62 34.54
CA ALA C 454 -18.57 26.62 35.42
C ALA C 454 -18.25 25.93 36.73
N ARG C 455 -19.22 25.93 37.63
CA ARG C 455 -19.08 25.27 38.91
C ARG C 455 -20.26 24.35 39.16
N LEU C 456 -20.03 23.31 39.92
CA LEU C 456 -21.03 22.32 40.26
C LEU C 456 -20.82 22.08 41.75
N GLY C 457 -21.71 22.65 42.56
CA GLY C 457 -21.56 22.50 43.99
C GLY C 457 -20.27 23.15 44.43
N GLY C 458 -19.72 24.00 43.56
CA GLY C 458 -18.48 24.69 43.87
C GLY C 458 -17.22 24.14 43.22
N ILE C 459 -17.36 23.10 42.40
CA ILE C 459 -16.22 22.50 41.74
C ILE C 459 -16.09 23.16 40.38
N PRO C 460 -14.92 23.74 40.05
CA PRO C 460 -14.76 24.38 38.75
C PRO C 460 -14.58 23.30 37.70
N LEU C 461 -15.09 23.54 36.50
CA LEU C 461 -14.91 22.56 35.45
C LEU C 461 -15.14 23.19 34.10
N GLY C 462 -14.61 22.54 33.06
CA GLY C 462 -14.82 23.01 31.72
C GLY C 462 -16.13 22.39 31.28
N VAL C 463 -16.85 23.08 30.40
CA VAL C 463 -18.13 22.58 29.93
C VAL C 463 -18.29 22.86 28.45
N ILE C 464 -18.80 21.88 27.72
CA ILE C 464 -19.03 22.03 26.29
C ILE C 464 -20.46 21.56 26.03
N GLY C 465 -21.26 22.46 25.49
CA GLY C 465 -22.63 22.15 25.18
C GLY C 465 -22.87 22.31 23.69
N VAL C 466 -24.01 21.83 23.21
CA VAL C 466 -24.34 21.93 21.80
C VAL C 466 -25.48 22.91 21.51
N GLU C 467 -25.20 23.88 20.63
CA GLU C 467 -26.18 24.86 20.22
C GLU C 467 -27.14 24.13 19.29
N THR C 468 -28.41 24.07 19.69
CA THR C 468 -29.42 23.38 18.88
C THR C 468 -29.95 24.21 17.71
N ARG C 469 -29.85 25.53 17.84
CA ARG C 469 -30.34 26.42 16.81
C ARG C 469 -29.39 26.64 15.64
N THR C 470 -29.96 26.74 14.44
CA THR C 470 -29.18 26.98 13.23
C THR C 470 -28.40 28.26 13.46
N VAL C 471 -27.20 28.35 12.87
CA VAL C 471 -26.39 29.54 13.02
C VAL C 471 -26.21 30.26 11.69
N GLU C 472 -26.50 31.55 11.67
CA GLU C 472 -26.35 32.37 10.46
C GLU C 472 -24.96 32.99 10.52
N ASN C 473 -23.97 32.26 10.00
CA ASN C 473 -22.60 32.76 10.01
C ASN C 473 -22.40 33.68 8.81
N LEU C 474 -22.21 34.98 9.09
CA LEU C 474 -22.05 35.98 8.03
C LEU C 474 -20.61 36.43 7.78
N ILE C 475 -20.04 35.96 6.68
CA ILE C 475 -18.67 36.29 6.31
C ILE C 475 -18.58 37.49 5.34
N PRO C 476 -17.96 38.58 5.80
CA PRO C 476 -17.81 39.78 4.96
C PRO C 476 -16.90 39.50 3.77
N ALA C 477 -16.90 40.41 2.80
CA ALA C 477 -16.05 40.27 1.62
C ALA C 477 -14.76 41.00 1.89
N ASP C 478 -13.67 40.66 1.20
CA ASP C 478 -12.42 41.37 1.41
C ASP C 478 -12.20 42.40 0.31
N PRO C 479 -12.02 43.66 0.70
CA PRO C 479 -11.80 44.79 -0.21
C PRO C 479 -10.77 44.46 -1.28
N ALA C 480 -9.84 43.57 -0.96
CA ALA C 480 -8.80 43.18 -1.90
C ALA C 480 -9.35 42.64 -3.22
N ASN C 481 -10.46 41.89 -3.17
CA ASN C 481 -11.03 41.31 -4.39
C ASN C 481 -12.24 42.11 -4.85
N PRO C 482 -12.01 43.10 -5.71
CA PRO C 482 -13.02 44.01 -6.30
C PRO C 482 -14.43 43.46 -6.29
N ASN C 483 -14.63 42.31 -6.94
CA ASN C 483 -15.96 41.71 -6.98
C ASN C 483 -16.11 40.55 -5.99
N SER C 484 -16.44 40.91 -4.75
CA SER C 484 -16.64 39.94 -3.66
C SER C 484 -17.71 40.52 -2.73
N ALA C 485 -18.76 39.74 -2.50
CA ALA C 485 -19.84 40.19 -1.62
C ALA C 485 -19.81 39.37 -0.35
N GLU C 486 -20.50 39.85 0.67
CA GLU C 486 -20.54 39.14 1.94
C GLU C 486 -21.16 37.77 1.68
N THR C 487 -21.05 36.87 2.66
CA THR C 487 -21.60 35.53 2.49
C THR C 487 -22.23 35.00 3.76
N LEU C 488 -23.44 34.46 3.63
CA LEU C 488 -24.16 33.90 4.76
C LEU C 488 -24.07 32.39 4.68
N ILE C 489 -23.57 31.79 5.77
CA ILE C 489 -23.39 30.34 5.86
C ILE C 489 -24.31 29.81 6.94
N GLN C 490 -25.36 29.08 6.54
CA GLN C 490 -26.26 28.50 7.53
C GLN C 490 -25.48 27.34 8.15
N GLU C 491 -25.52 27.23 9.47
CA GLU C 491 -24.84 26.13 10.14
C GLU C 491 -25.85 25.33 10.97
N PRO C 492 -26.27 24.16 10.45
CA PRO C 492 -27.24 23.29 11.12
C PRO C 492 -26.82 22.95 12.56
N GLY C 493 -27.77 23.00 13.49
CA GLY C 493 -27.48 22.67 14.86
C GLY C 493 -27.20 21.19 15.05
N GLN C 494 -26.60 20.86 16.19
CA GLN C 494 -26.28 19.48 16.53
C GLN C 494 -25.44 18.83 15.45
N VAL C 495 -24.71 19.65 14.70
CA VAL C 495 -23.85 19.17 13.64
C VAL C 495 -22.47 19.82 13.69
N TRP C 496 -21.43 18.99 13.72
CA TRP C 496 -20.07 19.50 13.73
C TRP C 496 -19.69 19.95 12.34
N HIS C 497 -19.00 21.09 12.27
CA HIS C 497 -18.53 21.64 11.02
C HIS C 497 -17.06 21.88 11.25
N PRO C 498 -16.30 22.17 10.19
CA PRO C 498 -14.87 22.40 10.40
C PRO C 498 -14.58 23.35 11.57
N ASN C 499 -15.25 24.49 11.62
CA ASN C 499 -14.99 25.42 12.72
C ASN C 499 -15.44 24.91 14.08
N SER C 500 -16.65 24.38 14.14
CA SER C 500 -17.21 23.87 15.37
C SER C 500 -16.33 22.78 15.99
N ALA C 501 -15.86 21.84 15.17
CA ALA C 501 -15.00 20.75 15.64
C ALA C 501 -13.68 21.31 16.17
N PHE C 502 -13.09 22.20 15.40
CA PHE C 502 -11.84 22.83 15.78
C PHE C 502 -12.03 23.49 17.16
N LYS C 503 -13.14 24.19 17.33
CA LYS C 503 -13.43 24.87 18.57
C LYS C 503 -13.61 23.89 19.73
N THR C 504 -14.10 22.69 19.42
CA THR C 504 -14.31 21.70 20.45
C THR C 504 -12.95 21.20 20.92
N ALA C 505 -12.05 20.94 19.99
CA ALA C 505 -10.72 20.46 20.35
C ALA C 505 -9.95 21.54 21.11
N GLN C 506 -10.13 22.79 20.71
CA GLN C 506 -9.46 23.91 21.35
C GLN C 506 -9.89 24.02 22.80
N ALA C 507 -11.20 24.00 23.02
CA ALA C 507 -11.74 24.11 24.36
C ALA C 507 -11.19 22.98 25.24
N ILE C 508 -11.16 21.76 24.69
CA ILE C 508 -10.64 20.62 25.44
C ILE C 508 -9.16 20.82 25.77
N ASN C 509 -8.38 21.29 24.81
CA ASN C 509 -6.98 21.52 25.05
C ASN C 509 -6.78 22.63 26.09
N ASP C 510 -7.46 23.76 25.90
CA ASP C 510 -7.34 24.88 26.82
C ASP C 510 -7.77 24.59 28.26
N PHE C 511 -8.80 23.76 28.44
CA PHE C 511 -9.28 23.38 29.77
C PHE C 511 -8.22 22.55 30.47
N ASN C 512 -7.50 21.79 29.67
CA ASN C 512 -6.49 20.86 30.16
C ASN C 512 -5.09 21.36 30.45
N ASN C 513 -4.58 22.31 29.66
CA ASN C 513 -3.21 22.77 29.84
C ASN C 513 -2.81 23.71 30.96
N GLY C 514 -3.49 24.83 31.12
CA GLY C 514 -3.05 25.70 32.21
C GLY C 514 -4.06 25.65 33.31
N GLU C 515 -5.29 25.49 32.89
CA GLU C 515 -6.43 25.43 33.78
C GLU C 515 -6.51 24.12 34.57
N GLN C 516 -6.02 23.02 34.00
CA GLN C 516 -6.04 21.69 34.63
C GLN C 516 -7.40 21.41 35.26
N LEU C 517 -8.46 21.60 34.49
CA LEU C 517 -9.81 21.42 34.97
C LEU C 517 -10.53 20.14 34.54
N PRO C 518 -11.51 19.71 35.34
CA PRO C 518 -12.25 18.51 34.98
C PRO C 518 -13.18 19.05 33.90
N MSE C 519 -13.81 18.20 33.12
CA MSE C 519 -14.66 18.71 32.09
C MSE C 519 -15.88 17.85 31.85
O MSE C 519 -15.84 16.64 32.08
CB MSE C 519 -13.86 18.82 30.80
CG MSE C 519 -14.69 18.70 29.55
SE MSE C 519 -13.64 18.61 27.94
CE MSE C 519 -12.93 16.80 28.08
N MSE C 520 -16.97 18.48 31.42
CA MSE C 520 -18.20 17.77 31.10
C MSE C 520 -18.65 18.18 29.71
O MSE C 520 -18.70 19.35 29.36
CB MSE C 520 -19.34 18.06 32.07
CG MSE C 520 -20.61 17.26 31.72
SE MSE C 520 -22.22 17.48 32.84
CE MSE C 520 -21.50 16.99 34.59
N ILE C 521 -18.97 17.18 28.89
CA ILE C 521 -19.43 17.45 27.55
C ILE C 521 -20.85 16.96 27.45
N LEU C 522 -21.79 17.88 27.26
CA LEU C 522 -23.18 17.51 27.07
C LEU C 522 -23.26 17.11 25.61
N ALA C 523 -22.70 15.95 25.29
CA ALA C 523 -22.68 15.41 23.92
C ALA C 523 -24.06 15.24 23.33
N ASN C 524 -24.30 15.96 22.24
CA ASN C 524 -25.59 15.93 21.58
C ASN C 524 -25.40 16.31 20.12
N TRP C 525 -24.65 15.49 19.41
CA TRP C 525 -24.37 15.73 18.01
C TRP C 525 -24.97 14.66 17.13
N ARG C 526 -25.46 15.09 15.98
CA ARG C 526 -26.05 14.17 15.03
C ARG C 526 -24.91 13.54 14.26
N GLY C 527 -23.81 14.29 14.14
CA GLY C 527 -22.63 13.83 13.43
C GLY C 527 -21.85 14.96 12.79
N PHE C 528 -20.87 14.62 11.97
CA PHE C 528 -20.09 15.64 11.29
C PHE C 528 -20.75 15.84 9.93
N SER C 529 -20.67 17.05 9.41
CA SER C 529 -21.23 17.35 8.10
C SER C 529 -20.39 16.67 7.02
N GLY C 530 -21.00 15.75 6.29
CA GLY C 530 -20.26 15.05 5.25
C GLY C 530 -20.41 15.67 3.87
N GLY C 531 -20.83 16.92 3.84
CA GLY C 531 -21.02 17.61 2.57
C GLY C 531 -19.78 18.10 1.85
N GLN C 532 -19.95 18.32 0.55
CA GLN C 532 -18.90 18.78 -0.35
C GLN C 532 -17.96 19.83 0.26
N ARG C 533 -18.52 20.99 0.58
CA ARG C 533 -17.77 22.11 1.13
C ARG C 533 -16.99 21.74 2.40
N ASP C 534 -17.71 21.27 3.42
CA ASP C 534 -17.12 20.92 4.70
C ASP C 534 -15.96 19.92 4.60
N MSE C 535 -16.07 18.95 3.70
CA MSE C 535 -15.02 17.98 3.49
C MSE C 535 -13.84 18.74 2.90
O MSE C 535 -12.74 18.74 3.47
CB MSE C 535 -15.50 16.91 2.51
CG MSE C 535 -16.58 16.02 3.09
SE MSE C 535 -15.92 14.86 4.49
CE MSE C 535 -15.88 13.20 3.50
N PHE C 536 -14.06 19.39 1.76
CA PHE C 536 -13.00 20.16 1.13
C PHE C 536 -12.36 21.04 2.19
N ASN C 537 -13.15 21.55 3.12
CA ASN C 537 -12.60 22.41 4.16
C ASN C 537 -12.06 21.59 5.32
N GLU C 538 -11.61 20.38 5.01
CA GLU C 538 -11.00 19.49 5.96
C GLU C 538 -11.70 19.23 7.28
N VAL C 539 -13.02 19.13 7.29
CA VAL C 539 -13.72 18.88 8.54
C VAL C 539 -13.14 17.62 9.20
N LEU C 540 -12.55 16.76 8.39
CA LEU C 540 -11.96 15.50 8.87
C LEU C 540 -10.71 15.70 9.75
N LYS C 541 -9.91 16.71 9.43
CA LYS C 541 -8.72 16.99 10.22
C LYS C 541 -9.09 17.57 11.58
N TYR C 542 -10.11 18.41 11.60
CA TYR C 542 -10.53 19.05 12.84
C TYR C 542 -11.27 18.10 13.74
N GLY C 543 -11.80 17.03 13.15
CA GLY C 543 -12.48 16.04 13.95
C GLY C 543 -11.43 15.27 14.71
N SER C 544 -10.34 14.95 14.02
CA SER C 544 -9.24 14.21 14.62
C SER C 544 -8.55 14.96 15.74
N PHE C 545 -8.62 16.28 15.71
CA PHE C 545 -8.03 17.09 16.78
C PHE C 545 -8.76 16.82 18.08
N ILE C 546 -10.05 16.52 17.98
CA ILE C 546 -10.85 16.25 19.17
C ILE C 546 -10.35 14.99 19.85
N VAL C 547 -10.07 13.95 19.07
CA VAL C 547 -9.56 12.69 19.63
C VAL C 547 -8.19 12.90 20.29
N ASP C 548 -7.31 13.66 19.64
CA ASP C 548 -5.98 13.95 20.14
C ASP C 548 -5.98 14.69 21.47
N ALA C 549 -6.91 15.64 21.62
CA ALA C 549 -7.02 16.41 22.86
C ALA C 549 -7.58 15.54 24.00
N LEU C 550 -8.43 14.58 23.65
CA LEU C 550 -9.00 13.71 24.65
C LEU C 550 -7.93 12.76 25.16
N VAL C 551 -7.10 12.23 24.27
CA VAL C 551 -6.03 11.34 24.70
C VAL C 551 -5.15 12.04 25.73
N ASP C 552 -4.88 13.31 25.47
CA ASP C 552 -4.03 14.14 26.30
C ASP C 552 -4.63 14.68 27.61
N TYR C 553 -5.96 14.65 27.72
CA TYR C 553 -6.61 15.16 28.91
C TYR C 553 -6.10 14.45 30.15
N LYS C 554 -5.92 15.18 31.25
CA LYS C 554 -5.40 14.59 32.47
C LYS C 554 -6.22 14.72 33.74
N GLN C 555 -7.47 15.13 33.59
CA GLN C 555 -8.37 15.28 34.72
C GLN C 555 -9.66 14.53 34.39
N PRO C 556 -10.46 14.22 35.43
CA PRO C 556 -11.72 13.50 35.23
C PRO C 556 -12.59 14.07 34.13
N ILE C 557 -13.06 13.21 33.23
CA ILE C 557 -13.92 13.63 32.13
C ILE C 557 -15.29 12.98 32.25
N ILE C 558 -16.34 13.76 32.03
CA ILE C 558 -17.70 13.27 32.09
C ILE C 558 -18.39 13.57 30.77
N ILE C 559 -18.77 12.53 30.04
CA ILE C 559 -19.48 12.70 28.78
C ILE C 559 -20.90 12.32 29.12
N TYR C 560 -21.84 13.24 28.87
CA TYR C 560 -23.23 13.00 29.20
C TYR C 560 -24.20 13.38 28.09
N ILE C 561 -24.88 12.38 27.52
CA ILE C 561 -25.85 12.66 26.47
C ILE C 561 -27.09 13.08 27.24
N PRO C 562 -27.49 14.36 27.09
CA PRO C 562 -28.66 14.94 27.77
C PRO C 562 -30.03 14.60 27.19
N PRO C 563 -31.11 14.95 27.91
CA PRO C 563 -32.50 14.71 27.52
C PRO C 563 -32.77 15.28 26.13
N THR C 564 -33.52 14.54 25.31
CA THR C 564 -33.84 14.96 23.94
C THR C 564 -32.58 14.99 23.09
N GLY C 565 -31.45 14.69 23.73
CA GLY C 565 -30.20 14.69 23.01
C GLY C 565 -29.96 13.36 22.36
N GLU C 566 -28.96 13.33 21.50
CA GLU C 566 -28.61 12.12 20.78
C GLU C 566 -27.17 12.22 20.33
N LEU C 567 -26.60 11.06 20.05
CA LEU C 567 -25.23 10.96 19.60
C LEU C 567 -25.23 9.85 18.55
N ARG C 568 -25.08 10.23 17.28
CA ARG C 568 -25.09 9.27 16.18
C ARG C 568 -23.70 8.84 15.72
N GLY C 569 -23.66 7.78 14.94
CA GLY C 569 -22.41 7.24 14.43
C GLY C 569 -21.22 8.15 14.33
N GLY C 570 -21.19 8.97 13.29
CA GLY C 570 -20.08 9.88 13.08
C GLY C 570 -19.61 10.74 14.24
N SER C 571 -20.48 11.03 15.20
CA SER C 571 -20.09 11.86 16.33
C SER C 571 -19.72 11.07 17.57
N TRP C 572 -20.31 9.91 17.75
CA TRP C 572 -20.00 9.10 18.91
C TRP C 572 -18.52 8.74 18.94
N VAL C 573 -18.02 8.25 17.82
CA VAL C 573 -16.62 7.84 17.72
C VAL C 573 -15.63 8.78 18.40
N VAL C 574 -15.68 10.06 18.08
CA VAL C 574 -14.73 10.99 18.65
C VAL C 574 -14.88 11.35 20.13
N VAL C 575 -15.92 10.86 20.78
CA VAL C 575 -16.09 11.13 22.21
C VAL C 575 -16.38 9.89 23.05
N ASP C 576 -16.02 8.72 22.54
CA ASP C 576 -16.23 7.49 23.30
C ASP C 576 -15.22 7.36 24.46
N PRO C 577 -15.67 6.86 25.60
CA PRO C 577 -14.85 6.67 26.81
C PRO C 577 -13.55 5.88 26.68
N THR C 578 -13.51 4.95 25.73
CA THR C 578 -12.33 4.12 25.51
C THR C 578 -11.15 4.90 24.93
N ILE C 579 -11.40 6.11 24.44
CA ILE C 579 -10.33 6.91 23.88
C ILE C 579 -9.32 7.19 24.99
N ASN C 580 -9.84 7.37 26.21
CA ASN C 580 -9.04 7.68 27.39
C ASN C 580 -9.72 7.07 28.62
N ALA C 581 -9.70 5.74 28.70
CA ALA C 581 -10.30 5.05 29.82
C ALA C 581 -9.76 5.53 31.16
N ASP C 582 -8.56 6.10 31.15
CA ASP C 582 -7.97 6.59 32.39
C ASP C 582 -8.75 7.75 32.96
N GLN C 583 -9.34 8.57 32.10
CA GLN C 583 -10.08 9.74 32.58
C GLN C 583 -11.55 9.89 32.16
N MSE C 584 -12.00 9.14 31.17
CA MSE C 584 -13.36 9.29 30.67
C MSE C 584 -14.46 8.34 31.15
O MSE C 584 -14.27 7.14 31.34
CB MSE C 584 -13.35 9.29 29.15
CG MSE C 584 -12.57 10.42 28.55
SE MSE C 584 -12.29 10.17 26.64
CE MSE C 584 -14.03 10.70 25.98
N GLU C 585 -15.64 8.94 31.30
CA GLU C 585 -16.83 8.24 31.73
C GLU C 585 -17.97 8.79 30.90
N MSE C 586 -18.91 7.94 30.52
CA MSE C 586 -20.02 8.43 29.75
C MSE C 586 -21.35 7.96 30.32
O MSE C 586 -21.50 6.79 30.68
CB MSE C 586 -19.92 8.02 28.29
CG MSE C 586 -20.95 8.73 27.42
SE MSE C 586 -21.14 7.90 25.68
CE MSE C 586 -21.07 6.08 26.29
N TYR C 587 -22.29 8.88 30.40
CA TYR C 587 -23.59 8.56 30.92
C TYR C 587 -24.60 8.97 29.88
N ALA C 588 -25.79 8.36 29.91
CA ALA C 588 -26.84 8.71 28.97
C ALA C 588 -28.13 8.99 29.73
N ASP C 589 -28.86 10.03 29.32
CA ASP C 589 -30.10 10.35 29.97
C ASP C 589 -31.12 9.33 29.50
N VAL C 590 -32.18 9.11 30.26
CA VAL C 590 -33.17 8.13 29.86
C VAL C 590 -33.92 8.58 28.61
N ASN C 591 -34.04 9.89 28.42
CA ASN C 591 -34.72 10.43 27.24
C ASN C 591 -33.73 10.85 26.16
N ALA C 592 -32.63 10.11 26.07
CA ALA C 592 -31.63 10.41 25.06
C ALA C 592 -31.74 9.29 24.05
N ARG C 593 -31.04 9.43 22.93
CA ARG C 593 -31.06 8.40 21.89
C ARG C 593 -29.65 8.27 21.34
N ALA C 594 -29.30 7.06 20.91
CA ALA C 594 -27.97 6.86 20.33
C ALA C 594 -27.95 5.60 19.49
N GLY C 595 -27.16 5.65 18.43
CA GLY C 595 -27.03 4.52 17.53
C GLY C 595 -26.24 4.92 16.30
N VAL C 596 -25.84 3.95 15.51
CA VAL C 596 -25.07 4.25 14.31
C VAL C 596 -25.86 5.17 13.38
N LEU C 597 -27.05 4.73 13.00
CA LEU C 597 -27.91 5.52 12.13
C LEU C 597 -29.13 6.03 12.87
N GLU C 598 -29.75 7.06 12.33
CA GLU C 598 -30.97 7.58 12.92
C GLU C 598 -32.07 6.63 12.44
N PRO C 599 -33.25 6.68 13.07
CA PRO C 599 -34.34 5.80 12.65
C PRO C 599 -34.58 5.75 11.13
N GLN C 600 -34.72 6.92 10.50
CA GLN C 600 -34.93 6.94 9.06
C GLN C 600 -33.82 6.16 8.35
N GLY C 601 -32.62 6.71 8.31
CA GLY C 601 -31.51 6.04 7.64
C GLY C 601 -31.51 4.54 7.87
N MSE C 602 -31.61 4.16 9.14
CA MSE C 602 -31.62 2.75 9.53
C MSE C 602 -32.68 1.97 8.76
O MSE C 602 -32.39 0.96 8.11
CB MSE C 602 -31.90 2.63 11.02
CG MSE C 602 -31.99 1.20 11.51
SE MSE C 602 -30.39 0.17 11.07
CE MSE C 602 -29.55 0.12 12.86
N VAL C 603 -33.92 2.46 8.85
CA VAL C 603 -35.07 1.85 8.23
C VAL C 603 -34.89 1.71 6.71
N GLY C 604 -34.40 2.78 6.09
CA GLY C 604 -34.18 2.77 4.65
C GLY C 604 -33.03 1.88 4.24
N ILE C 605 -32.75 0.85 5.03
CA ILE C 605 -31.66 -0.08 4.74
C ILE C 605 -31.99 -1.48 5.23
N LYS C 606 -32.69 -1.54 6.36
CA LYS C 606 -33.06 -2.81 6.95
C LYS C 606 -34.59 -2.95 7.03
N PHE C 607 -35.31 -2.06 6.35
CA PHE C 607 -36.77 -2.09 6.38
C PHE C 607 -37.40 -1.46 5.13
N ARG C 608 -36.96 -1.90 3.97
CA ARG C 608 -37.46 -1.35 2.71
C ARG C 608 -38.69 -2.08 2.18
N ARG C 609 -39.23 -1.58 1.07
CA ARG C 609 -40.42 -2.14 0.41
C ARG C 609 -40.84 -3.50 0.95
N GLU C 610 -40.12 -4.54 0.54
CA GLU C 610 -40.42 -5.90 0.95
C GLU C 610 -40.78 -6.07 2.43
N LYS C 611 -39.76 -6.24 3.27
CA LYS C 611 -39.95 -6.45 4.72
C LYS C 611 -41.23 -5.85 5.28
N LEU C 612 -41.56 -4.63 4.87
CA LEU C 612 -42.79 -4.01 5.35
C LEU C 612 -43.98 -4.88 4.92
N LEU C 613 -44.01 -5.25 3.63
CA LEU C 613 -45.09 -6.07 3.08
C LEU C 613 -45.26 -7.36 3.88
N ASP C 614 -44.18 -8.11 4.06
CA ASP C 614 -44.26 -9.36 4.81
C ASP C 614 -44.95 -9.11 6.14
N THR C 615 -44.52 -8.05 6.83
CA THR C 615 -45.09 -7.71 8.14
C THR C 615 -46.47 -7.05 8.02
N MSE C 616 -46.82 -6.68 6.79
CA MSE C 616 -48.12 -6.06 6.52
C MSE C 616 -49.03 -7.27 6.25
O MSE C 616 -50.21 -7.28 6.63
CB MSE C 616 -48.02 -5.15 5.28
CG MSE C 616 -49.15 -4.13 5.16
SE MSE C 616 -48.86 -2.82 3.69
CE MSE C 616 -48.42 -1.20 4.74
N ASN C 617 -48.42 -8.27 5.62
CA ASN C 617 -49.07 -9.54 5.28
C ASN C 617 -48.98 -10.42 6.52
N ARG C 618 -49.31 -9.80 7.65
CA ARG C 618 -49.26 -10.46 8.95
C ARG C 618 -50.14 -9.61 9.85
N LEU C 619 -50.25 -8.33 9.52
CA LEU C 619 -51.10 -7.42 10.28
C LEU C 619 -51.91 -6.55 9.33
N GLU C 653 -51.42 2.81 0.68
CA GLU C 653 -52.63 2.48 1.46
C GLU C 653 -52.36 2.51 2.97
N LEU C 654 -51.63 1.51 3.47
CA LEU C 654 -51.29 1.39 4.89
C LEU C 654 -49.84 1.83 5.10
N LEU C 655 -49.16 2.11 3.99
CA LEU C 655 -47.76 2.53 4.06
C LEU C 655 -47.55 3.58 5.15
N PRO C 656 -48.26 4.73 5.08
CA PRO C 656 -48.16 5.83 6.05
C PRO C 656 -47.90 5.38 7.49
N ILE C 657 -48.79 4.55 8.03
CA ILE C 657 -48.62 4.10 9.40
C ILE C 657 -47.59 2.97 9.53
N TYR C 658 -47.53 2.07 8.54
CA TYR C 658 -46.56 0.99 8.61
C TYR C 658 -45.13 1.52 8.50
N GLY C 659 -45.01 2.80 8.13
CA GLY C 659 -43.69 3.39 8.04
C GLY C 659 -43.37 3.75 9.48
N GLN C 660 -44.21 4.60 10.03
CA GLN C 660 -44.06 5.04 11.40
C GLN C 660 -43.96 3.84 12.33
N ILE C 661 -44.41 2.67 11.88
CA ILE C 661 -44.31 1.49 12.73
C ILE C 661 -42.86 1.07 12.79
N SER C 662 -42.24 0.94 11.61
CA SER C 662 -40.84 0.54 11.56
C SER C 662 -39.96 1.64 12.17
N LEU C 663 -40.33 2.90 11.98
CA LEU C 663 -39.52 3.98 12.54
C LEU C 663 -39.40 3.78 14.05
N GLN C 664 -40.52 3.43 14.68
CA GLN C 664 -40.53 3.19 16.11
C GLN C 664 -39.77 1.90 16.43
N PHE C 665 -39.90 0.91 15.54
CA PHE C 665 -39.21 -0.35 15.75
C PHE C 665 -37.70 -0.12 15.77
N ALA C 666 -37.24 0.84 14.97
CA ALA C 666 -35.82 1.18 14.90
C ALA C 666 -35.42 1.98 16.12
N ASP C 667 -36.20 3.02 16.40
CA ASP C 667 -35.95 3.88 17.54
C ASP C 667 -35.91 3.09 18.84
N LEU C 668 -36.57 1.93 18.85
CA LEU C 668 -36.61 1.10 20.05
C LEU C 668 -35.26 0.48 20.34
N HIS C 669 -34.32 0.63 19.42
CA HIS C 669 -32.97 0.10 19.58
C HIS C 669 -32.04 1.20 20.08
N ASP C 670 -32.42 2.46 19.84
CA ASP C 670 -31.63 3.63 20.24
C ASP C 670 -31.87 4.08 21.68
N ARG C 671 -32.31 3.17 22.53
CA ARG C 671 -32.60 3.52 23.92
C ARG C 671 -31.40 3.33 24.85
N SER C 672 -31.29 4.20 25.84
CA SER C 672 -30.19 4.13 26.79
C SER C 672 -30.09 2.76 27.49
N SER C 673 -31.12 1.94 27.34
CA SER C 673 -31.14 0.61 27.95
C SER C 673 -30.27 -0.33 27.15
N ARG C 674 -30.19 -0.08 25.85
CA ARG C 674 -29.36 -0.91 24.99
C ARG C 674 -27.97 -0.64 25.53
N MSE C 675 -27.65 0.65 25.58
CA MSE C 675 -26.36 1.12 26.05
C MSE C 675 -25.94 0.45 27.34
O MSE C 675 -24.83 -0.11 27.43
CB MSE C 675 -26.40 2.64 26.20
CG MSE C 675 -26.78 3.36 24.90
SE MSE C 675 -26.76 5.28 25.05
CE MSE C 675 -28.48 5.74 24.26
N VAL C 676 -26.80 0.49 28.36
CA VAL C 676 -26.47 -0.14 29.63
C VAL C 676 -26.28 -1.64 29.42
N ALA C 677 -27.21 -2.24 28.70
CA ALA C 677 -27.16 -3.67 28.42
C ALA C 677 -25.85 -4.05 27.72
N LYS C 678 -25.46 -3.24 26.75
CA LYS C 678 -24.25 -3.49 25.99
C LYS C 678 -22.97 -3.00 26.68
N GLY C 679 -23.15 -2.47 27.90
CA GLY C 679 -22.02 -1.98 28.68
C GLY C 679 -21.24 -0.83 28.06
N VAL C 680 -21.92 0.01 27.28
CA VAL C 680 -21.21 1.13 26.67
C VAL C 680 -21.30 2.40 27.50
N ILE C 681 -22.09 2.40 28.56
CA ILE C 681 -22.15 3.59 29.39
C ILE C 681 -21.99 3.21 30.85
N SER C 682 -21.67 4.18 31.70
CA SER C 682 -21.48 3.89 33.11
C SER C 682 -22.81 3.74 33.81
N LYS C 683 -23.79 4.54 33.40
CA LYS C 683 -25.14 4.53 33.95
C LYS C 683 -26.08 5.41 33.12
N GLU C 684 -27.37 5.07 33.14
CA GLU C 684 -28.38 5.87 32.45
C GLU C 684 -28.86 6.75 33.58
N LEU C 685 -28.99 8.05 33.33
CA LEU C 685 -29.42 8.97 34.38
C LEU C 685 -30.66 9.77 34.00
N GLU C 686 -31.27 10.39 35.00
CA GLU C 686 -32.43 11.23 34.76
C GLU C 686 -32.04 12.69 35.01
N TRP C 687 -32.10 13.49 33.96
CA TRP C 687 -31.77 14.90 34.02
C TRP C 687 -32.05 15.53 35.40
N THR C 688 -33.29 15.47 35.82
CA THR C 688 -33.69 16.06 37.10
C THR C 688 -32.79 15.81 38.29
N GLU C 689 -32.27 14.59 38.45
CA GLU C 689 -31.39 14.30 39.58
C GLU C 689 -29.91 14.34 39.18
N ALA C 690 -29.64 14.83 37.98
CA ALA C 690 -28.26 14.91 37.47
C ALA C 690 -27.29 15.73 38.32
N ARG C 691 -27.67 16.94 38.67
CA ARG C 691 -26.79 17.79 39.49
C ARG C 691 -26.33 17.05 40.73
N ARG C 692 -27.26 16.38 41.40
CA ARG C 692 -26.93 15.63 42.59
C ARG C 692 -25.97 14.48 42.30
N PHE C 693 -26.26 13.71 41.26
CA PHE C 693 -25.40 12.58 40.92
C PHE C 693 -23.95 12.96 40.57
N PHE C 694 -23.80 13.93 39.68
CA PHE C 694 -22.48 14.38 39.23
C PHE C 694 -21.63 15.13 40.24
N PHE C 695 -22.26 15.90 41.10
CA PHE C 695 -21.49 16.63 42.11
C PHE C 695 -20.75 15.60 42.94
N TRP C 696 -21.43 14.54 43.34
CA TRP C 696 -20.79 13.52 44.15
C TRP C 696 -19.88 12.57 43.37
N ARG C 697 -20.16 12.40 42.09
CA ARG C 697 -19.32 11.51 41.30
C ARG C 697 -18.00 12.23 41.03
N LEU C 698 -18.08 13.51 40.67
CA LEU C 698 -16.89 14.28 40.38
C LEU C 698 -16.07 14.49 41.64
N ARG C 699 -16.76 14.66 42.77
CA ARG C 699 -16.06 14.88 44.02
C ARG C 699 -15.30 13.63 44.44
N ARG C 700 -15.90 12.47 44.17
CA ARG C 700 -15.28 11.20 44.51
C ARG C 700 -14.06 10.96 43.65
N ARG C 701 -14.20 11.22 42.37
CA ARG C 701 -13.14 11.02 41.43
C ARG C 701 -11.95 11.90 41.72
N LEU C 702 -12.21 13.16 42.08
CA LEU C 702 -11.16 14.12 42.40
C LEU C 702 -10.28 13.67 43.55
N ASN C 703 -10.90 13.14 44.60
CA ASN C 703 -10.15 12.67 45.75
C ASN C 703 -9.40 11.42 45.36
N GLU C 704 -10.03 10.55 44.58
CA GLU C 704 -9.35 9.34 44.17
C GLU C 704 -8.16 9.70 43.30
N GLU C 705 -8.38 10.60 42.34
CA GLU C 705 -7.29 11.05 41.46
C GLU C 705 -6.12 11.48 42.32
N TYR C 706 -6.41 12.23 43.38
CA TYR C 706 -5.40 12.71 44.30
C TYR C 706 -4.63 11.56 44.92
N LEU C 707 -5.36 10.58 45.42
CA LEU C 707 -4.73 9.43 46.04
C LEU C 707 -3.89 8.65 45.03
N ILE C 708 -4.29 8.67 43.77
CA ILE C 708 -3.53 7.97 42.75
C ILE C 708 -2.18 8.67 42.51
N LYS C 709 -2.15 10.00 42.54
CA LYS C 709 -0.87 10.70 42.34
C LYS C 709 0.07 10.37 43.49
N ARG C 710 -0.38 10.66 44.71
CA ARG C 710 0.43 10.40 45.89
C ARG C 710 1.06 9.01 45.81
N LEU C 711 0.43 8.13 45.04
CA LEU C 711 0.95 6.79 44.91
C LEU C 711 1.89 6.72 43.71
N SER C 712 1.54 7.40 42.64
CA SER C 712 2.42 7.40 41.46
C SER C 712 3.80 7.92 41.89
N HIS C 713 3.81 9.01 42.66
CA HIS C 713 5.06 9.61 43.15
C HIS C 713 5.80 8.63 44.05
N GLN C 714 6.25 7.55 43.42
CA GLN C 714 6.96 6.45 44.07
C GLN C 714 7.76 5.74 42.96
N VAL C 715 8.82 5.01 43.34
CA VAL C 715 9.62 4.30 42.35
C VAL C 715 9.00 2.93 41.99
N GLY C 716 9.38 2.40 40.83
CA GLY C 716 8.86 1.11 40.39
C GLY C 716 7.38 1.23 40.08
N GLU C 717 7.06 1.93 39.00
CA GLU C 717 5.68 2.14 38.62
C GLU C 717 4.89 0.86 38.44
N ALA C 718 3.57 1.04 38.32
CA ALA C 718 2.63 -0.06 38.15
C ALA C 718 1.46 0.56 37.39
N SER C 719 0.67 -0.26 36.72
CA SER C 719 -0.44 0.26 35.94
C SER C 719 -1.38 1.13 36.77
N ARG C 720 -2.03 2.07 36.09
CA ARG C 720 -2.99 2.95 36.77
C ARG C 720 -3.99 1.98 37.40
N LEU C 721 -4.28 0.90 36.68
CA LEU C 721 -5.23 -0.10 37.15
C LEU C 721 -4.78 -0.66 38.50
N GLU C 722 -3.48 -0.71 38.74
CA GLU C 722 -3.00 -1.24 40.01
C GLU C 722 -3.01 -0.22 41.11
N LYS C 723 -2.48 0.96 40.82
CA LYS C 723 -2.41 2.04 41.79
C LYS C 723 -3.75 2.24 42.50
N ILE C 724 -4.85 2.08 41.76
CA ILE C 724 -6.20 2.25 42.30
C ILE C 724 -6.68 1.04 43.09
N ALA C 725 -6.32 -0.14 42.61
CA ALA C 725 -6.70 -1.37 43.29
C ALA C 725 -6.26 -1.22 44.74
N ARG C 726 -4.97 -0.91 44.92
CA ARG C 726 -4.40 -0.74 46.24
C ARG C 726 -5.09 0.34 47.06
N ILE C 727 -5.43 1.46 46.44
CA ILE C 727 -6.09 2.53 47.18
C ILE C 727 -7.44 2.06 47.74
N ARG C 728 -8.28 1.51 46.87
CA ARG C 728 -9.59 1.03 47.28
C ARG C 728 -9.54 -0.14 48.26
N SER C 729 -8.43 -0.84 48.33
CA SER C 729 -8.36 -1.93 49.26
C SER C 729 -8.09 -1.37 50.65
N TRP C 730 -7.81 -0.07 50.72
CA TRP C 730 -7.57 0.61 52.00
C TRP C 730 -8.89 1.10 52.58
N TYR C 731 -9.89 1.24 51.72
CA TYR C 731 -11.20 1.68 52.15
C TYR C 731 -11.71 0.67 53.15
N PRO C 732 -12.60 1.09 54.04
CA PRO C 732 -13.14 0.14 55.01
C PRO C 732 -13.94 -0.92 54.25
N ALA C 733 -13.81 -2.16 54.68
CA ALA C 733 -14.51 -3.29 54.07
C ALA C 733 -16.02 -3.03 53.98
N SER C 734 -16.53 -2.27 54.92
CA SER C 734 -17.95 -1.99 54.95
C SER C 734 -18.36 -0.95 53.91
N VAL C 735 -17.42 -0.12 53.48
CA VAL C 735 -17.69 0.90 52.47
C VAL C 735 -18.09 0.27 51.13
N ASP C 736 -18.98 0.95 50.41
CA ASP C 736 -19.42 0.47 49.12
C ASP C 736 -18.61 1.23 48.08
N HIS C 737 -17.65 0.55 47.46
CA HIS C 737 -16.82 1.19 46.46
C HIS C 737 -17.62 1.95 45.41
N GLU C 738 -18.82 1.47 45.12
CA GLU C 738 -19.66 2.11 44.13
C GLU C 738 -20.49 3.31 44.59
N ASP C 739 -20.31 3.73 45.84
CA ASP C 739 -21.05 4.87 46.38
C ASP C 739 -20.13 6.10 46.51
N ASP C 740 -20.33 7.05 45.61
CA ASP C 740 -19.55 8.27 45.53
C ASP C 740 -19.46 9.11 46.81
N ARG C 741 -20.61 9.46 47.37
CA ARG C 741 -20.64 10.29 48.57
C ARG C 741 -19.91 9.63 49.74
N GLN C 742 -20.10 8.33 49.90
CA GLN C 742 -19.48 7.55 50.97
C GLN C 742 -17.97 7.44 50.80
N VAL C 743 -17.53 7.15 49.59
CA VAL C 743 -16.11 7.02 49.32
C VAL C 743 -15.46 8.39 49.47
N ALA C 744 -16.17 9.44 49.04
CA ALA C 744 -15.64 10.78 49.12
C ALA C 744 -15.57 11.18 50.59
N THR C 745 -16.67 10.97 51.30
CA THR C 745 -16.74 11.32 52.70
C THR C 745 -15.66 10.61 53.53
N TRP C 746 -15.38 9.35 53.21
CA TRP C 746 -14.37 8.62 53.95
C TRP C 746 -12.96 9.15 53.67
N ILE C 747 -12.66 9.39 52.40
CA ILE C 747 -11.35 9.89 51.99
C ILE C 747 -11.05 11.24 52.61
N GLU C 748 -11.99 12.18 52.50
CA GLU C 748 -11.78 13.50 53.08
C GLU C 748 -11.68 13.37 54.59
N GLU C 749 -12.20 12.26 55.11
CA GLU C 749 -12.19 12.03 56.55
C GLU C 749 -10.90 11.38 57.01
N ASN C 750 -10.07 10.94 56.07
CA ASN C 750 -8.82 10.27 56.43
C ASN C 750 -7.58 10.68 55.67
N TYR C 751 -7.61 11.84 55.00
CA TYR C 751 -6.45 12.31 54.26
C TYR C 751 -5.12 11.97 54.94
N LYS C 752 -4.93 12.39 56.19
CA LYS C 752 -3.69 12.10 56.91
C LYS C 752 -3.51 10.62 57.25
N THR C 753 -4.59 9.91 57.54
CA THR C 753 -4.46 8.49 57.84
C THR C 753 -3.98 7.76 56.57
N LEU C 754 -4.67 8.00 55.45
CA LEU C 754 -4.31 7.41 54.16
C LEU C 754 -2.88 7.83 53.90
N ASP C 755 -2.62 9.11 54.13
CA ASP C 755 -1.30 9.68 53.95
C ASP C 755 -0.31 8.86 54.77
N ASP C 756 -0.71 8.52 55.99
CA ASP C 756 0.10 7.71 56.86
C ASP C 756 0.41 6.40 56.13
N LYS C 757 -0.64 5.62 55.88
CA LYS C 757 -0.52 4.33 55.20
C LYS C 757 0.50 4.42 54.06
N LEU C 758 0.47 5.53 53.32
CA LEU C 758 1.40 5.74 52.21
C LEU C 758 2.83 5.60 52.69
N LYS C 759 3.33 6.62 53.38
CA LYS C 759 4.68 6.56 53.91
C LYS C 759 4.82 5.24 54.69
N GLY C 760 3.67 4.64 55.04
CA GLY C 760 3.68 3.39 55.77
C GLY C 760 4.05 2.28 54.81
N LEU C 761 4.56 2.71 53.66
CA LEU C 761 4.98 1.83 52.58
C LEU C 761 6.27 2.32 51.89
N LYS C 762 6.43 3.63 51.69
CA LYS C 762 7.65 4.13 51.04
C LYS C 762 8.93 3.61 51.72
N LEU C 763 9.03 3.80 53.04
CA LEU C 763 10.21 3.32 53.77
C LEU C 763 10.32 1.78 53.64
N GLU C 764 9.45 1.21 52.82
CA GLU C 764 9.46 -0.24 52.53
C GLU C 764 9.58 -0.45 51.00
N SER C 765 9.51 0.64 50.22
CA SER C 765 9.59 0.54 48.75
C SER C 765 10.89 1.07 48.12
N PHE C 766 12.02 0.73 48.73
CA PHE C 766 13.34 1.08 48.21
C PHE C 766 13.56 0.13 47.02
N ALA C 767 13.46 -1.18 47.34
CA ALA C 767 13.65 -2.25 46.37
C ALA C 767 12.37 -2.54 45.57
N GLN C 768 11.91 -1.62 44.83
N9 ADE D . 8.69 49.78 14.15
C8 ADE D . 9.26 48.87 15.01
N7 ADE D . 10.32 49.38 15.71
C5 ADE D . 10.41 50.68 15.27
C6 ADE D . 11.29 51.77 15.60
N6 ADE D . 12.27 51.62 16.50
N1 ADE D . 11.08 52.99 14.94
C2 ADE D . 10.06 53.11 14.01
N3 ADE D . 9.18 52.14 13.63
C4 ADE D . 9.41 50.96 14.31
#